data_8SAL
#
_entry.id   8SAL
#
_cell.length_a   1.00
_cell.length_b   1.00
_cell.length_c   1.00
_cell.angle_alpha   90.00
_cell.angle_beta   90.00
_cell.angle_gamma   90.00
#
_symmetry.space_group_name_H-M   'P 1'
#
loop_
_entity.id
_entity.type
_entity.pdbx_description
1 polymer 'CH0848.3.D0358.80.06CHIM.DS.6R.SOSIP gp120'
2 polymer 'CH0848.3.D0358.80.06CHIM.DS.6R.SOSIP gp41'
3 polymer 'VCR01 variable heavy chain'
4 polymer 'VCR01 variable light chain'
#
loop_
_entity_poly.entity_id
_entity_poly.type
_entity_poly.pdbx_seq_one_letter_code
_entity_poly.pdbx_strand_id
1 'polypeptide(L)'
;AENLWVTVYYGVPVWKEAKTTLFCASDAKAYEKEVHNVWATHACVPTDPSPQELVLKNVTENFNMWKNDMVDQMHEDIIS
LWDQSLKPCVKLTPLCVTLNCSNARSNVNVTSINNTIMGEMKNCSFNTTTEIRDKEKKEYALFYKPDVVPLNETSNTSEY
RLINCNTSACTQACPKVTFEPIPIHYCAPAGYAILKCNNKTFNGTGPCSNVSTVQCTHGIRPVVSTQLLLNGSLAEKEIV
IRSENLTNNAKIIIVHLNTSVEIVCTRPGNNTRKSVRIGPGQTFYATGDIIGDIRQAHCNISEGQWNKTLHEVSKELQKH
FPNKTIKYERSAGGDMEIATHSFNCGGEFFYCNTSNLFNGTYNGTYINTSSTSYITLQCRIKQIINMWQGVGRCMYAPPI
AGNITCKSNITGLLLTRDGGTKNNSNEETFRPAGGDMRDNWRSELYKYKVVKIEPLGVAPTRCKRRVVGRRRRRR
;
A,E,I
2 'polypeptide(L)'
;AVGIGAVFLGFLGAAGSTMGAASMTLTVQARNLLSGIVQQQSNLLRAPEAQQHLLKLTVWGIKQLQARVLAVERYLRDQQ
LLGIWGCSGKLICCTNVPWNSSWSNRNLSEIWDNMTWLQWDKEISNYTQIIYGLLEESQNQQEKNEQDLLALD
;
B,F,J
3 'polypeptide(L)'
;QVQLVQSGGQMKKPGESMRISCRASGYEFIDCTLNWIRLAPGKRPEWMGWLKPRGGAVNYARPLQGRVTMTRDVYSDTAF
LELRSLTVDDTAVYFCTRGKNCDYNWDFEHWGRGTPVIVSS
;
C,G,K
4 'polypeptide(L)'
;EIVLTQSPGTLSLSPGETAIISCRTSQYGS(UNK)(UNK)LAWYQQRPGQAPRLVIYSGSTRAAGIPDRFSGSRWGPDYN
LTISNLESGDFGVYYCQQYEFFGQGTKVQVD
;
D,H,L
#
# COMPACT_ATOMS: atom_id res chain seq x y z
N ASN A 3 -7.53 -23.61 -55.14
CA ASN A 3 -8.05 -23.04 -53.90
C ASN A 3 -6.92 -22.44 -53.06
N LEU A 4 -7.28 -21.44 -52.25
CA LEU A 4 -6.37 -20.41 -51.80
C LEU A 4 -6.26 -20.51 -50.28
N TRP A 5 -5.07 -20.85 -49.76
CA TRP A 5 -4.95 -21.59 -48.51
C TRP A 5 -4.13 -20.86 -47.44
N VAL A 6 -4.53 -21.04 -46.18
CA VAL A 6 -4.24 -20.14 -45.05
C VAL A 6 -2.77 -19.85 -44.81
N THR A 7 -2.50 -18.63 -44.32
CA THR A 7 -1.25 -18.23 -43.68
C THR A 7 -1.46 -16.87 -43.05
N VAL A 8 -0.73 -16.62 -41.97
CA VAL A 8 -1.00 -15.54 -41.03
C VAL A 8 -0.04 -14.39 -41.29
N TYR A 9 -0.58 -13.19 -41.46
CA TYR A 9 0.24 -11.98 -41.34
C TYR A 9 0.78 -11.78 -39.94
N TYR A 10 1.75 -10.88 -39.83
CA TYR A 10 2.03 -10.17 -38.59
C TYR A 10 2.15 -8.68 -38.89
N GLY A 11 1.54 -7.86 -38.03
CA GLY A 11 1.55 -6.42 -38.21
C GLY A 11 0.35 -5.86 -38.93
N VAL A 12 -0.76 -6.58 -38.95
CA VAL A 12 -1.97 -6.09 -39.63
C VAL A 12 -2.48 -4.84 -38.93
N PRO A 13 -2.70 -3.71 -39.63
CA PRO A 13 -3.32 -2.53 -38.97
C PRO A 13 -4.84 -2.56 -38.95
N VAL A 14 -5.40 -3.24 -37.94
CA VAL A 14 -6.84 -3.26 -37.70
C VAL A 14 -7.07 -2.95 -36.22
N TRP A 15 -8.34 -2.73 -35.90
CA TRP A 15 -8.75 -2.20 -34.61
C TRP A 15 -9.70 -3.14 -33.88
N LYS A 16 -9.70 -3.02 -32.56
CA LYS A 16 -10.74 -3.59 -31.71
C LYS A 16 -11.06 -2.59 -30.61
N GLU A 17 -12.36 -2.42 -30.35
CA GLU A 17 -12.85 -1.40 -29.44
C GLU A 17 -12.69 -1.83 -27.99
N ALA A 18 -11.45 -2.07 -27.56
CA ALA A 18 -11.19 -2.51 -26.21
C ALA A 18 -11.22 -1.33 -25.24
N LYS A 19 -11.28 -1.67 -23.94
CA LYS A 19 -11.24 -0.71 -22.86
C LYS A 19 -10.12 -1.09 -21.91
N THR A 20 -9.43 -0.08 -21.39
CA THR A 20 -8.27 -0.32 -20.53
C THR A 20 -8.05 0.91 -19.66
N THR A 21 -7.04 0.81 -18.79
CA THR A 21 -6.68 1.88 -17.88
C THR A 21 -5.62 2.76 -18.53
N LEU A 22 -5.99 3.99 -18.85
CA LEU A 22 -5.01 4.94 -19.36
C LEU A 22 -4.15 5.45 -18.21
N PHE A 23 -3.11 6.21 -18.57
CA PHE A 23 -2.19 6.80 -17.60
C PHE A 23 -1.81 8.20 -18.05
N CYS A 24 -1.91 9.14 -17.12
CA CYS A 24 -1.74 10.53 -17.48
C CYS A 24 -0.27 10.90 -17.65
N ALA A 25 -0.04 12.10 -18.17
CA ALA A 25 1.30 12.64 -18.40
C ALA A 25 1.27 14.14 -18.14
N SER A 26 2.24 14.62 -17.38
CA SER A 26 2.31 16.04 -17.03
C SER A 26 3.73 16.41 -16.69
N ASP A 27 4.00 17.72 -16.69
CA ASP A 27 5.28 18.24 -16.28
C ASP A 27 5.42 18.18 -14.75
N ALA A 28 6.65 18.31 -14.27
CA ALA A 28 6.91 18.23 -12.84
C ALA A 28 8.21 18.95 -12.50
N LYS A 29 8.26 19.49 -11.28
CA LYS A 29 9.43 20.20 -10.80
C LYS A 29 9.79 19.95 -9.33
N ALA A 30 8.99 19.21 -8.58
CA ALA A 30 9.28 19.02 -7.16
C ALA A 30 8.41 17.90 -6.59
N TYR A 31 8.54 17.69 -5.28
CA TYR A 31 7.84 16.60 -4.61
C TYR A 31 6.33 16.82 -4.64
N GLU A 32 5.87 18.06 -4.46
CA GLU A 32 4.47 18.39 -4.68
C GLU A 32 4.26 18.84 -6.11
N LYS A 33 4.83 18.10 -7.06
CA LYS A 33 4.42 18.00 -8.45
C LYS A 33 4.68 19.24 -9.30
N GLU A 34 4.83 20.43 -8.71
CA GLU A 34 5.83 21.41 -9.16
C GLU A 34 6.39 22.22 -8.01
N VAL A 35 5.52 22.82 -7.19
CA VAL A 35 5.86 23.41 -5.90
C VAL A 35 4.86 22.91 -4.87
N HIS A 36 3.58 22.95 -5.25
CA HIS A 36 2.44 22.50 -4.45
C HIS A 36 1.56 21.64 -5.34
N ASN A 37 0.69 20.84 -4.72
CA ASN A 37 -0.10 19.87 -5.47
C ASN A 37 -1.47 19.65 -4.86
N VAL A 38 -2.47 19.60 -5.73
CA VAL A 38 -3.78 19.04 -5.41
C VAL A 38 -4.14 18.04 -6.50
N TRP A 39 -4.10 18.51 -7.76
CA TRP A 39 -4.58 17.70 -8.88
C TRP A 39 -3.45 16.95 -9.57
N ALA A 40 -2.27 17.56 -9.65
CA ALA A 40 -1.18 16.99 -10.44
C ALA A 40 -0.63 15.73 -9.79
N THR A 41 0.21 15.02 -10.53
CA THR A 41 0.96 13.87 -10.05
C THR A 41 2.14 13.65 -10.97
N HIS A 42 3.35 13.62 -10.41
CA HIS A 42 4.54 13.46 -11.24
C HIS A 42 4.86 11.99 -11.47
N ALA A 43 4.14 11.07 -10.82
CA ALA A 43 4.18 9.68 -11.24
C ALA A 43 3.74 9.54 -12.68
N CYS A 44 2.72 10.29 -13.09
CA CYS A 44 2.48 10.59 -14.50
C CYS A 44 3.67 11.39 -15.01
N VAL A 45 4.38 10.78 -15.94
CA VAL A 45 5.73 11.19 -16.31
C VAL A 45 5.70 12.48 -17.13
N PRO A 46 6.66 13.39 -16.96
CA PRO A 46 6.92 14.36 -18.04
C PRO A 46 7.66 13.67 -19.18
N THR A 47 7.71 14.31 -20.36
CA THR A 47 7.08 15.57 -20.76
C THR A 47 6.08 15.26 -21.87
N ASP A 48 5.39 16.28 -22.34
CA ASP A 48 4.26 16.17 -23.27
C ASP A 48 4.62 15.36 -24.52
N PRO A 49 4.10 14.11 -24.68
CA PRO A 49 4.39 13.36 -25.92
C PRO A 49 3.34 13.57 -27.01
N SER A 50 2.52 14.62 -26.89
CA SER A 50 1.51 14.94 -27.89
C SER A 50 2.04 15.26 -29.29
N PRO A 51 3.29 15.71 -29.50
CA PRO A 51 3.75 15.96 -30.88
C PRO A 51 3.64 14.77 -31.83
N GLN A 52 3.51 13.55 -31.32
CA GLN A 52 3.21 12.42 -32.19
C GLN A 52 1.78 12.51 -32.67
N GLU A 53 1.56 13.11 -33.85
CA GLU A 53 0.25 13.29 -34.44
C GLU A 53 0.31 12.88 -35.90
N LEU A 54 -0.81 12.42 -36.44
CA LEU A 54 -0.85 11.97 -37.82
C LEU A 54 -2.29 12.01 -38.33
N VAL A 55 -2.47 12.59 -39.52
CA VAL A 55 -3.74 12.49 -40.22
C VAL A 55 -3.75 11.22 -41.04
N LEU A 56 -4.94 10.62 -41.20
CA LEU A 56 -5.09 9.32 -41.82
C LEU A 56 -6.10 9.40 -42.97
N LYS A 57 -5.90 8.55 -43.98
CA LYS A 57 -6.78 8.53 -45.13
C LYS A 57 -7.96 7.60 -44.89
N ASN A 58 -9.14 8.03 -45.31
CA ASN A 58 -10.34 7.21 -45.40
C ASN A 58 -10.74 6.57 -44.07
N VAL A 59 -10.31 7.13 -42.94
CA VAL A 59 -10.59 6.54 -41.64
C VAL A 59 -11.96 7.00 -41.16
N THR A 60 -13.00 6.26 -41.56
CA THR A 60 -14.35 6.51 -41.07
C THR A 60 -14.58 5.70 -39.81
N GLU A 61 -14.79 6.38 -38.68
CA GLU A 61 -14.94 5.71 -37.40
C GLU A 61 -16.02 6.41 -36.59
N ASN A 62 -16.72 5.62 -35.78
CA ASN A 62 -17.79 6.12 -34.93
C ASN A 62 -17.22 6.64 -33.61
N PHE A 63 -17.79 7.73 -33.11
CA PHE A 63 -17.48 8.29 -31.81
C PHE A 63 -18.76 8.41 -30.99
N ASN A 64 -18.61 8.38 -29.67
CA ASN A 64 -19.74 8.51 -28.77
C ASN A 64 -19.22 9.06 -27.45
N MET A 65 -19.42 10.35 -27.21
CA MET A 65 -18.95 10.95 -25.96
C MET A 65 -19.85 10.62 -24.79
N TRP A 66 -21.16 10.47 -25.02
CA TRP A 66 -22.07 10.12 -23.93
C TRP A 66 -21.75 8.74 -23.38
N LYS A 67 -21.41 7.78 -24.25
CA LYS A 67 -21.08 6.44 -23.83
C LYS A 67 -19.62 6.24 -23.48
N ASN A 68 -18.80 7.31 -23.55
CA ASN A 68 -17.38 7.17 -23.26
C ASN A 68 -17.17 6.77 -21.81
N ASP A 69 -16.14 5.97 -21.56
CA ASP A 69 -15.89 5.36 -20.27
C ASP A 69 -14.59 5.78 -19.61
N MET A 70 -13.54 6.08 -20.38
CA MET A 70 -12.27 6.48 -19.77
C MET A 70 -12.40 7.76 -18.95
N VAL A 71 -13.42 8.59 -19.25
CA VAL A 71 -13.73 9.72 -18.38
C VAL A 71 -14.03 9.25 -16.97
N ASP A 72 -14.73 8.12 -16.84
CA ASP A 72 -15.04 7.60 -15.52
C ASP A 72 -13.79 7.11 -14.79
N GLN A 73 -12.89 6.46 -15.53
CA GLN A 73 -11.61 6.06 -14.96
C GLN A 73 -10.83 7.27 -14.48
N MET A 74 -10.80 8.32 -15.30
CA MET A 74 -10.19 9.59 -14.90
C MET A 74 -10.87 10.17 -13.67
N HIS A 75 -12.18 10.03 -13.57
CA HIS A 75 -12.90 10.60 -12.43
C HIS A 75 -12.51 9.90 -11.14
N GLU A 76 -12.52 8.57 -11.17
CA GLU A 76 -12.06 7.79 -10.03
C GLU A 76 -10.61 8.14 -9.69
N ASP A 77 -9.79 8.35 -10.73
CA ASP A 77 -8.41 8.74 -10.53
C ASP A 77 -8.31 10.05 -9.74
N ILE A 78 -9.05 11.08 -10.17
CA ILE A 78 -8.95 12.38 -9.53
C ILE A 78 -9.45 12.31 -8.09
N ILE A 79 -10.59 11.64 -7.87
CA ILE A 79 -11.14 11.62 -6.52
C ILE A 79 -10.25 10.82 -5.59
N SER A 80 -9.67 9.70 -6.06
CA SER A 80 -8.74 8.94 -5.24
C SER A 80 -7.50 9.76 -4.91
N LEU A 81 -6.99 10.50 -5.90
CA LEU A 81 -5.81 11.34 -5.65
C LEU A 81 -6.11 12.41 -4.62
N TRP A 82 -7.28 13.04 -4.72
CA TRP A 82 -7.64 14.09 -3.78
C TRP A 82 -7.81 13.52 -2.37
N ASP A 83 -8.41 12.33 -2.26
CA ASP A 83 -8.53 11.70 -0.94
C ASP A 83 -7.15 11.40 -0.36
N GLN A 84 -6.25 10.86 -1.20
CA GLN A 84 -4.90 10.58 -0.74
C GLN A 84 -4.20 11.86 -0.29
N SER A 85 -4.45 12.96 -0.99
CA SER A 85 -3.89 14.24 -0.57
C SER A 85 -4.44 14.67 0.78
N LEU A 86 -5.73 14.44 1.02
CA LEU A 86 -6.32 14.81 2.30
C LEU A 86 -5.87 13.89 3.44
N LYS A 87 -5.39 12.69 3.13
CA LYS A 87 -5.12 11.70 4.18
C LYS A 87 -4.14 12.15 5.25
N PRO A 88 -2.96 12.70 4.95
CA PRO A 88 -2.01 13.02 6.04
C PRO A 88 -2.38 14.22 6.88
N CYS A 89 -3.35 15.02 6.46
CA CYS A 89 -3.56 16.32 7.08
C CYS A 89 -4.27 16.18 8.43
N VAL A 90 -4.44 17.32 9.10
CA VAL A 90 -4.90 17.34 10.48
C VAL A 90 -6.40 17.07 10.54
N LYS A 91 -6.84 16.48 11.64
CA LYS A 91 -8.25 16.26 11.93
C LYS A 91 -8.73 17.35 12.89
N LEU A 92 -9.83 18.01 12.52
CA LEU A 92 -10.37 19.11 13.32
C LEU A 92 -11.47 18.64 14.28
N THR A 93 -11.42 17.39 14.72
CA THR A 93 -12.39 16.89 15.69
C THR A 93 -12.45 17.69 16.99
N PRO A 94 -11.33 18.11 17.61
CA PRO A 94 -11.44 18.77 18.91
C PRO A 94 -12.24 20.07 18.91
N LEU A 95 -12.38 20.72 17.75
CA LEU A 95 -13.04 22.02 17.70
C LEU A 95 -14.51 21.96 18.12
N CYS A 96 -15.18 20.82 17.96
CA CYS A 96 -16.62 20.75 18.17
C CYS A 96 -16.95 20.81 19.67
N VAL A 97 -16.93 22.04 20.18
CA VAL A 97 -17.37 22.37 21.53
C VAL A 97 -18.29 23.57 21.43
N THR A 98 -19.07 23.80 22.48
CA THR A 98 -20.03 24.89 22.47
C THR A 98 -19.34 26.23 22.29
N LEU A 99 -19.89 27.07 21.42
CA LEU A 99 -19.33 28.37 21.07
C LEU A 99 -20.28 29.48 21.47
N ASN A 100 -19.81 30.37 22.34
CA ASN A 100 -20.52 31.60 22.65
C ASN A 100 -20.13 32.63 21.60
N CYS A 101 -21.12 33.11 20.84
CA CYS A 101 -20.84 33.84 19.61
C CYS A 101 -21.75 35.04 19.49
N SER A 102 -21.35 35.94 18.59
CA SER A 102 -22.14 37.11 18.23
C SER A 102 -21.72 37.55 16.82
N ASN A 103 -22.21 38.71 16.40
CA ASN A 103 -21.90 39.22 15.08
C ASN A 103 -20.57 39.96 15.08
N ALA A 104 -20.28 40.69 14.00
CA ALA A 104 -19.03 41.41 13.91
C ALA A 104 -18.95 42.50 14.97
N ARG A 105 -17.73 43.00 15.19
CA ARG A 105 -17.52 44.00 16.24
C ARG A 105 -18.23 45.30 15.91
N SER A 106 -18.14 45.74 14.66
CA SER A 106 -18.71 47.01 14.24
C SER A 106 -18.86 47.05 12.73
N THR A 116 -23.61 43.96 1.58
CA THR A 116 -23.50 45.27 2.20
C THR A 116 -22.24 45.37 3.05
N ILE A 117 -22.09 44.43 3.98
CA ILE A 117 -21.03 44.48 4.97
C ILE A 117 -20.82 43.07 5.50
N MET A 118 -19.67 42.84 6.15
CA MET A 118 -19.31 41.53 6.66
C MET A 118 -19.88 41.27 8.05
N GLY A 119 -21.04 41.86 8.36
CA GLY A 119 -21.89 41.30 9.40
C GLY A 119 -22.24 39.83 9.15
N GLU A 120 -22.17 39.37 7.90
CA GLU A 120 -22.13 37.96 7.55
C GLU A 120 -21.19 37.19 8.46
N MET A 121 -20.03 37.75 8.76
CA MET A 121 -19.07 37.15 9.67
C MET A 121 -19.68 37.12 11.07
N LYS A 122 -19.48 36.01 11.77
CA LYS A 122 -19.95 35.85 13.15
C LYS A 122 -18.76 35.71 14.09
N ASN A 123 -18.70 36.59 15.09
CA ASN A 123 -17.67 36.50 16.12
C ASN A 123 -17.98 35.35 17.05
N CYS A 124 -16.96 34.53 17.34
CA CYS A 124 -17.12 33.37 18.21
C CYS A 124 -15.98 33.29 19.21
N SER A 125 -16.34 32.94 20.45
CA SER A 125 -15.38 32.69 21.52
C SER A 125 -15.66 31.29 22.08
N PHE A 126 -14.60 30.59 22.47
CA PHE A 126 -14.74 29.20 22.86
C PHE A 126 -13.52 28.77 23.65
N ASN A 127 -13.58 27.56 24.18
CA ASN A 127 -12.53 26.95 24.98
C ASN A 127 -11.69 26.00 24.13
N THR A 128 -10.41 25.92 24.46
CA THR A 128 -9.50 25.01 23.75
C THR A 128 -8.42 24.54 24.72
N THR A 129 -7.84 23.38 24.41
CA THR A 129 -6.76 22.83 25.21
C THR A 129 -5.45 23.53 24.87
N THR A 130 -4.59 23.64 25.87
CA THR A 130 -3.26 24.23 25.68
C THR A 130 -2.31 23.13 25.21
N GLU A 131 -1.00 23.43 25.23
CA GLU A 131 -0.01 22.41 24.94
C GLU A 131 -0.07 21.29 25.97
N ILE A 132 -0.26 21.64 27.24
CA ILE A 132 -0.54 20.65 28.26
C ILE A 132 -1.95 20.12 28.01
N ARG A 133 -2.08 18.79 28.03
CA ARG A 133 -3.33 18.17 27.58
C ARG A 133 -4.53 18.52 28.45
N ASP A 134 -4.32 18.80 29.74
CA ASP A 134 -5.43 19.00 30.67
C ASP A 134 -5.84 20.46 30.82
N LYS A 135 -4.93 21.41 30.61
CA LYS A 135 -5.25 22.81 30.82
C LYS A 135 -6.07 23.36 29.65
N GLU A 136 -6.82 24.42 29.93
CA GLU A 136 -7.78 25.00 29.00
C GLU A 136 -7.58 26.51 28.92
N LYS A 137 -7.87 27.06 27.75
CA LYS A 137 -7.79 28.50 27.51
C LYS A 137 -8.95 28.92 26.61
N LYS A 138 -9.39 30.16 26.79
CA LYS A 138 -10.44 30.72 25.95
C LYS A 138 -9.85 31.25 24.65
N GLU A 139 -10.73 31.50 23.68
CA GLU A 139 -10.31 31.90 22.34
C GLU A 139 -11.26 32.99 21.82
N TYR A 140 -10.85 33.58 20.70
CA TYR A 140 -11.52 34.76 20.15
C TYR A 140 -11.41 34.65 18.63
N ALA A 141 -12.43 34.05 18.02
CA ALA A 141 -12.37 33.60 16.63
C ALA A 141 -13.55 34.13 15.84
N LEU A 142 -13.43 34.03 14.52
CA LEU A 142 -14.41 34.54 13.57
C LEU A 142 -14.76 33.46 12.55
N PHE A 143 -16.05 33.29 12.28
CA PHE A 143 -16.54 32.31 11.32
C PHE A 143 -17.74 32.86 10.57
N TYR A 144 -17.91 32.42 9.33
CA TYR A 144 -19.06 32.83 8.54
C TYR A 144 -20.32 32.11 9.02
N LYS A 145 -21.47 32.73 8.76
CA LYS A 145 -22.76 32.18 9.15
C LYS A 145 -23.05 30.78 8.60
N PRO A 146 -22.89 30.49 7.30
CA PRO A 146 -23.23 29.14 6.82
C PRO A 146 -22.37 28.04 7.39
N ASP A 147 -21.20 28.35 7.96
CA ASP A 147 -20.32 27.35 8.51
C ASP A 147 -20.62 27.02 9.97
N VAL A 148 -21.65 27.61 10.57
CA VAL A 148 -22.03 27.36 11.95
C VAL A 148 -23.54 27.21 12.04
N VAL A 149 -23.97 26.32 12.91
CA VAL A 149 -25.39 26.07 13.18
C VAL A 149 -25.68 26.50 14.61
N PRO A 150 -26.75 27.27 14.87
CA PRO A 150 -27.13 27.51 16.26
C PRO A 150 -27.72 26.26 16.87
N LEU A 151 -27.56 26.12 18.19
CA LEU A 151 -28.14 24.99 18.89
C LEU A 151 -29.67 25.13 18.93
N ASN A 152 -30.31 24.17 19.58
CA ASN A 152 -31.77 24.12 19.68
C ASN A 152 -32.32 25.42 20.25
N GLU A 153 -33.34 25.96 19.58
CA GLU A 153 -33.92 27.25 19.94
C GLU A 153 -34.60 27.25 21.30
N THR A 154 -34.90 26.09 21.88
CA THR A 154 -35.39 26.07 23.26
C THR A 154 -34.34 26.63 24.20
N SER A 155 -33.07 26.33 23.95
CA SER A 155 -31.97 27.06 24.53
C SER A 155 -31.76 28.36 23.77
N ASN A 156 -31.04 29.29 24.39
CA ASN A 156 -30.80 30.59 23.76
C ASN A 156 -29.96 30.40 22.50
N THR A 157 -30.30 31.14 21.45
CA THR A 157 -29.69 31.00 20.15
C THR A 157 -28.25 31.50 20.09
N SER A 158 -27.73 32.15 21.15
CA SER A 158 -26.35 32.64 21.12
C SER A 158 -25.32 31.52 21.02
N GLU A 159 -25.69 30.28 21.34
CA GLU A 159 -24.77 29.15 21.35
C GLU A 159 -24.83 28.44 20.00
N TYR A 160 -23.65 28.11 19.47
CA TYR A 160 -23.52 27.53 18.14
C TYR A 160 -22.61 26.32 18.20
N ARG A 161 -22.55 25.60 17.08
CA ARG A 161 -21.64 24.47 16.92
C ARG A 161 -21.27 24.36 15.46
N LEU A 162 -20.20 23.61 15.19
CA LEU A 162 -19.83 23.33 13.81
C LEU A 162 -20.88 22.44 13.17
N ILE A 163 -21.07 22.60 11.85
CA ILE A 163 -22.14 21.89 11.17
C ILE A 163 -21.87 20.40 11.10
N ASN A 164 -20.59 20.01 10.97
CA ASN A 164 -20.28 18.65 10.58
C ASN A 164 -20.54 17.63 11.69
N CYS A 165 -20.24 17.98 12.94
CA CYS A 165 -20.14 16.97 13.99
C CYS A 165 -21.48 16.30 14.33
N ASN A 166 -22.60 16.84 13.87
CA ASN A 166 -23.84 16.08 14.01
C ASN A 166 -23.90 14.90 13.04
N THR A 167 -23.07 14.90 11.99
CA THR A 167 -23.15 13.91 10.92
C THR A 167 -21.85 13.14 10.73
N SER A 168 -20.71 13.83 10.75
CA SER A 168 -19.45 13.20 10.40
C SER A 168 -18.29 14.01 10.95
N ALA A 169 -17.09 13.55 10.64
CA ALA A 169 -15.86 14.16 11.16
C ALA A 169 -15.43 15.32 10.27
N CYS A 170 -14.26 15.88 10.59
CA CYS A 170 -13.70 17.02 9.89
C CYS A 170 -12.20 16.79 9.66
N THR A 171 -11.67 17.45 8.63
CA THR A 171 -10.24 17.40 8.36
C THR A 171 -9.78 18.74 7.81
N GLN A 172 -8.55 19.11 8.16
CA GLN A 172 -7.94 20.33 7.66
C GLN A 172 -7.23 20.07 6.35
N ALA A 173 -7.13 21.11 5.52
CA ALA A 173 -6.36 21.06 4.29
C ALA A 173 -4.94 21.50 4.59
N CYS A 174 -3.96 20.70 4.16
CA CYS A 174 -2.58 21.02 4.44
C CYS A 174 -2.18 22.30 3.69
N PRO A 175 -1.23 23.08 4.21
CA PRO A 175 -0.91 24.35 3.54
C PRO A 175 -0.22 24.16 2.19
N LYS A 176 0.80 23.30 2.13
CA LYS A 176 1.51 23.09 0.88
C LYS A 176 0.72 22.28 -0.14
N VAL A 177 -0.42 21.70 0.24
CA VAL A 177 -1.32 21.03 -0.69
C VAL A 177 -2.34 22.05 -1.17
N THR A 178 -1.96 22.84 -2.17
CA THR A 178 -2.82 23.85 -2.78
C THR A 178 -2.35 24.05 -4.22
N PHE A 179 -3.28 23.96 -5.17
CA PHE A 179 -2.88 23.87 -6.57
C PHE A 179 -4.00 24.20 -7.55
N GLU A 180 -3.69 25.00 -8.56
CA GLU A 180 -4.65 25.29 -9.62
C GLU A 180 -4.67 24.15 -10.64
N PRO A 181 -5.73 24.05 -11.47
CA PRO A 181 -5.75 22.99 -12.49
C PRO A 181 -4.64 23.10 -13.51
N ILE A 182 -3.80 22.07 -13.60
CA ILE A 182 -2.69 22.04 -14.56
C ILE A 182 -3.16 21.33 -15.83
N PRO A 183 -2.71 21.75 -17.02
CA PRO A 183 -2.97 20.91 -18.20
C PRO A 183 -2.20 19.60 -18.11
N ILE A 184 -2.95 18.50 -18.03
CA ILE A 184 -2.40 17.17 -17.81
C ILE A 184 -2.82 16.27 -18.96
N HIS A 185 -1.84 15.64 -19.61
CA HIS A 185 -2.12 14.82 -20.78
C HIS A 185 -2.40 13.37 -20.38
N TYR A 186 -2.97 12.63 -21.33
CA TYR A 186 -3.49 11.27 -21.12
C TYR A 186 -3.01 10.42 -22.26
N CYS A 187 -2.15 9.44 -21.96
CA CYS A 187 -1.35 8.74 -22.95
C CYS A 187 -1.78 7.28 -23.02
N ALA A 188 -1.90 6.77 -24.24
CA ALA A 188 -2.28 5.37 -24.43
C ALA A 188 -1.12 4.47 -24.01
N PRO A 189 -1.37 3.35 -23.31
CA PRO A 189 -0.29 2.39 -23.09
C PRO A 189 0.07 1.66 -24.38
N ALA A 190 1.12 0.85 -24.30
CA ALA A 190 1.57 0.07 -25.44
C ALA A 190 0.48 -0.89 -25.88
N GLY A 191 0.31 -1.00 -27.20
CA GLY A 191 -0.75 -1.81 -27.78
C GLY A 191 -2.07 -1.10 -27.94
N TYR A 192 -2.22 0.09 -27.35
CA TYR A 192 -3.42 0.91 -27.49
C TYR A 192 -3.10 2.20 -28.24
N ALA A 193 -4.15 2.86 -28.70
CA ALA A 193 -4.01 4.11 -29.42
C ALA A 193 -5.22 4.99 -29.15
N ILE A 194 -5.02 6.29 -29.31
CA ILE A 194 -6.06 7.29 -29.08
C ILE A 194 -6.46 7.87 -30.42
N LEU A 195 -7.76 7.86 -30.69
CA LEU A 195 -8.32 8.35 -31.94
C LEU A 195 -9.05 9.67 -31.70
N LYS A 196 -8.68 10.69 -32.46
CA LYS A 196 -9.22 12.03 -32.32
C LYS A 196 -10.01 12.39 -33.57
N CYS A 197 -11.25 12.82 -33.38
CA CYS A 197 -12.06 13.34 -34.49
C CYS A 197 -11.77 14.81 -34.70
N ASN A 198 -11.70 15.21 -35.97
CA ASN A 198 -11.40 16.60 -36.35
C ASN A 198 -12.58 17.34 -36.96
N ASN A 199 -13.67 16.64 -37.29
CA ASN A 199 -14.83 17.31 -37.87
C ASN A 199 -15.43 18.25 -36.84
N LYS A 200 -15.45 19.55 -37.17
CA LYS A 200 -15.90 20.55 -36.20
C LYS A 200 -17.40 20.44 -35.94
N THR A 201 -18.15 19.87 -36.89
CA THR A 201 -19.59 19.77 -36.75
C THR A 201 -20.01 18.49 -36.03
N PHE A 202 -19.18 17.94 -35.16
CA PHE A 202 -19.47 16.71 -34.46
C PHE A 202 -20.75 16.83 -33.65
N ASN A 203 -21.69 15.91 -33.87
CA ASN A 203 -23.04 16.02 -33.32
C ASN A 203 -23.18 15.23 -32.03
N GLY A 204 -22.07 15.05 -31.30
CA GLY A 204 -22.09 14.30 -30.06
C GLY A 204 -21.80 12.82 -30.25
N THR A 205 -22.23 12.27 -31.38
CA THR A 205 -21.92 10.88 -31.69
C THR A 205 -22.23 10.61 -33.15
N GLY A 206 -21.40 9.78 -33.77
CA GLY A 206 -21.58 9.41 -35.16
C GLY A 206 -20.25 9.20 -35.86
N PRO A 207 -20.30 8.93 -37.17
CA PRO A 207 -19.06 8.77 -37.94
C PRO A 207 -18.26 10.07 -37.99
N CYS A 208 -16.94 9.92 -38.10
CA CYS A 208 -16.04 11.03 -38.32
C CYS A 208 -15.09 10.67 -39.45
N SER A 209 -14.87 11.64 -40.35
CA SER A 209 -14.18 11.38 -41.60
C SER A 209 -12.73 11.87 -41.58
N ASN A 210 -12.47 12.96 -40.87
CA ASN A 210 -11.14 13.57 -40.83
C ASN A 210 -10.38 13.08 -39.61
N VAL A 211 -10.59 11.82 -39.23
CA VAL A 211 -10.04 11.32 -37.98
C VAL A 211 -8.52 11.33 -38.02
N SER A 212 -7.92 11.85 -36.95
CA SER A 212 -6.48 11.82 -36.75
C SER A 212 -6.21 10.96 -35.52
N THR A 213 -4.93 10.62 -35.34
CA THR A 213 -4.51 9.75 -34.25
C THR A 213 -3.26 10.32 -33.60
N VAL A 214 -3.18 10.13 -32.28
CA VAL A 214 -2.09 10.67 -31.48
C VAL A 214 -1.67 9.61 -30.47
N GLN A 215 -0.36 9.54 -30.21
CA GLN A 215 0.13 8.68 -29.14
C GLN A 215 -0.40 9.12 -27.79
N CYS A 216 -0.60 10.43 -27.61
CA CYS A 216 -1.08 10.98 -26.36
C CYS A 216 -1.86 12.25 -26.65
N THR A 217 -2.79 12.59 -25.75
CA THR A 217 -3.83 13.55 -26.06
C THR A 217 -3.60 14.89 -25.39
N HIS A 218 -4.58 15.78 -25.55
CA HIS A 218 -4.47 17.16 -25.10
C HIS A 218 -4.36 17.23 -23.58
N GLY A 219 -3.66 18.25 -23.10
CA GLY A 219 -3.50 18.47 -21.68
C GLY A 219 -4.70 19.17 -21.05
N ILE A 220 -5.77 18.42 -20.81
CA ILE A 220 -6.97 19.00 -20.21
C ILE A 220 -6.67 19.44 -18.78
N ARG A 221 -7.23 20.59 -18.39
CA ARG A 221 -7.10 21.10 -17.02
C ARG A 221 -8.20 20.53 -16.14
N PRO A 222 -7.90 19.99 -14.94
CA PRO A 222 -8.97 19.45 -14.09
C PRO A 222 -9.67 20.54 -13.27
N VAL A 223 -10.40 21.41 -13.97
CA VAL A 223 -11.12 22.49 -13.29
C VAL A 223 -12.36 21.93 -12.62
N VAL A 224 -12.86 22.67 -11.62
CA VAL A 224 -14.08 22.34 -10.90
C VAL A 224 -14.99 23.55 -10.93
N SER A 225 -16.24 23.35 -11.36
CA SER A 225 -17.18 24.45 -11.47
C SER A 225 -18.60 23.92 -11.52
N THR A 226 -19.56 24.83 -11.31
CA THR A 226 -20.99 24.53 -11.36
C THR A 226 -21.69 25.55 -12.23
N GLN A 227 -22.56 25.06 -13.12
CA GLN A 227 -23.41 25.85 -14.00
C GLN A 227 -22.66 26.53 -15.15
N LEU A 228 -21.33 26.46 -15.16
CA LEU A 228 -20.52 27.14 -16.16
C LEU A 228 -19.22 26.37 -16.38
N LEU A 229 -18.69 26.48 -17.59
CA LEU A 229 -17.38 25.96 -17.94
C LEU A 229 -16.44 27.14 -18.15
N LEU A 230 -15.33 27.14 -17.42
CA LEU A 230 -14.39 28.26 -17.44
C LEU A 230 -12.97 27.75 -17.47
N ASN A 231 -12.08 28.56 -18.02
CA ASN A 231 -10.69 28.18 -18.28
C ASN A 231 -10.61 26.90 -19.10
N GLY A 232 -11.52 26.77 -20.06
CA GLY A 232 -11.54 25.63 -20.97
C GLY A 232 -11.04 26.00 -22.35
N SER A 233 -11.27 25.10 -23.29
CA SER A 233 -10.86 25.26 -24.68
C SER A 233 -12.08 25.60 -25.53
N LEU A 234 -12.01 26.72 -26.25
CA LEU A 234 -13.13 27.15 -27.08
C LEU A 234 -13.30 26.22 -28.28
N ALA A 235 -14.52 26.22 -28.81
CA ALA A 235 -14.78 25.56 -30.07
C ALA A 235 -14.22 26.40 -31.23
N GLU A 236 -14.09 25.75 -32.39
CA GLU A 236 -13.54 26.39 -33.59
C GLU A 236 -14.61 26.71 -34.62
N LYS A 237 -15.76 26.04 -34.60
CA LYS A 237 -16.93 26.46 -35.34
C LYS A 237 -17.61 27.57 -34.55
N GLU A 238 -18.85 27.89 -34.87
CA GLU A 238 -19.64 28.79 -34.04
C GLU A 238 -20.04 28.00 -32.78
N ILE A 239 -20.89 28.59 -31.94
CA ILE A 239 -21.25 27.96 -30.67
C ILE A 239 -21.93 26.61 -30.94
N VAL A 240 -21.47 25.59 -30.21
CA VAL A 240 -21.82 24.20 -30.48
C VAL A 240 -22.82 23.73 -29.43
N ILE A 241 -23.75 22.86 -29.86
CA ILE A 241 -24.75 22.26 -28.99
C ILE A 241 -24.54 20.75 -29.00
N ARG A 242 -24.63 20.14 -27.82
CA ARG A 242 -24.54 18.69 -27.70
C ARG A 242 -25.54 18.20 -26.66
N SER A 243 -26.21 17.09 -26.97
CA SER A 243 -27.25 16.56 -26.10
C SER A 243 -27.39 15.06 -26.34
N GLU A 244 -27.90 14.37 -25.32
CA GLU A 244 -28.23 12.95 -25.48
C GLU A 244 -29.35 12.79 -26.50
N ASN A 245 -30.49 13.41 -26.24
CA ASN A 245 -31.59 13.48 -27.20
C ASN A 245 -32.48 14.64 -26.81
N LEU A 246 -32.59 15.64 -27.67
CA LEU A 246 -33.21 16.91 -27.30
C LEU A 246 -34.67 16.72 -26.94
N THR A 247 -35.40 15.92 -27.72
CA THR A 247 -36.82 15.71 -27.47
C THR A 247 -37.09 15.06 -26.12
N ASN A 248 -36.14 14.30 -25.57
CA ASN A 248 -36.21 13.88 -24.17
C ASN A 248 -35.92 15.11 -23.32
N ASN A 249 -37.01 15.77 -22.90
CA ASN A 249 -36.92 17.14 -22.39
C ASN A 249 -36.06 17.23 -21.13
N ALA A 250 -36.24 16.30 -20.20
CA ALA A 250 -35.58 16.40 -18.91
C ALA A 250 -34.11 16.01 -18.95
N LYS A 251 -33.57 15.64 -20.11
CA LYS A 251 -32.17 15.30 -20.22
C LYS A 251 -31.33 16.58 -20.34
N ILE A 252 -30.02 16.42 -20.14
CA ILE A 252 -29.11 17.56 -20.04
C ILE A 252 -28.67 17.99 -21.44
N ILE A 253 -28.56 19.30 -21.63
CA ILE A 253 -27.98 19.91 -22.82
C ILE A 253 -26.74 20.69 -22.39
N ILE A 254 -25.69 20.60 -23.21
CA ILE A 254 -24.42 21.28 -22.96
C ILE A 254 -24.15 22.20 -24.14
N VAL A 255 -23.61 23.39 -23.83
CA VAL A 255 -23.29 24.40 -24.83
C VAL A 255 -21.81 24.72 -24.71
N HIS A 256 -21.11 24.71 -25.85
CA HIS A 256 -19.68 24.98 -25.93
C HIS A 256 -19.47 26.24 -26.74
N LEU A 257 -18.88 27.25 -26.11
CA LEU A 257 -18.70 28.54 -26.75
C LEU A 257 -17.54 28.52 -27.73
N ASN A 258 -17.65 29.34 -28.78
CA ASN A 258 -16.56 29.56 -29.72
C ASN A 258 -15.73 30.79 -29.38
N THR A 259 -16.26 31.70 -28.55
CA THR A 259 -15.54 32.89 -28.11
C THR A 259 -15.69 33.00 -26.60
N SER A 260 -14.58 33.32 -25.93
CA SER A 260 -14.58 33.37 -24.48
C SER A 260 -15.19 34.68 -23.97
N VAL A 261 -15.61 34.65 -22.71
CA VAL A 261 -16.11 35.82 -22.00
C VAL A 261 -15.37 35.90 -20.67
N GLU A 262 -14.96 37.10 -20.29
CA GLU A 262 -14.11 37.31 -19.13
C GLU A 262 -14.94 37.56 -17.88
N ILE A 263 -14.48 37.00 -16.77
CA ILE A 263 -15.07 37.24 -15.45
C ILE A 263 -13.93 37.42 -14.45
N VAL A 264 -14.09 38.41 -13.58
CA VAL A 264 -13.13 38.68 -12.51
C VAL A 264 -13.88 38.70 -11.19
N CYS A 265 -13.29 38.06 -10.18
CA CYS A 265 -13.87 37.97 -8.85
C CYS A 265 -12.86 38.46 -7.83
N THR A 266 -13.33 39.27 -6.89
CA THR A 266 -12.48 39.88 -5.88
C THR A 266 -13.30 40.11 -4.62
N ARG A 267 -12.60 40.25 -3.51
CA ARG A 267 -13.15 40.84 -2.30
C ARG A 267 -12.13 41.80 -1.71
N PRO A 268 -12.52 43.00 -1.29
CA PRO A 268 -11.53 43.90 -0.69
C PRO A 268 -11.13 43.43 0.70
N GLY A 269 -10.21 44.18 1.29
CA GLY A 269 -9.83 43.99 2.68
C GLY A 269 -8.51 43.29 2.87
N ASN A 270 -7.67 43.85 3.75
CA ASN A 270 -6.40 43.23 4.11
C ASN A 270 -6.64 42.20 5.20
N ASN A 271 -7.40 41.17 4.88
CA ASN A 271 -7.82 40.18 5.87
C ASN A 271 -6.61 39.41 6.39
N THR A 272 -6.67 39.05 7.67
CA THR A 272 -5.57 38.41 8.38
C THR A 272 -6.06 37.18 9.09
N ARG A 273 -5.27 36.11 9.05
CA ARG A 273 -5.53 34.88 9.78
C ARG A 273 -4.59 34.77 10.96
N LYS A 274 -4.93 33.88 11.89
CA LYS A 274 -4.08 33.57 13.03
C LYS A 274 -4.11 32.08 13.31
N SER A 275 -2.93 31.52 13.58
CA SER A 275 -2.86 30.14 14.00
C SER A 275 -3.39 30.00 15.42
N VAL A 276 -4.04 28.87 15.70
CA VAL A 276 -4.64 28.60 17.00
C VAL A 276 -4.24 27.19 17.42
N ARG A 277 -3.81 27.06 18.67
CA ARG A 277 -3.39 25.76 19.19
C ARG A 277 -4.59 24.81 19.28
N ILE A 278 -4.44 23.63 18.67
CA ILE A 278 -5.35 22.52 18.90
C ILE A 278 -4.54 21.27 19.23
N GLY A 279 -4.35 21.03 20.52
CA GLY A 279 -3.54 19.91 20.97
C GLY A 279 -2.08 20.10 20.62
N PRO A 280 -1.26 19.11 20.95
CA PRO A 280 0.18 19.23 20.71
C PRO A 280 0.56 18.76 19.31
N GLY A 281 1.29 19.61 18.59
CA GLY A 281 1.81 19.28 17.29
C GLY A 281 0.94 19.63 16.11
N GLN A 282 -0.14 20.39 16.30
CA GLN A 282 -0.97 20.82 15.19
C GLN A 282 -1.79 22.03 15.62
N THR A 283 -2.06 22.91 14.66
CA THR A 283 -2.68 24.19 14.92
C THR A 283 -3.78 24.47 13.90
N PHE A 284 -4.87 25.08 14.37
CA PHE A 284 -5.94 25.51 13.49
C PHE A 284 -5.66 26.90 12.93
N TYR A 285 -6.14 27.13 11.71
CA TYR A 285 -6.01 28.42 11.03
C TYR A 285 -7.38 29.08 11.00
N ALA A 286 -7.60 30.03 11.90
CA ALA A 286 -8.83 30.80 11.97
C ALA A 286 -8.61 32.19 11.40
N THR A 287 -9.70 32.80 10.94
CA THR A 287 -9.64 34.18 10.48
C THR A 287 -9.55 35.10 11.69
N GLY A 288 -8.51 35.94 11.73
CA GLY A 288 -8.26 36.77 12.88
C GLY A 288 -8.96 38.10 12.82
N ASP A 289 -8.93 38.74 11.66
CA ASP A 289 -9.60 40.03 11.48
C ASP A 289 -9.73 40.32 10.00
N ILE A 290 -10.65 41.23 9.69
CA ILE A 290 -10.86 41.74 8.33
C ILE A 290 -10.64 43.24 8.37
N ILE A 291 -9.84 43.74 7.44
CA ILE A 291 -9.37 45.12 7.48
C ILE A 291 -9.64 45.79 6.13
N GLY A 292 -10.75 46.50 6.04
CA GLY A 292 -11.06 47.25 4.83
C GLY A 292 -12.54 47.47 4.71
N ASP A 293 -12.93 48.16 3.63
CA ASP A 293 -14.34 48.35 3.34
C ASP A 293 -15.03 47.01 3.10
N ILE A 294 -14.33 46.10 2.42
CA ILE A 294 -14.68 44.69 2.29
C ILE A 294 -16.12 44.49 1.83
N ARG A 295 -16.57 45.31 0.88
CA ARG A 295 -17.82 45.08 0.18
C ARG A 295 -17.75 43.68 -0.43
N GLN A 296 -18.74 42.85 -0.14
CA GLN A 296 -18.55 41.40 -0.21
C GLN A 296 -18.50 40.90 -1.65
N ALA A 297 -17.35 40.30 -2.00
CA ALA A 297 -17.22 39.27 -3.04
C ALA A 297 -17.85 39.59 -4.38
N HIS A 298 -18.03 40.86 -4.73
CA HIS A 298 -18.65 41.17 -6.01
C HIS A 298 -17.71 40.78 -7.16
N CYS A 299 -18.29 40.22 -8.21
CA CYS A 299 -17.57 39.75 -9.38
C CYS A 299 -17.95 40.60 -10.58
N ASN A 300 -16.98 40.88 -11.44
CA ASN A 300 -17.15 41.75 -12.59
C ASN A 300 -17.22 40.90 -13.87
N ILE A 301 -18.28 41.12 -14.64
CA ILE A 301 -18.48 40.44 -15.93
C ILE A 301 -18.15 41.43 -17.03
N SER A 302 -17.70 40.92 -18.18
CA SER A 302 -17.22 41.78 -19.25
C SER A 302 -18.34 42.53 -19.97
N GLU A 303 -19.02 43.41 -19.25
CA GLU A 303 -19.99 44.35 -19.81
C GLU A 303 -21.08 43.57 -20.56
N GLY A 304 -21.65 44.14 -21.62
CA GLY A 304 -22.74 43.53 -22.34
C GLY A 304 -22.31 42.50 -23.38
N GLN A 305 -21.05 42.05 -23.33
CA GLN A 305 -20.65 40.95 -24.20
C GLN A 305 -21.46 39.70 -23.88
N TRP A 306 -21.88 39.56 -22.63
CA TRP A 306 -22.88 38.54 -22.29
C TRP A 306 -24.19 38.81 -23.02
N ASN A 307 -24.59 40.09 -23.06
CA ASN A 307 -25.81 40.48 -23.78
C ASN A 307 -25.72 40.09 -25.25
N LYS A 308 -24.53 40.16 -25.83
CA LYS A 308 -24.33 39.74 -27.20
C LYS A 308 -24.32 38.22 -27.31
N THR A 309 -23.66 37.55 -26.36
CA THR A 309 -23.45 36.11 -26.46
C THR A 309 -24.77 35.35 -26.35
N LEU A 310 -25.65 35.80 -25.47
CA LEU A 310 -26.95 35.12 -25.35
C LEU A 310 -27.74 35.19 -26.64
N HIS A 311 -27.58 36.24 -27.45
CA HIS A 311 -28.26 36.29 -28.73
C HIS A 311 -27.82 35.14 -29.63
N GLU A 312 -26.51 34.92 -29.71
CA GLU A 312 -25.99 33.84 -30.55
C GLU A 312 -26.45 32.49 -30.03
N VAL A 313 -26.44 32.32 -28.71
CA VAL A 313 -26.89 31.04 -28.14
C VAL A 313 -28.36 30.82 -28.44
N SER A 314 -29.16 31.89 -28.38
CA SER A 314 -30.57 31.79 -28.69
C SER A 314 -30.79 31.38 -30.15
N LYS A 315 -29.99 31.97 -31.05
CA LYS A 315 -30.10 31.58 -32.46
C LYS A 315 -29.74 30.12 -32.66
N GLU A 316 -28.67 29.67 -31.99
CA GLU A 316 -28.26 28.28 -32.11
C GLU A 316 -29.36 27.34 -31.62
N LEU A 317 -29.99 27.67 -30.50
CA LEU A 317 -31.09 26.84 -30.00
C LEU A 317 -32.27 26.88 -30.94
N GLN A 318 -32.61 28.07 -31.46
CA GLN A 318 -33.75 28.21 -32.36
C GLN A 318 -33.55 27.41 -33.64
N LYS A 319 -32.29 27.22 -34.05
CA LYS A 319 -32.02 26.46 -35.27
C LYS A 319 -32.55 25.04 -35.18
N HIS A 320 -32.44 24.42 -34.00
CA HIS A 320 -32.79 23.01 -33.86
C HIS A 320 -34.28 22.77 -33.67
N PHE A 321 -35.05 23.79 -33.26
CA PHE A 321 -36.42 23.60 -32.80
C PHE A 321 -37.37 24.57 -33.49
N PRO A 322 -38.67 24.27 -33.51
CA PRO A 322 -39.63 25.24 -34.05
C PRO A 322 -39.75 26.45 -33.15
N ASN A 323 -40.66 27.35 -33.53
CA ASN A 323 -40.72 28.67 -32.91
C ASN A 323 -41.39 28.67 -31.55
N LYS A 324 -40.79 27.97 -30.58
CA LYS A 324 -41.03 28.23 -29.16
C LYS A 324 -39.96 29.21 -28.71
N THR A 325 -40.34 30.46 -28.46
CA THR A 325 -39.37 31.54 -28.32
C THR A 325 -38.43 31.27 -27.15
N ILE A 326 -37.13 31.45 -27.40
CA ILE A 326 -36.13 31.15 -26.39
C ILE A 326 -36.01 32.32 -25.42
N LYS A 327 -35.85 32.00 -24.15
CA LYS A 327 -35.66 32.97 -23.08
C LYS A 327 -34.87 32.25 -21.99
N TYR A 328 -34.79 32.87 -20.81
CA TYR A 328 -33.96 32.34 -19.74
C TYR A 328 -34.58 32.64 -18.39
N GLU A 329 -34.12 31.89 -17.38
CA GLU A 329 -34.74 31.90 -16.07
C GLU A 329 -33.66 31.60 -15.02
N ARG A 330 -33.96 31.97 -13.78
CA ARG A 330 -33.05 31.74 -12.67
C ARG A 330 -32.74 30.26 -12.50
N SER A 331 -31.80 29.96 -11.62
CA SER A 331 -31.51 28.59 -11.25
C SER A 331 -32.75 27.97 -10.59
N ALA A 332 -32.94 26.67 -10.82
CA ALA A 332 -34.15 26.00 -10.35
C ALA A 332 -34.24 26.03 -8.82
N GLY A 333 -33.15 25.71 -8.14
CA GLY A 333 -33.14 25.70 -6.69
C GLY A 333 -32.16 24.64 -6.19
N GLY A 334 -32.53 24.04 -5.05
CA GLY A 334 -31.71 23.01 -4.46
C GLY A 334 -30.60 23.57 -3.59
N ASP A 335 -29.56 22.76 -3.44
CA ASP A 335 -28.40 23.14 -2.64
C ASP A 335 -27.72 24.36 -3.26
N MET A 336 -26.84 24.99 -2.48
CA MET A 336 -26.12 26.17 -2.95
C MET A 336 -25.31 25.86 -4.20
N GLU A 337 -24.72 24.66 -4.27
CA GLU A 337 -23.96 24.28 -5.45
C GLU A 337 -24.86 24.24 -6.68
N ILE A 338 -26.07 23.70 -6.54
CA ILE A 338 -27.02 23.74 -7.64
C ILE A 338 -27.55 25.15 -7.84
N ALA A 339 -27.89 25.83 -6.75
CA ALA A 339 -28.49 27.15 -6.85
C ALA A 339 -27.52 28.16 -7.44
N THR A 340 -26.25 28.08 -7.06
CA THR A 340 -25.26 29.10 -7.36
C THR A 340 -24.14 28.53 -8.23
N HIS A 341 -23.51 29.40 -9.00
CA HIS A 341 -22.27 29.06 -9.68
C HIS A 341 -21.15 28.99 -8.65
N SER A 342 -20.36 27.92 -8.70
CA SER A 342 -19.31 27.65 -7.73
C SER A 342 -17.97 27.52 -8.42
N PHE A 343 -16.91 27.88 -7.70
CA PHE A 343 -15.55 27.75 -8.20
C PHE A 343 -14.59 27.91 -7.03
N ASN A 344 -13.36 27.47 -7.24
CA ASN A 344 -12.31 27.47 -6.22
C ASN A 344 -11.08 28.26 -6.65
N CYS A 345 -11.26 29.40 -7.32
CA CYS A 345 -10.13 30.13 -7.88
C CYS A 345 -9.17 30.61 -6.80
N GLY A 346 -9.67 31.21 -5.74
CA GLY A 346 -8.83 31.82 -4.72
C GLY A 346 -8.43 30.90 -3.60
N GLY A 347 -8.53 29.58 -3.78
CA GLY A 347 -8.31 28.65 -2.70
C GLY A 347 -9.55 28.52 -1.86
N GLU A 348 -9.97 29.62 -1.24
CA GLU A 348 -11.29 29.69 -0.65
C GLU A 348 -12.34 29.57 -1.74
N PHE A 349 -13.45 28.92 -1.41
CA PHE A 349 -14.48 28.58 -2.38
C PHE A 349 -15.52 29.68 -2.44
N PHE A 350 -16.13 29.84 -3.61
CA PHE A 350 -17.03 30.94 -3.91
C PHE A 350 -18.39 30.41 -4.36
N TYR A 351 -19.41 31.20 -4.12
CA TYR A 351 -20.76 30.94 -4.59
C TYR A 351 -21.38 32.27 -4.99
N CYS A 352 -22.11 32.28 -6.11
CA CYS A 352 -22.71 33.49 -6.63
C CYS A 352 -24.12 33.21 -7.14
N ASN A 353 -25.08 34.01 -6.65
CA ASN A 353 -26.46 33.95 -7.15
C ASN A 353 -26.48 34.43 -8.60
N THR A 354 -26.74 33.52 -9.52
CA THR A 354 -26.64 33.81 -10.95
C THR A 354 -27.93 34.34 -11.55
N SER A 355 -28.79 34.98 -10.73
CA SER A 355 -30.07 35.46 -11.24
C SER A 355 -29.88 36.52 -12.32
N ASN A 356 -28.92 37.43 -12.11
CA ASN A 356 -28.70 38.50 -13.06
C ASN A 356 -28.24 37.99 -14.43
N LEU A 357 -27.59 36.82 -14.48
CA LEU A 357 -27.11 36.30 -15.75
C LEU A 357 -28.26 35.94 -16.68
N PHE A 358 -29.29 35.30 -16.15
CA PHE A 358 -30.36 34.70 -16.95
C PHE A 358 -31.66 35.50 -16.94
N ASN A 359 -31.67 36.68 -16.35
CA ASN A 359 -32.85 37.52 -16.43
C ASN A 359 -33.00 38.06 -17.84
N GLY A 360 -34.22 38.50 -18.17
CA GLY A 360 -34.48 39.12 -19.46
C GLY A 360 -34.76 38.11 -20.55
N THR A 361 -35.64 38.48 -21.49
CA THR A 361 -36.07 37.57 -22.56
C THR A 361 -36.10 38.23 -23.94
N TYR A 362 -36.32 39.54 -23.99
CA TYR A 362 -36.75 40.22 -25.20
C TYR A 362 -35.56 40.59 -26.08
N ASN A 363 -35.86 40.85 -27.36
CA ASN A 363 -34.83 41.17 -28.36
C ASN A 363 -34.06 42.43 -28.02
N GLY A 364 -34.63 43.32 -27.20
CA GLY A 364 -33.93 44.52 -26.78
C GLY A 364 -32.65 44.23 -26.03
N THR A 365 -32.55 43.07 -25.38
CA THR A 365 -31.29 42.60 -24.82
C THR A 365 -30.98 41.17 -25.26
N TYR A 366 -31.55 40.71 -26.38
CA TYR A 366 -31.20 39.41 -26.97
C TYR A 366 -31.05 39.50 -28.49
N ILE A 367 -31.23 40.68 -29.09
CA ILE A 367 -30.75 40.95 -30.43
C ILE A 367 -30.04 42.31 -30.40
N ASN A 368 -29.44 42.65 -29.25
CA ASN A 368 -28.82 43.95 -29.04
C ASN A 368 -27.44 43.74 -28.44
N THR A 369 -26.54 44.68 -28.76
CA THR A 369 -25.15 44.59 -28.30
C THR A 369 -24.66 46.00 -27.95
N SER A 370 -23.82 46.09 -26.91
CA SER A 370 -23.25 47.36 -26.51
C SER A 370 -22.27 47.11 -25.37
N SER A 371 -21.51 48.15 -25.04
CA SER A 371 -20.55 48.13 -23.95
C SER A 371 -20.83 49.26 -22.97
N THR A 372 -21.41 48.92 -21.82
CA THR A 372 -21.84 49.92 -20.85
C THR A 372 -21.05 49.87 -19.55
N SER A 373 -21.08 48.72 -18.86
CA SER A 373 -20.44 48.59 -17.56
C SER A 373 -20.54 47.14 -17.11
N TYR A 374 -19.59 46.75 -16.27
CA TYR A 374 -19.49 45.34 -15.87
C TYR A 374 -20.70 44.93 -15.04
N ILE A 375 -21.30 43.80 -15.39
CA ILE A 375 -22.42 43.28 -14.63
C ILE A 375 -21.90 42.64 -13.35
N THR A 376 -22.65 42.81 -12.26
CA THR A 376 -22.22 42.42 -10.93
C THR A 376 -23.08 41.28 -10.42
N LEU A 377 -22.44 40.34 -9.72
CA LEU A 377 -23.12 39.21 -9.09
C LEU A 377 -22.88 39.23 -7.59
N GLN A 378 -23.97 39.18 -6.83
CA GLN A 378 -23.87 38.97 -5.39
C GLN A 378 -23.27 37.58 -5.15
N CYS A 379 -22.32 37.49 -4.23
CA CYS A 379 -21.62 36.24 -3.97
C CYS A 379 -21.44 36.04 -2.47
N ARG A 380 -20.94 34.86 -2.12
CA ARG A 380 -20.83 34.43 -0.73
C ARG A 380 -19.66 33.45 -0.62
N ILE A 381 -19.05 33.41 0.57
CA ILE A 381 -17.89 32.58 0.84
C ILE A 381 -18.27 31.53 1.87
N LYS A 382 -17.64 30.36 1.75
CA LYS A 382 -17.87 29.25 2.67
C LYS A 382 -16.56 28.50 2.84
N GLN A 383 -16.36 27.94 4.03
CA GLN A 383 -15.13 27.23 4.37
C GLN A 383 -15.31 25.72 4.49
N ILE A 384 -16.19 25.26 5.36
CA ILE A 384 -16.47 23.83 5.50
C ILE A 384 -17.29 23.41 4.30
N ILE A 385 -16.90 22.30 3.67
CA ILE A 385 -17.46 21.93 2.38
C ILE A 385 -17.34 20.43 2.17
N ASN A 386 -18.41 19.84 1.65
CA ASN A 386 -18.39 18.53 1.00
C ASN A 386 -17.91 18.80 -0.42
N MET A 387 -16.63 18.53 -0.67
CA MET A 387 -15.96 19.09 -1.84
C MET A 387 -16.63 18.66 -3.13
N TRP A 388 -16.59 17.36 -3.42
CA TRP A 388 -17.12 16.86 -4.69
C TRP A 388 -18.63 16.70 -4.56
N GLN A 389 -19.33 17.83 -4.64
CA GLN A 389 -20.75 17.87 -4.99
C GLN A 389 -21.61 17.06 -4.02
N GLY A 390 -21.30 17.17 -2.72
CA GLY A 390 -22.14 16.62 -1.69
C GLY A 390 -21.69 15.32 -1.08
N VAL A 391 -20.70 14.64 -1.66
CA VAL A 391 -20.20 13.41 -1.05
C VAL A 391 -19.53 13.76 0.27
N GLY A 392 -19.60 12.82 1.22
CA GLY A 392 -19.26 13.10 2.60
C GLY A 392 -17.80 13.27 2.95
N ARG A 393 -16.95 13.63 1.99
CA ARG A 393 -15.56 14.01 2.27
C ARG A 393 -15.55 15.41 2.86
N CYS A 394 -15.97 15.49 4.12
CA CYS A 394 -16.11 16.78 4.81
C CYS A 394 -14.74 17.26 5.24
N MET A 395 -14.35 18.44 4.75
CA MET A 395 -13.02 19.00 4.98
C MET A 395 -13.16 20.51 5.12
N TYR A 396 -12.14 21.11 5.74
CA TYR A 396 -12.12 22.54 6.05
C TYR A 396 -11.07 23.23 5.22
N ALA A 397 -11.45 24.34 4.59
CA ALA A 397 -10.52 25.16 3.82
C ALA A 397 -9.96 26.27 4.71
N PRO A 398 -8.64 26.37 4.89
CA PRO A 398 -8.13 27.42 5.78
C PRO A 398 -8.27 28.78 5.13
N PRO A 399 -8.26 29.86 5.93
CA PRO A 399 -8.33 31.20 5.34
C PRO A 399 -7.02 31.60 4.70
N ILE A 400 -7.10 32.63 3.86
CA ILE A 400 -5.96 33.17 3.14
C ILE A 400 -5.94 34.67 3.34
N ALA A 401 -4.73 35.26 3.26
CA ALA A 401 -4.56 36.68 3.45
C ALA A 401 -5.39 37.49 2.46
N GLY A 402 -5.47 38.79 2.71
CA GLY A 402 -6.40 39.65 2.01
C GLY A 402 -6.07 39.97 0.57
N ASN A 403 -6.91 40.79 -0.05
CA ASN A 403 -6.73 41.24 -1.42
C ASN A 403 -6.67 40.06 -2.40
N ILE A 404 -7.48 39.03 -2.13
CA ILE A 404 -7.55 37.89 -3.03
C ILE A 404 -8.23 38.31 -4.32
N THR A 405 -7.74 37.80 -5.45
CA THR A 405 -8.28 38.15 -6.75
C THR A 405 -8.17 36.96 -7.68
N CYS A 406 -9.01 36.95 -8.71
CA CYS A 406 -9.07 35.85 -9.66
C CYS A 406 -9.38 36.39 -11.04
N LYS A 407 -9.03 35.59 -12.05
CA LYS A 407 -9.32 35.92 -13.44
C LYS A 407 -9.50 34.63 -14.21
N SER A 408 -10.46 34.63 -15.13
CA SER A 408 -10.81 33.40 -15.84
C SER A 408 -11.53 33.75 -17.13
N ASN A 409 -11.58 32.77 -18.03
CA ASN A 409 -12.30 32.86 -19.29
C ASN A 409 -13.42 31.82 -19.31
N ILE A 410 -14.65 32.28 -19.54
CA ILE A 410 -15.80 31.39 -19.61
C ILE A 410 -15.85 30.78 -21.00
N THR A 411 -16.21 29.49 -21.07
CA THR A 411 -16.17 28.75 -22.33
C THR A 411 -17.39 27.88 -22.61
N GLY A 412 -18.27 27.64 -21.64
CA GLY A 412 -19.42 26.78 -21.90
C GLY A 412 -20.46 26.92 -20.81
N LEU A 413 -21.66 26.43 -21.13
CA LEU A 413 -22.81 26.54 -20.25
C LEU A 413 -23.50 25.18 -20.18
N LEU A 414 -24.38 25.04 -19.19
CA LEU A 414 -25.14 23.82 -18.97
C LEU A 414 -26.62 24.16 -18.98
N LEU A 415 -27.43 23.29 -19.61
CA LEU A 415 -28.84 23.57 -19.79
C LEU A 415 -29.63 22.26 -19.87
N THR A 416 -30.94 22.41 -19.85
CA THR A 416 -31.96 21.37 -19.92
C THR A 416 -32.93 21.74 -21.06
N ARG A 417 -34.07 21.05 -21.14
CA ARG A 417 -35.00 21.28 -22.26
C ARG A 417 -36.45 21.00 -21.84
N ASP A 418 -37.38 21.57 -22.62
CA ASP A 418 -38.82 21.39 -22.45
C ASP A 418 -39.41 20.44 -23.49
N GLY A 419 -40.66 20.03 -23.24
CA GLY A 419 -41.40 19.11 -24.08
C GLY A 419 -42.86 19.00 -23.66
N GLY A 420 -43.67 18.28 -24.46
CA GLY A 420 -45.10 18.21 -24.25
C GLY A 420 -45.60 16.80 -24.00
N THR A 421 -46.85 16.71 -23.56
CA THR A 421 -47.61 15.48 -23.28
C THR A 421 -47.15 14.77 -22.01
N LYS A 422 -46.01 15.18 -21.49
CA LYS A 422 -45.81 15.46 -20.06
C LYS A 422 -45.27 16.87 -20.12
N ASN A 423 -45.94 17.80 -19.43
CA ASN A 423 -45.42 19.16 -19.35
C ASN A 423 -44.48 19.24 -18.15
N ASN A 424 -43.53 18.32 -18.08
CA ASN A 424 -42.49 18.26 -17.06
C ASN A 424 -41.76 19.59 -17.07
N SER A 425 -41.56 20.13 -18.27
CA SER A 425 -40.85 21.39 -18.45
C SER A 425 -41.57 22.26 -19.46
N ASN A 426 -41.69 23.53 -19.14
CA ASN A 426 -41.95 24.58 -20.12
C ASN A 426 -40.83 25.60 -20.15
N GLU A 427 -39.94 25.60 -19.13
CA GLU A 427 -38.85 26.57 -19.06
C GLU A 427 -37.54 25.97 -18.60
N GLU A 428 -37.32 24.66 -18.73
CA GLU A 428 -36.04 24.08 -18.40
C GLU A 428 -35.04 24.20 -19.53
N THR A 429 -35.50 24.57 -20.74
CA THR A 429 -34.61 25.20 -21.70
C THR A 429 -34.12 26.54 -21.18
N PHE A 430 -34.95 27.23 -20.42
CA PHE A 430 -34.70 28.58 -19.97
C PHE A 430 -34.00 28.62 -18.62
N ARG A 431 -33.50 27.47 -18.14
CA ARG A 431 -33.03 27.30 -16.78
C ARG A 431 -31.59 26.78 -16.78
N PRO A 432 -30.67 27.34 -15.99
CA PRO A 432 -29.34 26.71 -15.89
C PRO A 432 -29.39 25.44 -15.07
N ALA A 433 -28.61 24.45 -15.47
CA ALA A 433 -28.55 23.18 -14.77
C ALA A 433 -27.46 23.20 -13.71
N GLY A 434 -27.65 22.37 -12.68
CA GLY A 434 -26.58 22.18 -11.71
C GLY A 434 -25.44 21.37 -12.27
N GLY A 435 -25.75 20.16 -12.75
CA GLY A 435 -24.77 19.37 -13.45
C GLY A 435 -23.87 18.56 -12.53
N ASP A 436 -22.98 17.81 -13.18
CA ASP A 436 -21.98 17.00 -12.49
C ASP A 436 -20.66 17.26 -13.19
N MET A 437 -19.62 17.56 -12.41
CA MET A 437 -18.32 17.88 -12.97
C MET A 437 -17.75 16.68 -13.73
N ARG A 438 -18.17 15.46 -13.39
CA ARG A 438 -17.83 14.31 -14.21
C ARG A 438 -18.28 14.50 -15.66
N ASP A 439 -19.55 14.85 -15.85
CA ASP A 439 -20.04 15.02 -17.21
C ASP A 439 -19.39 16.19 -17.92
N ASN A 440 -19.17 17.29 -17.22
CA ASN A 440 -18.57 18.46 -17.85
C ASN A 440 -17.09 18.25 -18.16
N TRP A 441 -16.41 17.32 -17.49
CA TRP A 441 -15.20 16.73 -18.04
C TRP A 441 -15.50 15.91 -19.29
N ARG A 442 -16.58 15.13 -19.27
CA ARG A 442 -16.96 14.37 -20.46
C ARG A 442 -17.29 15.30 -21.62
N SER A 443 -17.74 16.52 -21.32
CA SER A 443 -17.95 17.51 -22.36
C SER A 443 -16.64 17.95 -23.01
N GLU A 444 -15.50 17.68 -22.37
CA GLU A 444 -14.20 17.98 -22.94
C GLU A 444 -13.61 16.79 -23.70
N LEU A 445 -13.79 15.58 -23.16
CA LEU A 445 -13.18 14.39 -23.72
C LEU A 445 -13.95 13.82 -24.91
N TYR A 446 -14.94 14.55 -25.44
CA TYR A 446 -15.67 14.06 -26.61
C TYR A 446 -14.75 13.87 -27.81
N LYS A 447 -13.64 14.61 -27.87
CA LYS A 447 -12.75 14.56 -29.03
C LYS A 447 -12.13 13.18 -29.22
N TYR A 448 -11.97 12.41 -28.14
CA TYR A 448 -11.03 11.30 -28.10
C TYR A 448 -11.75 9.98 -27.86
N LYS A 449 -11.05 8.90 -28.22
CA LYS A 449 -11.56 7.55 -28.10
C LYS A 449 -10.38 6.60 -27.94
N VAL A 450 -10.62 5.46 -27.31
CA VAL A 450 -9.58 4.47 -27.02
C VAL A 450 -9.82 3.24 -27.89
N VAL A 451 -8.73 2.59 -28.30
CA VAL A 451 -8.79 1.42 -29.18
C VAL A 451 -7.50 0.63 -29.03
N LYS A 452 -7.55 -0.65 -29.43
CA LYS A 452 -6.41 -1.55 -29.36
C LYS A 452 -6.11 -2.14 -30.73
N ILE A 453 -5.03 -2.92 -30.79
CA ILE A 453 -4.48 -3.42 -32.06
C ILE A 453 -4.64 -4.93 -32.12
N GLU A 454 -4.73 -5.47 -33.34
CA GLU A 454 -4.80 -6.92 -33.59
C GLU A 454 -3.97 -7.22 -34.83
N PRO A 455 -2.82 -7.94 -34.70
CA PRO A 455 -1.82 -7.91 -35.77
C PRO A 455 -1.87 -8.99 -36.86
N LEU A 456 -2.97 -9.71 -37.07
CA LEU A 456 -2.94 -10.92 -37.89
C LEU A 456 -4.17 -11.06 -38.81
N GLY A 457 -3.98 -11.76 -39.92
CA GLY A 457 -5.01 -11.91 -40.94
C GLY A 457 -4.56 -12.83 -42.06
N VAL A 458 -5.40 -12.94 -43.11
CA VAL A 458 -5.18 -13.87 -44.22
C VAL A 458 -5.71 -13.26 -45.52
N ALA A 459 -5.15 -13.74 -46.67
CA ALA A 459 -5.54 -13.33 -48.03
C ALA A 459 -4.77 -14.13 -49.10
N LEU B 9 3.26 5.81 -35.21
CA LEU B 9 1.90 6.08 -35.68
C LEU B 9 1.71 5.80 -37.18
N GLY B 10 2.77 5.44 -37.90
CA GLY B 10 2.66 5.22 -39.33
C GLY B 10 1.77 4.04 -39.69
N PHE B 11 1.82 2.99 -38.85
CA PHE B 11 1.01 1.81 -39.07
C PHE B 11 -0.48 2.13 -39.19
N LEU B 12 -0.94 3.15 -38.48
CA LEU B 12 -2.32 3.60 -38.68
C LEU B 12 -2.50 4.23 -40.06
N GLY B 13 -1.42 4.76 -40.65
CA GLY B 13 -1.49 5.15 -42.04
C GLY B 13 -1.78 3.97 -42.95
N ALA B 14 -1.19 2.81 -42.65
CA ALA B 14 -1.52 1.61 -43.39
C ALA B 14 -2.95 1.17 -43.12
N ALA B 15 -3.49 1.49 -41.95
CA ALA B 15 -4.89 1.18 -41.65
C ALA B 15 -5.81 1.88 -42.63
N GLY B 16 -5.45 3.08 -43.07
CA GLY B 16 -6.24 3.85 -44.00
C GLY B 16 -5.94 3.55 -45.45
N SER B 17 -5.29 2.42 -45.72
CA SER B 17 -4.92 2.02 -47.06
C SER B 17 -5.26 0.55 -47.25
N THR B 18 -5.22 0.10 -48.50
CA THR B 18 -5.59 -1.26 -48.82
C THR B 18 -4.41 -2.21 -48.58
N MET B 19 -4.56 -3.45 -49.06
CA MET B 19 -3.59 -4.48 -48.72
C MET B 19 -2.21 -4.17 -49.25
N GLY B 20 -2.12 -3.67 -50.47
CA GLY B 20 -0.85 -3.49 -51.15
C GLY B 20 0.13 -2.58 -50.44
N ALA B 21 -0.28 -1.34 -50.17
CA ALA B 21 0.60 -0.39 -49.51
C ALA B 21 0.94 -0.85 -48.10
N ALA B 22 -0.04 -1.41 -47.38
CA ALA B 22 0.19 -1.86 -46.02
C ALA B 22 1.19 -3.00 -45.98
N SER B 23 1.24 -3.81 -47.04
CA SER B 23 2.22 -4.88 -47.11
C SER B 23 3.65 -4.36 -47.04
N MET B 24 3.88 -3.11 -47.44
CA MET B 24 5.21 -2.53 -47.41
C MET B 24 5.65 -2.10 -46.01
N THR B 25 4.72 -1.96 -45.06
CA THR B 25 5.02 -1.32 -43.78
C THR B 25 4.44 -2.06 -42.58
N LEU B 26 4.47 -3.39 -42.56
CA LEU B 26 3.92 -4.13 -41.43
C LEU B 26 4.82 -4.05 -40.21
N THR B 27 6.11 -3.76 -40.40
CA THR B 27 7.08 -3.89 -39.32
C THR B 27 7.00 -2.76 -38.31
N VAL B 28 6.63 -1.56 -38.75
CA VAL B 28 6.55 -0.41 -37.85
C VAL B 28 5.53 -0.66 -36.74
N GLN B 29 4.42 -1.32 -37.09
CA GLN B 29 3.44 -1.70 -36.09
C GLN B 29 4.07 -2.63 -35.04
N ALA B 30 4.86 -3.60 -35.49
CA ALA B 30 5.52 -4.50 -34.56
C ALA B 30 6.49 -3.74 -33.67
N ARG B 31 7.18 -2.75 -34.23
CA ARG B 31 8.14 -1.99 -33.43
C ARG B 31 7.43 -1.23 -32.32
N ASN B 32 6.33 -0.53 -32.64
CA ASN B 32 5.65 0.24 -31.61
C ASN B 32 4.85 -0.65 -30.67
N LEU B 33 4.54 -1.88 -31.09
CA LEU B 33 3.67 -2.73 -30.28
C LEU B 33 4.26 -3.08 -28.92
N LEU B 34 5.59 -3.02 -28.78
CA LEU B 34 6.21 -3.52 -27.57
C LEU B 34 6.12 -2.52 -26.42
N SER B 35 6.68 -1.32 -26.60
CA SER B 35 6.87 -0.41 -25.48
C SER B 35 6.81 1.03 -25.98
N GLY B 36 6.65 1.95 -25.03
CA GLY B 36 6.58 3.36 -25.33
C GLY B 36 7.08 4.18 -24.16
N LYS B 56 5.99 5.64 -1.27
CA LYS B 56 5.55 6.90 -0.70
C LYS B 56 4.07 7.12 -0.99
N LEU B 57 3.59 8.34 -0.69
CA LEU B 57 2.16 8.61 -0.62
C LEU B 57 1.44 8.26 -1.92
N THR B 58 2.07 8.52 -3.07
CA THR B 58 1.43 8.26 -4.36
C THR B 58 1.60 6.82 -4.82
N VAL B 59 1.09 5.86 -4.05
CA VAL B 59 0.89 4.50 -4.54
C VAL B 59 -0.18 4.44 -5.63
N TRP B 60 -0.97 5.52 -5.76
CA TRP B 60 -1.92 5.80 -6.83
C TRP B 60 -1.50 5.30 -8.20
N GLY B 61 -0.24 5.57 -8.60
CA GLY B 61 0.20 5.27 -9.95
C GLY B 61 0.82 3.90 -10.13
N ILE B 62 0.70 3.01 -9.14
CA ILE B 62 1.39 1.72 -9.21
C ILE B 62 0.82 0.84 -10.32
N LYS B 63 -0.43 1.07 -10.74
CA LYS B 63 -1.04 0.19 -11.73
C LYS B 63 -0.40 0.33 -13.12
N GLN B 64 0.48 1.30 -13.33
CA GLN B 64 1.35 1.28 -14.50
C GLN B 64 2.09 -0.04 -14.61
N LEU B 65 2.50 -0.61 -13.47
CA LEU B 65 3.24 -1.87 -13.49
C LEU B 65 2.41 -2.99 -14.09
N GLN B 66 1.18 -3.17 -13.59
CA GLN B 66 0.35 -4.24 -14.14
C GLN B 66 -0.06 -3.95 -15.58
N ALA B 67 -0.19 -2.68 -15.95
CA ALA B 67 -0.45 -2.36 -17.35
C ALA B 67 0.70 -2.80 -18.24
N ARG B 68 1.93 -2.52 -17.81
CA ARG B 68 3.10 -2.98 -18.55
C ARG B 68 3.15 -4.49 -18.61
N VAL B 69 2.78 -5.14 -17.52
CA VAL B 69 2.76 -6.60 -17.48
C VAL B 69 1.78 -7.15 -18.49
N LEU B 70 0.59 -6.54 -18.57
CA LEU B 70 -0.41 -7.00 -19.52
C LEU B 70 0.05 -6.79 -20.96
N ALA B 71 0.67 -5.64 -21.25
CA ALA B 71 1.19 -5.42 -22.59
C ALA B 71 2.26 -6.45 -22.94
N VAL B 72 3.16 -6.73 -21.99
CA VAL B 72 4.19 -7.72 -22.20
C VAL B 72 3.58 -9.09 -22.42
N GLU B 73 2.50 -9.39 -21.70
CA GLU B 73 1.84 -10.68 -21.87
C GLU B 73 1.20 -10.79 -23.25
N ARG B 74 0.62 -9.70 -23.74
CA ARG B 74 0.08 -9.73 -25.10
C ARG B 74 1.18 -9.99 -26.11
N TYR B 75 2.32 -9.31 -25.96
CA TYR B 75 3.44 -9.56 -26.86
C TYR B 75 3.91 -11.01 -26.77
N LEU B 76 4.00 -11.55 -25.56
CA LEU B 76 4.44 -12.93 -25.38
C LEU B 76 3.46 -13.90 -25.99
N ARG B 77 2.17 -13.60 -25.92
CA ARG B 77 1.17 -14.42 -26.59
C ARG B 77 1.39 -14.40 -28.09
N ASP B 78 1.70 -13.22 -28.64
CA ASP B 78 1.97 -13.14 -30.07
C ASP B 78 3.15 -14.03 -30.46
N GLN B 79 4.25 -13.94 -29.69
CA GLN B 79 5.41 -14.75 -29.99
C GLN B 79 5.11 -16.24 -29.80
N GLN B 80 4.31 -16.59 -28.80
CA GLN B 80 3.97 -17.99 -28.56
C GLN B 80 3.19 -18.56 -29.73
N LEU B 81 2.17 -17.83 -30.19
CA LEU B 81 1.39 -18.30 -31.33
C LEU B 81 2.27 -18.38 -32.57
N LEU B 82 3.19 -17.43 -32.74
CA LEU B 82 4.13 -17.51 -33.86
C LEU B 82 4.98 -18.78 -33.76
N GLY B 83 5.42 -19.12 -32.55
CA GLY B 83 6.23 -20.32 -32.38
C GLY B 83 5.46 -21.58 -32.70
N ILE B 84 4.21 -21.67 -32.24
CA ILE B 84 3.46 -22.90 -32.42
C ILE B 84 3.19 -23.14 -33.89
N TRP B 85 3.07 -22.09 -34.70
CA TRP B 85 2.95 -22.27 -36.13
C TRP B 85 4.24 -22.77 -36.76
N GLY B 86 5.35 -22.75 -36.03
CA GLY B 86 6.64 -23.01 -36.61
C GLY B 86 7.16 -21.85 -37.42
N ILE B 92 5.97 -14.27 -42.13
CA ILE B 92 5.15 -14.95 -43.12
C ILE B 92 5.77 -16.33 -43.33
N CYS B 93 4.94 -17.37 -43.58
CA CYS B 93 5.34 -18.74 -43.27
C CYS B 93 4.60 -19.82 -44.08
N CYS B 94 5.31 -20.62 -44.89
CA CYS B 94 4.68 -21.63 -45.77
C CYS B 94 4.26 -22.83 -44.91
N THR B 95 2.97 -22.77 -44.48
CA THR B 95 2.43 -23.47 -43.29
C THR B 95 1.72 -24.82 -43.47
N ASN B 96 0.78 -24.91 -44.42
CA ASN B 96 -0.15 -26.02 -44.66
C ASN B 96 -1.35 -26.19 -43.71
N VAL B 97 -2.30 -25.25 -43.78
CA VAL B 97 -3.71 -25.60 -43.57
C VAL B 97 -4.47 -25.21 -44.84
N PRO B 98 -5.39 -26.02 -45.36
CA PRO B 98 -6.22 -25.55 -46.48
C PRO B 98 -7.24 -24.52 -46.01
N TRP B 99 -8.13 -24.15 -46.92
CA TRP B 99 -9.07 -23.04 -46.74
C TRP B 99 -10.35 -23.35 -47.50
N ASN B 100 -11.38 -23.78 -46.76
CA ASN B 100 -12.70 -23.99 -47.35
C ASN B 100 -13.23 -22.67 -47.89
N SER B 101 -13.78 -22.71 -49.10
CA SER B 101 -14.32 -21.49 -49.72
C SER B 101 -15.56 -20.98 -49.01
N SER B 102 -16.19 -21.80 -48.16
CA SER B 102 -17.36 -21.36 -47.42
C SER B 102 -17.04 -20.17 -46.53
N TRP B 103 -15.83 -20.11 -45.98
CA TRP B 103 -15.45 -18.99 -45.14
C TRP B 103 -15.29 -17.71 -45.95
N SER B 104 -14.79 -17.81 -47.18
CA SER B 104 -14.82 -16.68 -48.10
C SER B 104 -14.54 -17.20 -49.50
N ASN B 105 -15.45 -16.91 -50.43
CA ASN B 105 -15.29 -17.25 -51.83
C ASN B 105 -14.72 -16.11 -52.67
N ARG B 106 -14.44 -14.96 -52.05
CA ARG B 106 -14.10 -13.77 -52.82
C ARG B 106 -12.70 -13.90 -53.42
N ASN B 107 -12.55 -13.39 -54.64
CA ASN B 107 -11.45 -13.77 -55.51
C ASN B 107 -10.15 -13.06 -55.11
N LEU B 108 -9.12 -13.28 -55.92
CA LEU B 108 -7.79 -12.79 -55.62
C LEU B 108 -7.72 -11.27 -55.65
N SER B 109 -8.27 -10.65 -56.71
CA SER B 109 -8.06 -9.23 -56.94
C SER B 109 -8.71 -8.38 -55.86
N GLU B 110 -9.84 -8.84 -55.30
CA GLU B 110 -10.55 -8.05 -54.30
C GLU B 110 -9.69 -7.81 -53.06
N ILE B 111 -8.97 -8.84 -52.64
CA ILE B 111 -8.27 -8.82 -51.35
C ILE B 111 -6.80 -8.46 -51.61
N TRP B 112 -6.54 -7.76 -52.72
CA TRP B 112 -5.24 -7.12 -52.95
C TRP B 112 -5.41 -5.61 -53.10
N ASP B 113 -6.33 -5.21 -53.99
CA ASP B 113 -6.44 -3.81 -54.40
C ASP B 113 -7.56 -3.09 -53.66
N ASN B 114 -8.78 -3.61 -53.76
CA ASN B 114 -9.95 -2.87 -53.27
C ASN B 114 -10.05 -2.91 -51.75
N MET B 115 -9.55 -3.98 -51.13
CA MET B 115 -10.00 -4.34 -49.79
C MET B 115 -9.25 -3.53 -48.73
N THR B 116 -10.02 -2.82 -47.90
CA THR B 116 -9.45 -2.18 -46.72
C THR B 116 -9.49 -3.16 -45.55
N TRP B 117 -8.45 -3.12 -44.72
CA TRP B 117 -8.17 -4.23 -43.80
C TRP B 117 -9.31 -4.51 -42.84
N LEU B 118 -9.95 -3.46 -42.32
CA LEU B 118 -10.99 -3.65 -41.31
C LEU B 118 -12.16 -4.46 -41.86
N GLN B 119 -12.53 -4.21 -43.12
CA GLN B 119 -13.66 -4.92 -43.71
C GLN B 119 -13.39 -6.42 -43.82
N TRP B 120 -12.24 -6.79 -44.38
CA TRP B 120 -11.93 -8.20 -44.54
C TRP B 120 -11.68 -8.86 -43.18
N ASP B 121 -11.11 -8.10 -42.24
CA ASP B 121 -10.94 -8.62 -40.89
C ASP B 121 -12.27 -8.95 -40.26
N LYS B 122 -13.26 -8.06 -40.41
CA LYS B 122 -14.60 -8.34 -39.90
C LYS B 122 -15.22 -9.52 -40.63
N GLU B 123 -14.99 -9.61 -41.95
CA GLU B 123 -15.59 -10.69 -42.74
C GLU B 123 -15.09 -12.05 -42.26
N ILE B 124 -13.79 -12.17 -42.05
CA ILE B 124 -13.25 -13.43 -41.54
C ILE B 124 -13.55 -13.60 -40.06
N SER B 125 -13.83 -12.50 -39.36
CA SER B 125 -14.10 -12.60 -37.92
C SER B 125 -15.36 -13.39 -37.63
N ASN B 126 -16.29 -13.46 -38.58
CA ASN B 126 -17.48 -14.27 -38.39
C ASN B 126 -17.13 -15.74 -38.20
N TYR B 127 -16.08 -16.20 -38.88
CA TYR B 127 -15.64 -17.59 -38.82
C TYR B 127 -14.46 -17.79 -37.88
N THR B 128 -14.28 -16.90 -36.91
CA THR B 128 -13.05 -16.80 -36.11
C THR B 128 -12.59 -18.14 -35.54
N GLN B 129 -13.40 -18.74 -34.68
CA GLN B 129 -13.03 -20.04 -34.13
C GLN B 129 -13.21 -21.15 -35.15
N ILE B 130 -14.01 -20.92 -36.19
CA ILE B 130 -14.09 -21.88 -37.28
C ILE B 130 -12.78 -21.88 -38.06
N ILE B 131 -12.07 -20.74 -38.06
CA ILE B 131 -10.77 -20.64 -38.72
C ILE B 131 -9.64 -20.55 -37.69
N TYR B 132 -9.89 -20.98 -36.45
CA TYR B 132 -8.83 -21.19 -35.47
C TYR B 132 -8.78 -22.66 -35.07
N GLY B 133 -7.57 -23.21 -34.99
CA GLY B 133 -7.39 -24.65 -35.01
C GLY B 133 -6.10 -25.14 -35.65
N LEU B 134 -6.26 -25.81 -36.79
CA LEU B 134 -5.32 -26.78 -37.35
C LEU B 134 -3.91 -26.28 -37.72
N LEU B 135 -3.54 -25.03 -37.44
CA LEU B 135 -2.13 -24.69 -37.62
C LEU B 135 -1.26 -25.52 -36.67
N GLU B 136 -1.79 -25.87 -35.51
CA GLU B 136 -1.08 -26.81 -34.64
C GLU B 136 -0.90 -28.15 -35.33
N GLU B 137 -1.92 -28.63 -36.05
CA GLU B 137 -1.77 -29.84 -36.84
C GLU B 137 -0.80 -29.65 -38.01
N SER B 138 -0.72 -28.45 -38.55
CA SER B 138 0.28 -28.17 -39.59
C SER B 138 1.67 -28.29 -39.02
N GLN B 139 1.86 -27.89 -37.78
CA GLN B 139 3.11 -28.21 -37.11
C GLN B 139 3.24 -29.72 -36.96
N ASN B 140 2.15 -30.39 -36.58
CA ASN B 140 2.25 -31.81 -36.23
C ASN B 140 2.57 -32.70 -37.43
N GLN B 141 2.07 -32.35 -38.62
CA GLN B 141 2.31 -33.20 -39.78
C GLN B 141 3.79 -33.21 -40.12
N GLN B 142 4.46 -32.06 -39.95
CA GLN B 142 5.91 -32.04 -40.11
C GLN B 142 6.63 -32.52 -38.86
N GLU B 143 5.96 -32.52 -37.69
CA GLU B 143 6.50 -33.20 -36.52
C GLU B 143 6.40 -34.70 -36.63
N LYS B 144 5.65 -35.23 -37.60
CA LYS B 144 5.80 -36.63 -37.94
C LYS B 144 7.24 -36.96 -38.29
N ASN B 145 7.97 -35.97 -38.82
CA ASN B 145 9.42 -36.01 -38.94
C ASN B 145 10.08 -35.17 -37.85
N GLN C 1 -35.23 -5.77 -0.39
CA GLN C 1 -35.93 -5.49 -1.68
C GLN C 1 -36.13 -3.98 -1.84
N VAL C 2 -35.88 -3.48 -3.04
CA VAL C 2 -36.13 -2.08 -3.34
C VAL C 2 -37.63 -1.83 -3.24
N GLN C 3 -38.01 -0.80 -2.49
CA GLN C 3 -39.42 -0.52 -2.28
C GLN C 3 -39.56 0.96 -1.92
N LEU C 4 -40.70 1.53 -2.31
CA LEU C 4 -41.04 2.92 -2.04
C LEU C 4 -42.18 2.96 -1.05
N VAL C 5 -41.93 3.55 0.12
CA VAL C 5 -42.89 3.61 1.22
C VAL C 5 -43.37 5.05 1.34
N GLN C 6 -44.69 5.23 1.33
CA GLN C 6 -45.30 6.55 1.40
C GLN C 6 -45.89 6.77 2.79
N SER C 7 -45.83 8.01 3.25
CA SER C 7 -46.44 8.38 4.51
C SER C 7 -47.94 8.54 4.34
N GLY C 8 -48.64 8.79 5.44
CA GLY C 8 -50.07 8.93 5.41
C GLY C 8 -50.52 10.14 4.61
N GLY C 9 -51.75 10.07 4.14
CA GLY C 9 -52.32 11.13 3.34
C GLY C 9 -52.77 12.31 4.17
N GLN C 10 -53.42 13.25 3.49
CA GLN C 10 -53.92 14.47 4.12
C GLN C 10 -55.30 14.77 3.57
N MET C 11 -56.08 15.51 4.37
CA MET C 11 -57.45 15.87 4.02
C MET C 11 -57.77 17.31 4.39
N LYS C 12 -56.79 18.21 4.36
CA LYS C 12 -56.90 19.49 5.04
C LYS C 12 -57.69 20.49 4.19
N LYS C 13 -57.89 21.67 4.77
CA LYS C 13 -58.67 22.72 4.15
C LYS C 13 -57.96 23.21 2.89
N PRO C 14 -58.70 23.74 1.90
CA PRO C 14 -58.02 24.39 0.78
C PRO C 14 -57.28 25.65 1.24
N GLY C 15 -56.36 26.10 0.39
CA GLY C 15 -55.52 27.24 0.73
C GLY C 15 -54.62 26.96 1.91
N GLU C 16 -53.95 25.81 1.89
CA GLU C 16 -53.12 25.37 3.00
C GLU C 16 -51.86 24.71 2.45
N SER C 17 -50.88 24.56 3.32
CA SER C 17 -49.65 23.84 2.97
C SER C 17 -49.87 22.35 3.12
N MET C 18 -49.44 21.60 2.12
CA MET C 18 -49.65 20.15 2.05
C MET C 18 -48.29 19.52 1.83
N ARG C 19 -47.98 18.49 2.62
CA ARG C 19 -46.65 17.89 2.70
C ARG C 19 -46.76 16.38 2.62
N ILE C 20 -45.82 15.76 1.89
CA ILE C 20 -45.74 14.31 1.74
C ILE C 20 -44.27 13.92 1.80
N SER C 21 -44.01 12.72 2.35
CA SER C 21 -42.69 12.12 2.39
C SER C 21 -42.74 10.72 1.82
N CYS C 22 -41.68 10.34 1.10
CA CYS C 22 -41.53 9.00 0.56
C CYS C 22 -40.10 8.54 0.77
N ARG C 23 -39.94 7.29 1.20
CA ARG C 23 -38.64 6.68 1.47
C ARG C 23 -38.37 5.58 0.46
N ALA C 24 -37.16 5.56 -0.09
CA ALA C 24 -36.73 4.50 -0.99
C ALA C 24 -36.16 3.36 -0.14
N SER C 25 -37.05 2.48 0.32
CA SER C 25 -36.64 1.40 1.20
C SER C 25 -35.74 0.41 0.47
N GLY C 26 -34.68 -0.01 1.16
CA GLY C 26 -33.81 -1.05 0.64
C GLY C 26 -33.10 -0.67 -0.64
N TYR C 27 -32.51 0.51 -0.71
CA TYR C 27 -31.82 0.94 -1.91
C TYR C 27 -30.93 2.14 -1.59
N GLU C 28 -29.88 2.31 -2.41
CA GLU C 28 -29.01 3.48 -2.32
C GLU C 28 -29.74 4.70 -2.88
N PHE C 29 -30.40 5.42 -1.97
CA PHE C 29 -31.28 6.53 -2.31
C PHE C 29 -30.56 7.63 -3.10
N ILE C 30 -29.28 7.82 -2.85
CA ILE C 30 -28.55 8.96 -3.41
C ILE C 30 -28.43 8.87 -4.92
N ASP C 31 -28.47 7.67 -5.48
CA ASP C 31 -28.00 7.46 -6.85
C ASP C 31 -29.09 7.60 -7.90
N CYS C 32 -30.33 7.22 -7.61
CA CYS C 32 -31.36 7.07 -8.62
C CYS C 32 -32.30 8.27 -8.61
N THR C 33 -32.82 8.62 -9.80
CA THR C 33 -33.65 9.81 -9.95
C THR C 33 -35.12 9.45 -9.72
N LEU C 34 -35.66 9.87 -8.57
CA LEU C 34 -37.06 9.63 -8.27
C LEU C 34 -37.94 10.65 -8.98
N ASN C 35 -39.24 10.37 -8.99
CA ASN C 35 -40.21 11.25 -9.63
C ASN C 35 -41.55 11.16 -8.91
N TRP C 36 -42.36 12.21 -9.07
CA TRP C 36 -43.69 12.30 -8.49
C TRP C 36 -44.70 12.56 -9.59
N ILE C 37 -45.83 11.85 -9.55
CA ILE C 37 -46.91 12.02 -10.52
C ILE C 37 -48.24 12.02 -9.78
N ARG C 38 -49.28 12.42 -10.49
CA ARG C 38 -50.64 12.47 -9.96
C ARG C 38 -51.52 11.47 -10.68
N LEU C 39 -52.45 10.88 -9.94
CA LEU C 39 -53.46 10.00 -10.49
C LEU C 39 -54.77 10.28 -9.77
N ALA C 40 -55.82 10.56 -10.55
CA ALA C 40 -57.13 10.91 -9.99
C ALA C 40 -58.20 10.24 -10.84
N PRO C 41 -59.42 10.07 -10.29
CA PRO C 41 -60.49 9.44 -11.10
C PRO C 41 -60.89 10.25 -12.32
N GLY C 42 -60.76 9.64 -13.50
CA GLY C 42 -61.24 10.26 -14.72
C GLY C 42 -60.40 11.40 -15.25
N LYS C 43 -59.25 11.66 -14.65
CA LYS C 43 -58.37 12.74 -15.08
C LYS C 43 -57.17 12.18 -15.83
N ARG C 44 -56.55 13.01 -16.64
CA ARG C 44 -55.23 12.68 -17.14
C ARG C 44 -54.27 12.60 -15.96
N PRO C 45 -53.29 11.69 -15.97
CA PRO C 45 -52.20 11.81 -15.00
C PRO C 45 -51.42 13.09 -15.27
N GLU C 46 -50.55 13.46 -14.35
CA GLU C 46 -49.70 14.63 -14.51
C GLU C 46 -48.37 14.38 -13.79
N TRP C 47 -47.28 14.59 -14.49
CA TRP C 47 -45.95 14.50 -13.89
C TRP C 47 -45.70 15.75 -13.07
N MET C 48 -45.28 15.57 -11.81
CA MET C 48 -45.09 16.66 -10.87
C MET C 48 -43.64 17.08 -10.68
N GLY C 49 -42.80 16.18 -10.18
CA GLY C 49 -41.54 16.58 -9.57
C GLY C 49 -40.38 15.72 -10.00
N TRP C 50 -39.24 16.36 -10.20
CA TRP C 50 -37.97 15.73 -10.46
C TRP C 50 -37.16 15.78 -9.18
N LEU C 51 -36.27 14.81 -9.00
CA LEU C 51 -35.32 14.85 -7.89
C LEU C 51 -34.15 13.94 -8.22
N LYS C 52 -32.99 14.54 -8.47
CA LYS C 52 -31.74 13.83 -8.54
C LYS C 52 -31.08 13.97 -7.18
N PRO C 53 -31.29 13.02 -6.25
CA PRO C 53 -30.97 13.31 -4.84
C PRO C 53 -29.49 13.45 -4.54
N ARG C 54 -28.61 13.14 -5.49
CA ARG C 54 -27.18 13.32 -5.27
C ARG C 54 -26.87 14.79 -5.03
N GLY C 55 -27.12 15.63 -6.04
CA GLY C 55 -26.92 17.07 -5.90
C GLY C 55 -28.16 17.83 -5.49
N GLY C 56 -29.32 17.20 -5.48
CA GLY C 56 -30.55 17.91 -5.18
C GLY C 56 -31.09 18.71 -6.34
N ALA C 57 -30.75 18.32 -7.57
CA ALA C 57 -31.27 19.02 -8.73
C ALA C 57 -32.78 18.88 -8.80
N VAL C 58 -33.45 19.92 -9.32
CA VAL C 58 -34.90 20.01 -9.28
C VAL C 58 -35.37 20.71 -10.55
N ASN C 59 -36.51 20.24 -11.07
CA ASN C 59 -37.27 21.00 -12.05
C ASN C 59 -38.67 20.41 -12.11
N TYR C 60 -39.63 21.24 -12.51
CA TYR C 60 -41.02 20.86 -12.37
C TYR C 60 -41.90 21.61 -13.36
N ALA C 61 -43.17 21.21 -13.40
CA ALA C 61 -44.03 21.41 -14.56
C ALA C 61 -44.51 22.84 -14.71
N ARG C 62 -45.09 23.13 -15.87
CA ARG C 62 -45.68 24.43 -16.17
C ARG C 62 -46.77 24.87 -15.20
N PRO C 63 -47.76 24.04 -14.85
CA PRO C 63 -48.81 24.53 -13.94
C PRO C 63 -48.35 24.68 -12.49
N LEU C 64 -47.14 24.21 -12.17
CA LEU C 64 -46.70 24.07 -10.79
C LEU C 64 -45.65 25.11 -10.38
N GLN C 65 -45.39 26.12 -11.21
CA GLN C 65 -44.32 27.05 -10.90
C GLN C 65 -44.66 27.87 -9.67
N GLY C 66 -43.72 27.91 -8.72
CA GLY C 66 -43.90 28.65 -7.49
C GLY C 66 -44.64 27.87 -6.42
N ARG C 67 -45.79 27.31 -6.78
CA ARG C 67 -46.62 26.62 -5.78
C ARG C 67 -45.92 25.38 -5.23
N VAL C 68 -45.29 24.59 -6.08
CA VAL C 68 -44.80 23.26 -5.73
C VAL C 68 -43.32 23.33 -5.44
N THR C 69 -42.91 22.70 -4.33
CA THR C 69 -41.51 22.57 -3.96
C THR C 69 -41.27 21.15 -3.47
N MET C 70 -40.02 20.72 -3.54
CA MET C 70 -39.65 19.41 -3.03
C MET C 70 -38.18 19.45 -2.64
N THR C 71 -37.81 18.51 -1.77
CA THR C 71 -36.44 18.42 -1.26
C THR C 71 -36.22 16.99 -0.78
N ARG C 72 -35.07 16.77 -0.17
CA ARG C 72 -34.67 15.43 0.26
C ARG C 72 -33.67 15.53 1.40
N ASP C 73 -33.53 14.42 2.11
CA ASP C 73 -32.47 14.23 3.11
C ASP C 73 -31.81 12.89 2.80
N VAL C 74 -30.53 12.93 2.39
CA VAL C 74 -29.85 11.71 1.98
C VAL C 74 -29.68 10.77 3.15
N TYR C 75 -29.44 11.29 4.36
CA TYR C 75 -29.27 10.43 5.52
C TYR C 75 -30.54 9.66 5.86
N SER C 76 -31.69 10.31 5.78
CA SER C 76 -32.97 9.64 6.00
C SER C 76 -33.41 8.81 4.81
N ASP C 77 -32.79 8.99 3.64
CA ASP C 77 -33.20 8.28 2.42
C ASP C 77 -34.66 8.55 2.09
N THR C 78 -35.10 9.79 2.34
CA THR C 78 -36.49 10.18 2.23
C THR C 78 -36.60 11.44 1.40
N ALA C 79 -37.37 11.37 0.32
CA ALA C 79 -37.73 12.55 -0.46
C ALA C 79 -38.98 13.18 0.13
N PHE C 80 -39.04 14.51 0.05
CA PHE C 80 -40.13 15.28 0.62
C PHE C 80 -40.76 16.15 -0.47
N LEU C 81 -42.05 15.97 -0.69
CA LEU C 81 -42.84 16.79 -1.59
C LEU C 81 -43.74 17.67 -0.75
N GLU C 82 -43.75 18.98 -1.04
CA GLU C 82 -44.57 19.94 -0.30
C GLU C 82 -45.18 20.91 -1.28
N LEU C 83 -46.50 21.05 -1.22
CA LEU C 83 -47.26 21.92 -2.11
C LEU C 83 -47.78 23.11 -1.32
N ARG C 84 -47.63 24.31 -1.90
CA ARG C 84 -48.14 25.53 -1.30
C ARG C 84 -49.45 25.94 -1.96
N SER C 85 -50.31 26.60 -1.18
CA SER C 85 -51.56 27.14 -1.67
C SER C 85 -52.45 26.05 -2.26
N LEU C 86 -52.88 25.13 -1.39
CA LEU C 86 -53.70 24.02 -1.82
C LEU C 86 -55.02 24.52 -2.42
N THR C 87 -55.50 23.80 -3.43
CA THR C 87 -56.73 24.15 -4.12
C THR C 87 -57.51 22.87 -4.41
N VAL C 88 -58.76 23.04 -4.84
CA VAL C 88 -59.66 21.90 -5.02
C VAL C 88 -59.14 20.97 -6.11
N ASP C 89 -58.52 21.53 -7.16
CA ASP C 89 -58.03 20.71 -8.25
C ASP C 89 -56.89 19.79 -7.82
N ASP C 90 -56.22 20.09 -6.71
CA ASP C 90 -55.11 19.28 -6.26
C ASP C 90 -55.52 17.89 -5.77
N THR C 91 -56.83 17.64 -5.61
CA THR C 91 -57.29 16.33 -5.14
C THR C 91 -56.88 15.24 -6.12
N ALA C 92 -55.95 14.39 -5.70
CA ALA C 92 -55.46 13.30 -6.53
C ALA C 92 -54.59 12.41 -5.67
N VAL C 93 -54.39 11.18 -6.12
CA VAL C 93 -53.43 10.28 -5.49
C VAL C 93 -52.05 10.60 -6.03
N TYR C 94 -51.06 10.58 -5.15
CA TYR C 94 -49.69 10.94 -5.48
C TYR C 94 -48.79 9.73 -5.26
N PHE C 95 -47.96 9.43 -6.26
CA PHE C 95 -47.05 8.30 -6.24
C PHE C 95 -45.61 8.78 -6.36
N CYS C 96 -44.77 8.37 -5.44
CA CYS C 96 -43.33 8.42 -5.63
C CYS C 96 -42.88 7.16 -6.38
N THR C 97 -42.06 7.36 -7.40
CA THR C 97 -41.91 6.39 -8.47
C THR C 97 -40.46 6.28 -8.93
N ARG C 98 -40.23 5.38 -9.89
CA ARG C 98 -38.90 5.12 -10.43
C ARG C 98 -39.05 4.46 -11.80
N GLY C 99 -37.97 4.49 -12.59
CA GLY C 99 -37.92 3.82 -13.86
C GLY C 99 -37.36 2.40 -13.78
N LYS C 100 -37.50 1.67 -14.88
CA LYS C 100 -37.06 0.28 -14.99
C LYS C 100 -35.60 0.13 -14.61
N ASN C 101 -34.76 1.05 -15.08
CA ASN C 101 -33.36 1.12 -14.68
C ASN C 101 -33.08 2.58 -14.34
N CYS C 102 -32.09 2.80 -13.46
CA CYS C 102 -31.68 4.15 -13.13
C CYS C 102 -30.74 4.71 -14.20
N ASP C 103 -31.21 4.75 -15.44
CA ASP C 103 -30.50 5.34 -16.56
C ASP C 103 -31.43 6.32 -17.28
N TYR C 104 -32.71 5.96 -17.40
CA TYR C 104 -33.73 6.84 -17.90
C TYR C 104 -34.55 7.36 -16.72
N ASN C 105 -34.53 8.69 -16.53
CA ASN C 105 -35.19 9.32 -15.40
C ASN C 105 -36.66 9.57 -15.71
N TRP C 106 -37.41 8.46 -15.73
CA TRP C 106 -38.85 8.50 -15.97
C TRP C 106 -39.52 7.46 -15.09
N ASP C 107 -40.79 7.70 -14.80
CA ASP C 107 -41.52 6.89 -13.83
C ASP C 107 -42.30 5.78 -14.52
N PHE C 108 -41.66 4.63 -14.68
CA PHE C 108 -42.29 3.50 -15.34
C PHE C 108 -41.95 2.14 -14.71
N GLU C 109 -41.46 2.13 -13.46
CA GLU C 109 -41.24 0.87 -12.75
C GLU C 109 -41.98 0.77 -11.41
N HIS C 110 -41.72 1.71 -10.51
CA HIS C 110 -42.10 1.58 -9.11
C HIS C 110 -43.22 2.55 -8.79
N TRP C 111 -44.05 2.16 -7.83
CA TRP C 111 -45.15 2.98 -7.37
C TRP C 111 -45.42 2.66 -5.90
N GLY C 112 -45.56 3.71 -5.10
CA GLY C 112 -45.79 3.54 -3.68
C GLY C 112 -47.19 3.05 -3.37
N ARG C 113 -47.67 3.34 -2.17
CA ARG C 113 -49.03 2.97 -1.78
C ARG C 113 -50.07 3.97 -2.27
N GLY C 114 -49.67 5.04 -2.96
CA GLY C 114 -50.62 6.01 -3.45
C GLY C 114 -51.30 6.76 -2.33
N THR C 115 -50.53 7.52 -1.56
CA THR C 115 -51.10 8.27 -0.47
C THR C 115 -52.05 9.34 -1.03
N PRO C 116 -53.30 9.44 -0.54
CA PRO C 116 -54.26 10.34 -1.20
C PRO C 116 -54.20 11.76 -0.67
N VAL C 117 -54.60 12.72 -1.52
CA VAL C 117 -54.75 14.11 -1.13
C VAL C 117 -56.21 14.50 -1.37
N ILE C 118 -56.85 15.02 -0.33
CA ILE C 118 -58.27 15.36 -0.37
C ILE C 118 -58.41 16.81 0.09
N VAL C 119 -59.26 17.56 -0.58
CA VAL C 119 -59.46 18.98 -0.32
C VAL C 119 -60.82 19.13 0.35
N SER C 120 -60.82 19.53 1.61
CA SER C 120 -62.06 19.72 2.37
C SER C 120 -62.59 21.12 2.09
N SER C 121 -63.25 21.25 0.95
CA SER C 121 -63.81 22.54 0.53
C SER C 121 -64.90 23.01 1.49
N GLU D 1 -52.15 20.17 -24.69
CA GLU D 1 -51.57 19.45 -25.86
C GLU D 1 -51.38 17.98 -25.55
N ILE D 2 -52.11 17.13 -26.26
CA ILE D 2 -52.00 15.68 -26.15
C ILE D 2 -51.37 15.16 -27.43
N VAL D 3 -50.18 14.57 -27.30
CA VAL D 3 -49.50 13.91 -28.41
C VAL D 3 -49.41 12.42 -28.11
N LEU D 4 -50.40 11.90 -27.37
CA LEU D 4 -50.59 10.46 -27.19
C LEU D 4 -52.10 10.26 -27.01
N THR D 5 -52.77 9.93 -28.11
CA THR D 5 -54.22 9.80 -28.13
C THR D 5 -54.57 8.32 -28.15
N GLN D 6 -54.91 7.76 -26.98
CA GLN D 6 -55.41 6.41 -26.91
C GLN D 6 -56.80 6.34 -27.55
N SER D 7 -57.05 5.25 -28.28
CA SER D 7 -58.33 5.03 -28.90
C SER D 7 -58.53 3.53 -29.05
N PRO D 8 -59.74 2.99 -28.79
CA PRO D 8 -60.98 3.63 -28.32
C PRO D 8 -60.90 3.99 -26.84
N GLY D 9 -61.85 4.80 -26.36
CA GLY D 9 -61.80 5.25 -24.97
C GLY D 9 -61.90 4.11 -23.97
N THR D 10 -62.78 3.15 -24.24
CA THR D 10 -62.94 2.00 -23.35
C THR D 10 -63.49 0.83 -24.14
N LEU D 11 -63.32 -0.36 -23.57
CA LEU D 11 -63.79 -1.61 -24.18
C LEU D 11 -64.48 -2.45 -23.12
N SER D 12 -65.57 -3.09 -23.52
CA SER D 12 -66.34 -4.00 -22.65
C SER D 12 -66.26 -5.39 -23.26
N LEU D 13 -65.49 -6.27 -22.61
CA LEU D 13 -65.17 -7.58 -23.16
C LEU D 13 -65.32 -8.64 -22.08
N SER D 14 -65.78 -9.81 -22.49
CA SER D 14 -65.86 -10.96 -21.60
C SER D 14 -64.47 -11.57 -21.42
N PRO D 15 -64.28 -12.42 -20.40
CA PRO D 15 -62.95 -13.01 -20.20
C PRO D 15 -62.53 -13.88 -21.38
N GLY D 16 -61.22 -13.90 -21.63
CA GLY D 16 -60.63 -14.71 -22.68
C GLY D 16 -60.60 -14.07 -24.05
N GLU D 17 -61.21 -12.89 -24.22
CA GLU D 17 -61.20 -12.23 -25.51
C GLU D 17 -59.82 -11.60 -25.74
N THR D 18 -59.66 -10.99 -26.91
CA THR D 18 -58.42 -10.31 -27.30
C THR D 18 -58.71 -8.81 -27.38
N ALA D 19 -58.23 -8.06 -26.40
CA ALA D 19 -58.41 -6.62 -26.39
C ALA D 19 -57.30 -5.95 -27.20
N ILE D 20 -57.69 -4.88 -27.89
CA ILE D 20 -56.77 -4.08 -28.70
C ILE D 20 -56.99 -2.61 -28.38
N ILE D 21 -55.91 -1.89 -28.10
CA ILE D 21 -55.95 -0.45 -27.84
C ILE D 21 -54.92 0.21 -28.74
N SER D 22 -55.35 1.21 -29.50
CA SER D 22 -54.47 1.96 -30.37
C SER D 22 -54.07 3.28 -29.73
N CYS D 23 -52.79 3.63 -29.87
CA CYS D 23 -52.26 4.89 -29.37
C CYS D 23 -51.43 5.53 -30.48
N ARG D 24 -51.63 6.84 -30.67
CA ARG D 24 -51.03 7.60 -31.75
C ARG D 24 -50.09 8.65 -31.17
N THR D 25 -48.80 8.57 -31.55
CA THR D 25 -47.82 9.58 -31.22
C THR D 25 -47.52 10.43 -32.45
N SER D 26 -46.75 11.50 -32.23
CA SER D 26 -46.29 12.33 -33.34
C SER D 26 -44.86 12.83 -33.13
N GLN D 27 -44.08 12.23 -32.23
CA GLN D 27 -42.70 12.60 -32.00
C GLN D 27 -41.89 11.32 -31.76
N TYR D 28 -40.57 11.45 -31.90
CA TYR D 28 -39.70 10.28 -31.96
C TYR D 28 -39.45 9.63 -30.60
N GLY D 29 -40.10 10.08 -29.53
CA GLY D 29 -39.93 9.44 -28.25
C GLY D 29 -40.47 8.02 -28.25
N SER D 30 -39.97 7.22 -27.30
CA SER D 30 -40.39 5.83 -27.18
C SER D 30 -40.13 5.30 -25.78
N LEU D 33 -42.39 3.01 -27.24
CA LEU D 33 -43.44 3.35 -26.29
C LEU D 33 -43.40 2.44 -25.07
N ALA D 34 -44.13 2.85 -24.03
CA ALA D 34 -44.37 2.04 -22.84
C ALA D 34 -45.84 2.13 -22.49
N TRP D 35 -46.32 1.12 -21.77
CA TRP D 35 -47.71 1.05 -21.35
C TRP D 35 -47.79 0.69 -19.88
N TYR D 36 -48.61 1.44 -19.13
CA TYR D 36 -48.90 1.13 -17.75
C TYR D 36 -50.25 0.45 -17.64
N GLN D 37 -50.53 -0.05 -16.44
CA GLN D 37 -51.85 -0.55 -16.08
C GLN D 37 -51.91 -0.62 -14.57
N GLN D 38 -53.05 -0.24 -14.02
CA GLN D 38 -53.33 -0.40 -12.59
C GLN D 38 -54.70 -1.02 -12.44
N ARG D 39 -54.78 -2.02 -11.58
CA ARG D 39 -56.08 -2.54 -11.18
C ARG D 39 -56.80 -1.47 -10.36
N PRO D 40 -58.13 -1.53 -10.24
CA PRO D 40 -58.83 -0.51 -9.47
C PRO D 40 -58.36 -0.45 -8.03
N GLY D 41 -57.80 0.71 -7.66
CA GLY D 41 -57.30 0.92 -6.32
C GLY D 41 -55.90 0.40 -6.05
N GLN D 42 -55.20 -0.09 -7.06
CA GLN D 42 -53.87 -0.67 -6.92
C GLN D 42 -52.82 0.18 -7.62
N ALA D 43 -51.57 -0.10 -7.30
CA ALA D 43 -50.48 0.66 -7.90
C ALA D 43 -50.35 0.29 -9.38
N PRO D 44 -49.90 1.22 -10.24
CA PRO D 44 -49.67 0.85 -11.64
C PRO D 44 -48.54 -0.17 -11.79
N ARG D 45 -48.57 -0.85 -12.94
CA ARG D 45 -47.54 -1.80 -13.33
C ARG D 45 -47.18 -1.55 -14.78
N LEU D 46 -45.88 -1.60 -15.10
CA LEU D 46 -45.47 -1.56 -16.49
C LEU D 46 -45.88 -2.84 -17.18
N VAL D 47 -46.40 -2.71 -18.41
CA VAL D 47 -46.94 -3.84 -19.15
C VAL D 47 -46.11 -4.07 -20.41
N ILE D 48 -46.12 -3.08 -21.31
CA ILE D 48 -45.35 -3.12 -22.54
C ILE D 48 -44.26 -2.05 -22.45
N TYR D 49 -43.11 -2.36 -23.03
CA TYR D 49 -41.96 -1.46 -23.03
C TYR D 49 -41.39 -1.42 -24.44
N SER D 50 -40.89 -0.23 -24.82
CA SER D 50 -40.24 -0.04 -26.10
C SER D 50 -41.17 -0.38 -27.27
N GLY D 51 -42.47 -0.15 -27.09
CA GLY D 51 -43.43 -0.34 -28.15
C GLY D 51 -43.96 -1.74 -28.33
N SER D 52 -43.13 -2.78 -28.16
CA SER D 52 -43.56 -4.15 -28.40
C SER D 52 -43.11 -5.12 -27.31
N THR D 53 -42.05 -4.80 -26.58
CA THR D 53 -41.47 -5.76 -25.65
C THR D 53 -42.30 -5.83 -24.37
N ARG D 54 -42.59 -7.06 -23.94
CA ARG D 54 -43.24 -7.27 -22.66
C ARG D 54 -42.27 -6.92 -21.53
N ALA D 55 -42.78 -6.28 -20.49
CA ALA D 55 -41.95 -5.96 -19.34
C ALA D 55 -41.78 -7.20 -18.46
N ALA D 56 -41.01 -7.03 -17.38
CA ALA D 56 -40.74 -8.14 -16.48
C ALA D 56 -42.03 -8.61 -15.81
N GLY D 57 -42.16 -9.93 -15.68
CA GLY D 57 -43.33 -10.50 -15.05
C GLY D 57 -44.62 -10.35 -15.83
N ILE D 58 -44.53 -10.02 -17.11
CA ILE D 58 -45.71 -9.80 -17.96
C ILE D 58 -45.81 -10.99 -18.92
N PRO D 59 -46.94 -11.70 -18.97
CA PRO D 59 -47.00 -12.89 -19.83
C PRO D 59 -47.05 -12.51 -21.31
N ASP D 60 -47.11 -13.55 -22.15
CA ASP D 60 -47.19 -13.36 -23.59
C ASP D 60 -48.53 -12.82 -24.07
N ARG D 61 -49.53 -12.73 -23.18
CA ARG D 61 -50.83 -12.18 -23.54
C ARG D 61 -50.71 -10.79 -24.15
N PHE D 62 -49.82 -9.98 -23.59
CA PHE D 62 -49.68 -8.60 -24.00
C PHE D 62 -48.63 -8.47 -25.11
N SER D 63 -48.95 -7.69 -26.13
CA SER D 63 -48.04 -7.48 -27.26
C SER D 63 -48.26 -6.08 -27.80
N GLY D 64 -47.28 -5.61 -28.57
CA GLY D 64 -47.28 -4.25 -29.05
C GLY D 64 -46.58 -4.09 -30.38
N SER D 65 -46.84 -2.95 -31.00
CA SER D 65 -46.34 -2.57 -32.32
C SER D 65 -46.81 -1.13 -32.51
N ARG D 66 -46.44 -0.48 -33.62
CA ARG D 66 -45.56 -0.90 -34.71
C ARG D 66 -44.66 0.29 -35.05
N TRP D 67 -43.79 0.14 -36.05
CA TRP D 67 -43.07 1.29 -36.57
C TRP D 67 -44.07 2.28 -37.18
N GLY D 68 -43.86 3.56 -36.90
CA GLY D 68 -44.75 4.61 -37.36
C GLY D 68 -45.30 5.42 -36.21
N PRO D 69 -46.28 6.28 -36.49
CA PRO D 69 -46.85 7.12 -35.42
C PRO D 69 -47.95 6.42 -34.63
N ASP D 70 -48.58 5.40 -35.23
CA ASP D 70 -49.65 4.65 -34.59
C ASP D 70 -49.08 3.39 -33.98
N TYR D 71 -49.48 3.07 -32.75
CA TYR D 71 -49.05 1.88 -32.04
C TYR D 71 -50.26 1.11 -31.54
N ASN D 72 -50.25 -0.20 -31.76
CA ASN D 72 -51.39 -1.07 -31.47
C ASN D 72 -51.03 -1.98 -30.29
N LEU D 73 -51.52 -1.61 -29.11
CA LEU D 73 -51.45 -2.52 -27.98
C LEU D 73 -52.48 -3.64 -28.18
N THR D 74 -52.10 -4.85 -27.79
CA THR D 74 -52.98 -6.01 -27.89
C THR D 74 -52.81 -6.88 -26.66
N ILE D 75 -53.93 -7.42 -26.18
CA ILE D 75 -53.96 -8.28 -24.99
C ILE D 75 -54.82 -9.50 -25.30
N SER D 76 -54.18 -10.61 -25.68
CA SER D 76 -54.90 -11.82 -26.00
C SER D 76 -55.27 -12.59 -24.72
N ASN D 77 -56.38 -13.32 -24.81
CA ASN D 77 -56.85 -14.14 -23.69
C ASN D 77 -57.09 -13.29 -22.45
N LEU D 78 -58.08 -12.39 -22.55
CA LEU D 78 -58.29 -11.38 -21.52
C LEU D 78 -58.62 -12.01 -20.17
N GLU D 79 -57.67 -11.92 -19.24
CA GLU D 79 -57.90 -12.35 -17.87
C GLU D 79 -58.62 -11.26 -17.10
N SER D 80 -59.58 -11.65 -16.27
CA SER D 80 -60.38 -10.69 -15.52
C SER D 80 -59.51 -9.80 -14.63
N GLY D 81 -58.42 -10.34 -14.11
CA GLY D 81 -57.47 -9.51 -13.35
C GLY D 81 -56.83 -8.40 -14.16
N ASP D 82 -56.85 -8.50 -15.50
CA ASP D 82 -56.29 -7.47 -16.36
C ASP D 82 -57.29 -6.36 -16.68
N PHE D 83 -58.51 -6.42 -16.16
CA PHE D 83 -59.41 -5.30 -16.27
C PHE D 83 -58.83 -4.09 -15.55
N GLY D 84 -59.40 -2.93 -15.83
CA GLY D 84 -58.95 -1.67 -15.28
C GLY D 84 -58.38 -0.75 -16.33
N VAL D 85 -57.73 0.31 -15.85
CA VAL D 85 -57.27 1.41 -16.70
C VAL D 85 -55.87 1.09 -17.20
N TYR D 86 -55.67 1.29 -18.50
CA TYR D 86 -54.37 1.21 -19.15
C TYR D 86 -53.98 2.61 -19.58
N TYR D 87 -52.68 2.87 -19.68
CA TYR D 87 -52.16 4.18 -20.07
C TYR D 87 -51.11 4.01 -21.16
N CYS D 88 -51.22 4.81 -22.22
CA CYS D 88 -50.18 4.88 -23.23
C CYS D 88 -49.08 5.79 -22.72
N GLN D 89 -47.84 5.53 -23.16
CA GLN D 89 -46.70 6.20 -22.57
C GLN D 89 -45.49 6.10 -23.50
N GLN D 90 -44.68 7.16 -23.51
CA GLN D 90 -43.32 7.06 -24.02
C GLN D 90 -42.46 8.07 -23.26
N TYR D 91 -41.83 7.60 -22.17
CA TYR D 91 -40.91 8.37 -21.35
C TYR D 91 -41.46 9.75 -21.00
N GLU D 92 -41.33 10.69 -21.92
CA GLU D 92 -41.74 12.06 -21.66
C GLU D 92 -43.22 12.30 -21.99
N PHE D 93 -43.94 11.28 -22.47
CA PHE D 93 -45.35 11.41 -22.83
C PHE D 93 -46.17 10.38 -22.05
N PHE D 94 -47.42 10.73 -21.74
CA PHE D 94 -48.49 9.75 -21.55
C PHE D 94 -49.78 10.31 -22.12
N GLY D 95 -50.70 9.43 -22.45
CA GLY D 95 -51.97 9.81 -23.03
C GLY D 95 -53.05 10.05 -22.00
N GLN D 96 -54.31 9.83 -22.40
CA GLN D 96 -55.45 10.08 -21.54
C GLN D 96 -55.87 8.87 -20.72
N GLY D 97 -55.32 7.69 -20.99
CA GLY D 97 -55.74 6.50 -20.29
C GLY D 97 -57.03 5.92 -20.84
N THR D 98 -57.16 4.60 -20.79
CA THR D 98 -58.36 3.91 -21.28
C THR D 98 -58.57 2.68 -20.40
N LYS D 99 -59.83 2.24 -20.31
CA LYS D 99 -60.22 1.19 -19.37
C LYS D 99 -60.89 0.04 -20.10
N VAL D 100 -60.67 -1.17 -19.57
CA VAL D 100 -61.24 -2.40 -20.08
C VAL D 100 -62.08 -3.02 -18.97
N GLN D 101 -63.30 -3.46 -19.32
CA GLN D 101 -64.25 -3.92 -18.32
C GLN D 101 -65.03 -5.11 -18.88
N VAL D 102 -65.88 -5.68 -18.01
CA VAL D 102 -66.68 -6.84 -18.39
C VAL D 102 -67.73 -6.42 -19.42
N ASP D 103 -68.02 -7.32 -20.36
CA ASP D 103 -69.11 -7.10 -21.30
C ASP D 103 -70.42 -7.58 -20.69
N ASN E 3 25.94 -45.34 -30.80
CA ASN E 3 26.15 -44.12 -30.04
C ASN E 3 25.21 -43.04 -30.54
N LEU E 4 24.40 -42.49 -29.64
CA LEU E 4 23.31 -41.58 -29.96
C LEU E 4 23.52 -40.28 -29.21
N TRP E 5 23.38 -39.16 -29.90
CA TRP E 5 23.91 -37.87 -29.50
C TRP E 5 22.83 -36.84 -29.16
N VAL E 6 23.23 -35.83 -28.39
CA VAL E 6 22.35 -35.11 -27.47
C VAL E 6 21.20 -34.39 -28.19
N THR E 7 20.12 -34.12 -27.44
CA THR E 7 18.94 -33.42 -27.95
C THR E 7 18.30 -32.63 -26.82
N VAL E 8 17.32 -31.80 -27.19
CA VAL E 8 16.44 -31.14 -26.23
C VAL E 8 15.00 -31.29 -26.70
N TYR E 9 14.20 -31.99 -25.89
CA TYR E 9 12.75 -31.88 -25.98
C TYR E 9 12.28 -30.51 -25.52
N TYR E 10 11.10 -30.12 -26.00
CA TYR E 10 10.29 -29.08 -25.39
C TYR E 10 8.86 -29.59 -25.27
N GLY E 11 8.22 -29.25 -24.14
CA GLY E 11 6.88 -29.74 -23.87
C GLY E 11 6.83 -31.11 -23.21
N VAL E 12 7.90 -31.52 -22.54
CA VAL E 12 7.93 -32.81 -21.85
C VAL E 12 6.85 -32.82 -20.76
N PRO E 13 5.95 -33.82 -20.72
CA PRO E 13 4.96 -33.89 -19.61
C PRO E 13 5.48 -34.62 -18.37
N VAL E 14 6.24 -33.90 -17.55
CA VAL E 14 6.76 -34.42 -16.28
C VAL E 14 6.47 -33.40 -15.19
N TRP E 15 6.81 -33.77 -13.96
CA TRP E 15 6.39 -33.04 -12.77
C TRP E 15 7.56 -32.79 -11.83
N LYS E 16 7.43 -31.73 -11.04
CA LYS E 16 8.27 -31.49 -9.88
C LYS E 16 7.39 -30.98 -8.75
N GLU E 17 7.58 -31.55 -7.56
CA GLU E 17 6.73 -31.27 -6.42
C GLU E 17 7.04 -29.90 -5.82
N ALA E 18 6.83 -28.84 -6.59
CA ALA E 18 7.15 -27.50 -6.13
C ALA E 18 6.03 -26.93 -5.27
N LYS E 19 6.36 -25.88 -4.54
CA LYS E 19 5.40 -25.14 -3.71
C LYS E 19 5.37 -23.69 -4.16
N THR E 20 4.17 -23.12 -4.23
CA THR E 20 4.01 -21.77 -4.73
C THR E 20 2.77 -21.16 -4.11
N THR E 21 2.51 -19.90 -4.48
CA THR E 21 1.37 -19.15 -3.97
C THR E 21 0.19 -19.32 -4.91
N LEU E 22 -0.80 -20.08 -4.48
CA LEU E 22 -2.02 -20.22 -5.25
C LEU E 22 -2.82 -18.92 -5.23
N PHE E 23 -3.75 -18.81 -6.18
CA PHE E 23 -4.70 -17.72 -6.22
C PHE E 23 -6.08 -18.27 -6.56
N CYS E 24 -7.11 -17.71 -5.95
CA CYS E 24 -8.45 -18.27 -6.06
C CYS E 24 -9.27 -17.61 -7.15
N ALA E 25 -10.44 -18.20 -7.42
CA ALA E 25 -11.44 -17.65 -8.30
C ALA E 25 -12.79 -17.76 -7.61
N SER E 26 -13.59 -16.70 -7.67
CA SER E 26 -14.88 -16.67 -7.00
C SER E 26 -15.83 -15.81 -7.80
N ASP E 27 -17.13 -16.13 -7.71
CA ASP E 27 -18.16 -15.34 -8.36
C ASP E 27 -18.40 -14.04 -7.60
N ALA E 28 -18.94 -13.05 -8.31
CA ALA E 28 -19.21 -11.75 -7.71
C ALA E 28 -20.36 -11.08 -8.43
N LYS E 29 -21.09 -10.23 -7.69
CA LYS E 29 -22.28 -9.57 -8.24
C LYS E 29 -22.43 -8.10 -7.86
N ALA E 30 -21.70 -7.60 -6.87
CA ALA E 30 -21.89 -6.21 -6.44
C ALA E 30 -20.67 -5.75 -5.64
N TYR E 31 -20.82 -4.60 -4.99
CA TYR E 31 -19.71 -3.95 -4.31
C TYR E 31 -19.12 -4.84 -3.22
N GLU E 32 -19.97 -5.36 -2.32
CA GLU E 32 -19.51 -6.25 -1.25
C GLU E 32 -19.63 -7.71 -1.68
N LYS E 33 -19.07 -7.98 -2.86
CA LYS E 33 -18.64 -9.29 -3.34
C LYS E 33 -19.79 -10.23 -3.72
N GLU E 34 -21.00 -10.04 -3.20
CA GLU E 34 -22.22 -10.24 -3.98
C GLU E 34 -23.33 -9.27 -3.58
N VAL E 35 -23.59 -9.15 -2.28
CA VAL E 35 -24.45 -8.11 -1.69
C VAL E 35 -23.72 -7.54 -0.48
N HIS E 36 -23.27 -8.46 0.39
CA HIS E 36 -22.50 -8.17 1.59
C HIS E 36 -21.34 -9.14 1.66
N ASN E 37 -20.25 -8.75 2.33
CA ASN E 37 -19.00 -9.51 2.30
C ASN E 37 -18.36 -9.61 3.67
N VAL E 38 -17.81 -10.79 3.95
CA VAL E 38 -16.77 -10.97 4.95
C VAL E 38 -15.64 -11.76 4.32
N TRP E 39 -15.97 -12.94 3.78
CA TRP E 39 -14.97 -13.91 3.33
C TRP E 39 -14.75 -13.88 1.83
N ALA E 40 -15.76 -13.55 1.04
CA ALA E 40 -15.59 -13.54 -0.41
C ALA E 40 -14.64 -12.42 -0.82
N THR E 41 -14.09 -12.56 -2.03
CA THR E 41 -13.28 -11.48 -2.61
C THR E 41 -13.34 -11.61 -4.12
N HIS E 42 -14.03 -10.65 -4.74
CA HIS E 42 -14.09 -10.55 -6.19
C HIS E 42 -12.72 -10.49 -6.86
N ALA E 43 -11.69 -10.03 -6.14
CA ALA E 43 -10.34 -10.02 -6.71
C ALA E 43 -9.94 -11.41 -7.19
N CYS E 44 -10.29 -12.44 -6.45
CA CYS E 44 -10.41 -13.78 -7.02
C CYS E 44 -11.54 -13.77 -8.03
N VAL E 45 -11.17 -13.88 -9.29
CA VAL E 45 -12.00 -13.48 -10.43
C VAL E 45 -13.16 -14.46 -10.61
N PRO E 46 -14.32 -14.03 -11.08
CA PRO E 46 -15.25 -14.98 -11.69
C PRO E 46 -14.76 -15.37 -13.08
N THR E 47 -15.33 -16.43 -13.68
CA THR E 47 -16.32 -17.36 -13.12
C THR E 47 -15.63 -18.70 -12.91
N ASP E 48 -16.37 -19.66 -12.37
CA ASP E 48 -15.86 -20.98 -11.99
C ASP E 48 -15.13 -21.66 -13.15
N PRO E 49 -13.77 -21.80 -13.10
CA PRO E 49 -13.08 -22.53 -14.18
C PRO E 49 -12.91 -24.02 -13.90
N SER E 50 -13.67 -24.56 -12.95
CA SER E 50 -13.63 -25.99 -12.62
C SER E 50 -14.03 -26.96 -13.74
N PRO E 51 -14.83 -26.59 -14.75
CA PRO E 51 -15.18 -27.60 -15.78
C PRO E 51 -14.00 -28.21 -16.51
N GLN E 52 -12.83 -27.57 -16.48
CA GLN E 52 -11.64 -28.21 -17.04
C GLN E 52 -11.22 -29.37 -16.14
N GLU E 53 -11.57 -30.59 -16.55
CA GLU E 53 -11.28 -31.79 -15.79
C GLU E 53 -10.85 -32.88 -16.76
N LEU E 54 -10.01 -33.81 -16.28
CA LEU E 54 -9.52 -34.88 -17.12
C LEU E 54 -9.06 -36.05 -16.26
N VAL E 55 -9.48 -37.25 -16.61
CA VAL E 55 -8.92 -38.46 -16.01
C VAL E 55 -7.68 -38.88 -16.78
N LEU E 56 -6.70 -39.42 -16.06
CA LEU E 56 -5.39 -39.73 -16.63
C LEU E 56 -5.05 -41.20 -16.41
N LYS E 57 -4.40 -41.79 -17.40
CA LYS E 57 -4.02 -43.20 -17.34
C LYS E 57 -2.76 -43.38 -16.51
N ASN E 58 -2.73 -44.43 -15.69
CA ASN E 58 -1.55 -44.94 -15.01
C ASN E 58 -0.88 -43.89 -14.11
N VAL E 59 -1.60 -42.85 -13.69
CA VAL E 59 -1.00 -41.79 -12.89
C VAL E 59 -1.02 -42.20 -11.43
N THR E 60 0.03 -42.89 -11.00
CA THR E 60 0.22 -43.22 -9.59
C THR E 60 1.02 -42.12 -8.93
N GLU E 61 0.42 -41.47 -7.92
CA GLU E 61 1.04 -40.33 -7.26
C GLU E 61 0.70 -40.36 -5.79
N ASN E 62 1.63 -39.86 -4.98
CA ASN E 62 1.46 -39.81 -3.54
C ASN E 62 0.73 -38.53 -3.14
N PHE E 63 -0.07 -38.62 -2.08
CA PHE E 63 -0.76 -37.48 -1.50
C PHE E 63 -0.51 -37.47 0.00
N ASN E 64 -0.58 -36.27 0.60
CA ASN E 64 -0.38 -36.12 2.03
C ASN E 64 -1.13 -34.87 2.47
N MET E 65 -2.30 -35.06 3.08
CA MET E 65 -3.08 -33.92 3.53
C MET E 65 -2.51 -33.29 4.80
N TRP E 66 -1.87 -34.09 5.66
CA TRP E 66 -1.25 -33.55 6.86
C TRP E 66 -0.10 -32.61 6.52
N LYS E 67 0.68 -32.95 5.50
CA LYS E 67 1.82 -32.16 5.09
C LYS E 67 1.48 -31.11 4.05
N ASN E 68 0.20 -30.94 3.70
CA ASN E 68 -0.19 -29.92 2.74
C ASN E 68 0.16 -28.53 3.27
N ASP E 69 0.59 -27.66 2.37
CA ASP E 69 1.01 -26.30 2.70
C ASP E 69 0.07 -25.23 2.16
N MET E 70 -0.57 -25.45 1.02
CA MET E 70 -1.42 -24.42 0.44
C MET E 70 -2.60 -24.09 1.34
N VAL E 71 -3.02 -25.02 2.19
CA VAL E 71 -4.05 -24.72 3.18
C VAL E 71 -3.56 -23.61 4.11
N ASP E 72 -2.27 -23.60 4.43
CA ASP E 72 -1.73 -22.54 5.28
C ASP E 72 -1.82 -21.19 4.57
N GLN E 73 -1.49 -21.17 3.28
CA GLN E 73 -1.59 -19.93 2.50
C GLN E 73 -3.04 -19.46 2.44
N MET E 74 -3.97 -20.39 2.26
CA MET E 74 -5.39 -20.05 2.23
C MET E 74 -5.86 -19.50 3.57
N HIS E 75 -5.40 -20.09 4.67
CA HIS E 75 -5.71 -19.56 5.99
C HIS E 75 -5.16 -18.16 6.18
N GLU E 76 -3.92 -17.93 5.73
CA GLU E 76 -3.33 -16.60 5.80
C GLU E 76 -4.18 -15.61 5.01
N ASP E 77 -4.66 -16.03 3.84
CA ASP E 77 -5.51 -15.18 3.03
C ASP E 77 -6.79 -14.82 3.77
N ILE E 78 -7.44 -15.81 4.39
CA ILE E 78 -8.70 -15.53 5.09
C ILE E 78 -8.47 -14.57 6.25
N ILE E 79 -7.43 -14.82 7.04
CA ILE E 79 -7.24 -13.99 8.23
C ILE E 79 -6.86 -12.57 7.82
N SER E 80 -6.02 -12.41 6.79
CA SER E 80 -5.67 -11.08 6.32
C SER E 80 -6.89 -10.34 5.78
N LEU E 81 -7.72 -11.04 5.00
CA LEU E 81 -8.93 -10.44 4.46
C LEU E 81 -9.87 -10.01 5.58
N TRP E 82 -10.05 -10.87 6.57
CA TRP E 82 -10.95 -10.57 7.67
C TRP E 82 -10.44 -9.37 8.48
N ASP E 83 -9.12 -9.29 8.66
CA ASP E 83 -8.55 -8.17 9.40
C ASP E 83 -8.74 -6.87 8.64
N GLN E 84 -8.37 -6.84 7.35
CA GLN E 84 -8.48 -5.60 6.60
C GLN E 84 -9.94 -5.21 6.39
N SER E 85 -10.85 -6.18 6.45
CA SER E 85 -12.28 -5.83 6.41
C SER E 85 -12.68 -5.03 7.63
N LEU E 86 -12.18 -5.40 8.81
CA LEU E 86 -12.50 -4.70 10.04
C LEU E 86 -11.62 -3.48 10.29
N LYS E 87 -10.59 -3.26 9.48
CA LYS E 87 -9.75 -2.09 9.65
C LYS E 87 -10.51 -0.76 9.61
N PRO E 88 -11.39 -0.48 8.64
CA PRO E 88 -12.02 0.84 8.59
C PRO E 88 -13.10 1.06 9.64
N CYS E 89 -13.59 0.00 10.28
CA CYS E 89 -14.77 0.13 11.13
C CYS E 89 -14.46 0.93 12.39
N VAL E 90 -15.52 1.22 13.15
CA VAL E 90 -15.41 2.10 14.30
C VAL E 90 -14.64 1.44 15.41
N LYS E 91 -13.95 2.25 16.22
CA LYS E 91 -13.27 1.80 17.43
C LYS E 91 -14.15 2.12 18.63
N LEU E 92 -14.42 1.10 19.45
CA LEU E 92 -15.31 1.25 20.60
C LEU E 92 -14.55 1.59 21.88
N THR E 93 -13.40 2.25 21.77
CA THR E 93 -12.66 2.68 22.95
C THR E 93 -13.46 3.58 23.89
N PRO E 94 -14.26 4.56 23.42
CA PRO E 94 -14.94 5.45 24.38
C PRO E 94 -15.87 4.75 25.35
N LEU E 95 -16.40 3.58 24.99
CA LEU E 95 -17.40 2.91 25.82
C LEU E 95 -16.88 2.51 27.19
N CYS E 96 -15.57 2.28 27.33
CA CYS E 96 -15.02 1.71 28.57
C CYS E 96 -15.03 2.75 29.69
N VAL E 97 -16.22 2.94 30.25
CA VAL E 97 -16.44 3.76 31.43
C VAL E 97 -17.28 2.95 32.41
N THR E 98 -17.29 3.40 33.67
CA THR E 98 -18.01 2.68 34.71
C THR E 98 -19.50 2.60 34.38
N LEU E 99 -20.07 1.41 34.59
CA LEU E 99 -21.45 1.13 34.28
C LEU E 99 -22.19 0.73 35.56
N ASN E 100 -23.23 1.48 35.90
CA ASN E 100 -24.16 1.10 36.96
C ASN E 100 -25.22 0.21 36.34
N CYS E 101 -25.30 -1.04 36.80
CA CYS E 101 -26.03 -2.07 36.10
C CYS E 101 -26.88 -2.90 37.05
N SER E 102 -27.84 -3.60 36.45
CA SER E 102 -28.68 -4.55 37.17
C SER E 102 -29.16 -5.60 36.17
N ASN E 103 -30.03 -6.49 36.64
CA ASN E 103 -30.56 -7.57 35.82
C ASN E 103 -31.68 -7.05 34.93
N ALA E 104 -32.43 -7.96 34.30
CA ALA E 104 -33.51 -7.58 33.41
C ALA E 104 -34.60 -6.84 34.18
N ARG E 105 -35.47 -6.17 33.42
CA ARG E 105 -36.52 -5.37 34.05
C ARG E 105 -37.51 -6.25 34.80
N SER E 106 -37.89 -7.37 34.21
CA SER E 106 -38.88 -8.25 34.83
C SER E 106 -38.81 -9.64 34.20
N THR E 116 -33.82 -20.74 30.99
CA THR E 116 -35.12 -20.47 31.59
C THR E 116 -35.68 -19.14 31.12
N ILE E 117 -34.94 -18.06 31.39
CA ILE E 117 -35.43 -16.71 31.14
C ILE E 117 -34.22 -15.83 30.86
N MET E 118 -34.46 -14.65 30.29
CA MET E 118 -33.41 -13.71 29.93
C MET E 118 -33.02 -12.79 31.09
N GLY E 119 -33.18 -13.28 32.33
CA GLY E 119 -32.34 -12.82 33.42
C GLY E 119 -30.86 -12.91 33.11
N GLU E 120 -30.46 -13.78 32.17
CA GLU E 120 -29.16 -13.69 31.49
C GLU E 120 -28.76 -12.25 31.15
N MET E 121 -29.71 -11.41 30.75
CA MET E 121 -29.43 -10.05 30.32
C MET E 121 -29.07 -9.24 31.55
N LYS E 122 -28.10 -8.33 31.44
CA LYS E 122 -27.78 -7.38 32.50
C LYS E 122 -28.08 -5.97 32.02
N ASN E 123 -29.06 -5.34 32.65
CA ASN E 123 -29.38 -3.96 32.33
C ASN E 123 -28.27 -3.05 32.81
N CYS E 124 -27.86 -2.11 31.95
CA CYS E 124 -26.75 -1.22 32.26
C CYS E 124 -27.10 0.21 31.87
N SER E 125 -26.77 1.14 32.76
CA SER E 125 -26.89 2.57 32.54
C SER E 125 -25.54 3.21 32.76
N PHE E 126 -25.20 4.20 31.93
CA PHE E 126 -23.85 4.74 31.93
C PHE E 126 -23.86 6.12 31.29
N ASN E 127 -22.77 6.84 31.53
CA ASN E 127 -22.58 8.17 30.97
C ASN E 127 -21.90 8.08 29.60
N THR E 128 -22.24 9.02 28.73
CA THR E 128 -21.65 9.07 27.40
C THR E 128 -21.66 10.50 26.90
N THR E 129 -20.77 10.78 25.95
CA THR E 129 -20.65 12.13 25.40
C THR E 129 -21.55 12.29 24.19
N THR E 130 -22.04 13.52 24.00
CA THR E 130 -22.86 13.85 22.85
C THR E 130 -21.96 14.18 21.66
N GLU E 131 -22.55 14.72 20.60
CA GLU E 131 -21.76 15.21 19.48
C GLU E 131 -20.93 16.43 19.87
N ILE E 132 -21.40 17.23 20.82
CA ILE E 132 -20.58 18.27 21.44
C ILE E 132 -19.63 17.55 22.38
N ARG E 133 -18.33 17.83 22.23
CA ARG E 133 -17.32 17.00 22.88
C ARG E 133 -17.33 17.10 24.39
N ASP E 134 -17.86 18.19 24.96
CA ASP E 134 -17.80 18.44 26.39
C ASP E 134 -19.10 18.16 27.13
N LYS E 135 -20.16 17.74 26.43
CA LYS E 135 -21.46 17.51 27.04
C LYS E 135 -21.72 16.03 27.21
N GLU E 136 -22.27 15.68 28.37
CA GLU E 136 -22.48 14.29 28.77
C GLU E 136 -23.96 14.00 28.93
N LYS E 137 -24.33 12.74 28.67
CA LYS E 137 -25.69 12.27 28.85
C LYS E 137 -25.67 10.84 29.36
N LYS E 138 -26.73 10.45 30.06
CA LYS E 138 -26.88 9.10 30.56
C LYS E 138 -27.51 8.20 29.50
N GLU E 139 -27.43 6.89 29.73
CA GLU E 139 -27.89 5.91 28.76
C GLU E 139 -28.59 4.76 29.48
N TYR E 140 -29.23 3.90 28.69
CA TYR E 140 -30.08 2.83 29.22
C TYR E 140 -29.92 1.64 28.26
N ALA E 141 -29.00 0.74 28.58
CA ALA E 141 -28.54 -0.29 27.66
C ALA E 141 -28.59 -1.67 28.30
N LEU E 142 -28.60 -2.69 27.45
CA LEU E 142 -28.67 -4.09 27.85
C LEU E 142 -27.46 -4.85 27.28
N PHE E 143 -26.90 -5.75 28.09
CA PHE E 143 -25.75 -6.55 27.66
C PHE E 143 -25.85 -7.96 28.23
N TYR E 144 -25.16 -8.88 27.55
CA TYR E 144 -25.04 -10.25 28.04
C TYR E 144 -24.11 -10.30 29.24
N LYS E 145 -24.39 -11.19 30.17
CA LYS E 145 -23.56 -11.40 31.35
C LYS E 145 -22.10 -11.72 31.03
N PRO E 146 -21.80 -12.69 30.16
CA PRO E 146 -20.38 -13.03 29.93
C PRO E 146 -19.57 -11.92 29.30
N ASP E 147 -20.20 -10.89 28.72
CA ASP E 147 -19.50 -9.80 28.06
C ASP E 147 -19.27 -8.60 28.97
N VAL E 148 -19.50 -8.76 30.29
CA VAL E 148 -19.25 -7.70 31.25
C VAL E 148 -18.61 -8.31 32.50
N VAL E 149 -17.57 -7.66 32.98
CA VAL E 149 -16.83 -8.07 34.18
C VAL E 149 -17.22 -7.13 35.31
N PRO E 150 -17.61 -7.63 36.49
CA PRO E 150 -17.79 -6.71 37.62
C PRO E 150 -16.44 -6.22 38.11
N LEU E 151 -16.45 -5.01 38.68
CA LEU E 151 -15.22 -4.48 39.25
C LEU E 151 -14.84 -5.25 40.51
N ASN E 152 -13.77 -4.81 41.16
CA ASN E 152 -13.26 -5.45 42.37
C ASN E 152 -14.33 -5.58 43.43
N GLU E 153 -14.48 -6.79 43.97
CA GLU E 153 -15.54 -7.09 44.93
C GLU E 153 -15.40 -6.33 46.24
N THR E 154 -14.23 -5.76 46.54
CA THR E 154 -14.14 -4.87 47.70
C THR E 154 -15.07 -3.67 47.53
N SER E 155 -15.17 -3.15 46.32
CA SER E 155 -16.25 -2.25 45.95
C SER E 155 -17.51 -3.06 45.68
N ASN E 156 -18.64 -2.37 45.67
CA ASN E 156 -19.92 -3.05 45.44
C ASN E 156 -19.94 -3.64 44.03
N THR E 157 -20.49 -4.84 43.92
CA THR E 157 -20.50 -5.59 42.67
C THR E 157 -21.44 -5.01 41.62
N SER E 158 -22.27 -4.01 41.94
CA SER E 158 -23.18 -3.45 40.95
C SER E 158 -22.46 -2.75 39.80
N GLU E 159 -21.18 -2.39 39.97
CA GLU E 159 -20.42 -1.67 38.96
C GLU E 159 -19.66 -2.66 38.09
N TYR E 160 -19.71 -2.42 36.78
CA TYR E 160 -19.13 -3.33 35.80
C TYR E 160 -18.29 -2.53 34.81
N ARG E 161 -17.56 -3.26 33.97
CA ARG E 161 -16.80 -2.68 32.88
C ARG E 161 -16.75 -3.67 31.74
N LEU E 162 -16.39 -3.17 30.55
CA LEU E 162 -16.18 -4.07 29.42
C LEU E 162 -14.96 -4.93 29.66
N ILE E 163 -15.01 -6.16 29.13
CA ILE E 163 -13.96 -7.15 29.45
C ILE E 163 -12.64 -6.76 28.82
N ASN E 164 -12.67 -6.14 27.63
CA ASN E 164 -11.46 -6.05 26.82
C ASN E 164 -10.49 -4.99 27.34
N CYS E 165 -10.99 -3.86 27.83
CA CYS E 165 -10.12 -2.70 28.06
C CYS E 165 -9.08 -2.91 29.15
N ASN E 166 -9.19 -3.97 29.96
CA ASN E 166 -8.08 -4.28 30.84
C ASN E 166 -6.90 -4.86 30.07
N THR E 167 -7.11 -5.35 28.84
CA THR E 167 -6.08 -6.05 28.08
C THR E 167 -5.79 -5.38 26.75
N SER E 168 -6.82 -4.96 26.02
CA SER E 168 -6.63 -4.46 24.66
C SER E 168 -7.81 -3.61 24.26
N ALA E 169 -7.77 -3.13 23.01
CA ALA E 169 -8.78 -2.24 22.48
C ALA E 169 -9.96 -3.03 21.92
N CYS E 170 -10.88 -2.31 21.28
CA CYS E 170 -12.09 -2.89 20.71
C CYS E 170 -12.35 -2.26 19.36
N THR E 171 -13.13 -2.95 18.53
CA THR E 171 -13.54 -2.45 17.23
C THR E 171 -14.94 -2.95 16.90
N GLN E 172 -15.71 -2.09 16.26
CA GLN E 172 -17.05 -2.45 15.81
C GLN E 172 -16.98 -3.22 14.50
N ALA E 173 -17.97 -4.08 14.28
CA ALA E 173 -18.15 -4.76 13.00
C ALA E 173 -19.06 -3.91 12.13
N CYS E 174 -18.59 -3.58 10.93
CA CYS E 174 -19.36 -2.72 10.05
C CYS E 174 -20.66 -3.42 9.65
N PRO E 175 -21.76 -2.68 9.42
CA PRO E 175 -23.04 -3.37 9.18
C PRO E 175 -23.08 -4.13 7.87
N LYS E 176 -22.74 -3.48 6.76
CA LYS E 176 -22.79 -4.15 5.45
C LYS E 176 -21.71 -5.20 5.27
N VAL E 177 -20.72 -5.26 6.17
CA VAL E 177 -19.71 -6.31 6.12
C VAL E 177 -20.19 -7.49 6.97
N THR E 178 -21.05 -8.32 6.39
CA THR E 178 -21.61 -9.50 7.03
C THR E 178 -22.00 -10.49 5.95
N PHE E 179 -21.56 -11.74 6.08
CA PHE E 179 -21.67 -12.65 4.95
C PHE E 179 -21.48 -14.10 5.39
N GLU E 180 -22.28 -14.99 4.81
CA GLU E 180 -22.10 -16.42 5.00
C GLU E 180 -21.01 -16.93 4.05
N PRO E 181 -20.41 -18.09 4.35
CA PRO E 181 -19.33 -18.60 3.48
C PRO E 181 -19.78 -18.88 2.05
N ILE E 182 -18.99 -18.43 1.08
CA ILE E 182 -19.25 -18.67 -0.34
C ILE E 182 -18.40 -19.84 -0.81
N PRO E 183 -18.86 -20.69 -1.73
CA PRO E 183 -17.93 -21.62 -2.38
C PRO E 183 -16.94 -20.87 -3.24
N ILE E 184 -15.66 -20.96 -2.85
CA ILE E 184 -14.58 -20.23 -3.51
C ILE E 184 -13.55 -21.23 -4.00
N HIS E 185 -13.19 -21.13 -5.27
CA HIS E 185 -12.31 -22.09 -5.93
C HIS E 185 -10.87 -21.60 -5.92
N TYR E 186 -9.96 -22.50 -5.57
CA TYR E 186 -8.52 -22.22 -5.61
C TYR E 186 -7.94 -22.75 -6.91
N CYS E 187 -7.31 -21.86 -7.67
CA CYS E 187 -6.93 -22.11 -9.06
C CYS E 187 -5.41 -22.03 -9.18
N ALA E 188 -4.84 -22.95 -9.96
CA ALA E 188 -3.40 -22.94 -10.16
C ALA E 188 -3.03 -21.78 -11.08
N PRO E 189 -1.90 -21.09 -10.85
CA PRO E 189 -1.41 -20.15 -11.86
C PRO E 189 -0.82 -20.89 -13.05
N ALA E 190 -0.44 -20.11 -14.06
CA ALA E 190 0.17 -20.68 -15.26
C ALA E 190 1.49 -21.35 -14.90
N GLY E 191 1.74 -22.50 -15.52
CA GLY E 191 2.90 -23.30 -15.21
C GLY E 191 2.70 -24.28 -14.08
N TYR E 192 1.64 -24.13 -13.29
CA TYR E 192 1.30 -25.04 -12.21
C TYR E 192 0.02 -25.79 -12.55
N ALA E 193 -0.23 -26.86 -11.81
CA ALA E 193 -1.42 -27.67 -12.01
C ALA E 193 -1.84 -28.27 -10.68
N ILE E 194 -3.11 -28.65 -10.60
CA ILE E 194 -3.71 -29.21 -9.39
C ILE E 194 -4.04 -30.67 -9.67
N LEU E 195 -3.53 -31.55 -8.82
CA LEU E 195 -3.79 -32.99 -8.91
C LEU E 195 -4.79 -33.40 -7.84
N LYS E 196 -5.88 -34.02 -8.28
CA LYS E 196 -6.97 -34.45 -7.41
C LYS E 196 -6.97 -35.97 -7.35
N CYS E 197 -6.80 -36.51 -6.14
CA CYS E 197 -7.00 -37.94 -5.96
C CYS E 197 -8.49 -38.25 -6.02
N ASN E 198 -8.80 -39.42 -6.59
CA ASN E 198 -10.19 -39.82 -6.84
C ASN E 198 -10.57 -41.13 -6.16
N ASN E 199 -9.61 -41.87 -5.60
CA ASN E 199 -9.93 -43.10 -4.89
C ASN E 199 -10.73 -42.75 -3.65
N LYS E 200 -11.90 -43.37 -3.50
CA LYS E 200 -12.79 -43.01 -2.39
C LYS E 200 -12.24 -43.51 -1.05
N THR E 201 -11.42 -44.57 -1.08
CA THR E 201 -10.88 -45.14 0.15
C THR E 201 -9.57 -44.52 0.57
N PHE E 202 -9.33 -43.26 0.24
CA PHE E 202 -8.08 -42.58 0.55
C PHE E 202 -7.83 -42.57 2.05
N ASN E 203 -6.64 -43.00 2.45
CA ASN E 203 -6.33 -43.25 3.85
C ASN E 203 -5.62 -42.05 4.48
N GLY E 204 -5.85 -40.86 3.94
CA GLY E 204 -5.22 -39.65 4.47
C GLY E 204 -3.90 -39.35 3.80
N THR E 205 -3.16 -40.38 3.41
CA THR E 205 -1.90 -40.17 2.70
C THR E 205 -1.45 -41.49 2.09
N GLY E 206 -0.79 -41.39 0.95
CA GLY E 206 -0.29 -42.56 0.24
C GLY E 206 -0.52 -42.45 -1.26
N PRO E 207 -0.20 -43.51 -1.99
CA PRO E 207 -0.42 -43.49 -3.45
C PRO E 207 -1.90 -43.38 -3.79
N CYS E 208 -2.16 -42.77 -4.94
CA CYS E 208 -3.50 -42.70 -5.51
C CYS E 208 -3.41 -43.08 -6.98
N SER E 209 -4.34 -43.95 -7.40
CA SER E 209 -4.29 -44.54 -8.74
C SER E 209 -5.29 -43.97 -9.73
N ASN E 210 -6.46 -43.49 -9.29
CA ASN E 210 -7.48 -42.97 -10.18
C ASN E 210 -7.35 -41.45 -10.26
N VAL E 211 -6.11 -40.95 -10.20
CA VAL E 211 -5.88 -39.52 -10.08
C VAL E 211 -6.40 -38.79 -11.32
N SER E 212 -7.07 -37.66 -11.08
CA SER E 212 -7.53 -36.76 -12.13
C SER E 212 -6.86 -35.41 -11.91
N THR E 213 -6.99 -34.54 -12.91
CA THR E 213 -6.37 -33.23 -12.88
C THR E 213 -7.36 -32.18 -13.37
N VAL E 214 -7.26 -31.00 -12.77
CA VAL E 214 -8.19 -29.90 -13.03
C VAL E 214 -7.40 -28.61 -13.10
N GLN E 215 -7.84 -27.71 -13.98
CA GLN E 215 -7.27 -26.37 -14.01
C GLN E 215 -7.51 -25.65 -12.69
N CYS E 216 -8.67 -25.87 -12.08
CA CYS E 216 -9.02 -25.24 -10.82
C CYS E 216 -9.92 -26.19 -10.04
N THR E 217 -9.95 -26.00 -8.73
CA THR E 217 -10.50 -27.01 -7.83
C THR E 217 -11.91 -26.66 -7.36
N HIS E 218 -12.40 -27.49 -6.44
CA HIS E 218 -13.76 -27.34 -5.92
C HIS E 218 -13.90 -26.03 -5.15
N GLY E 219 -15.12 -25.49 -5.16
CA GLY E 219 -15.42 -24.28 -4.43
C GLY E 219 -15.66 -24.51 -2.96
N ILE E 220 -14.59 -24.72 -2.19
CA ILE E 220 -14.74 -24.95 -0.75
C ILE E 220 -15.29 -23.71 -0.09
N ARG E 221 -16.23 -23.91 0.85
CA ARG E 221 -16.80 -22.82 1.64
C ARG E 221 -15.94 -22.54 2.85
N PRO E 222 -15.57 -21.28 3.16
CA PRO E 222 -14.84 -21.02 4.40
C PRO E 222 -15.75 -21.06 5.62
N VAL E 223 -16.26 -22.26 5.93
CA VAL E 223 -17.21 -22.40 7.03
C VAL E 223 -16.46 -22.32 8.35
N VAL E 224 -17.16 -21.86 9.39
CA VAL E 224 -16.58 -21.65 10.71
C VAL E 224 -17.45 -22.39 11.73
N SER E 225 -16.86 -23.38 12.40
CA SER E 225 -17.56 -24.09 13.46
C SER E 225 -16.61 -24.92 14.30
N THR E 226 -16.84 -24.98 15.61
CA THR E 226 -15.97 -25.70 16.53
C THR E 226 -16.60 -27.03 16.92
N GLN E 227 -15.74 -28.06 17.00
CA GLN E 227 -16.09 -29.42 17.44
C GLN E 227 -16.89 -30.22 16.41
N LEU E 228 -17.36 -29.58 15.34
CA LEU E 228 -18.14 -30.24 14.32
C LEU E 228 -17.90 -29.57 12.98
N LEU E 229 -18.09 -30.33 11.90
CA LEU E 229 -18.01 -29.82 10.54
C LEU E 229 -19.42 -29.78 9.97
N LEU E 230 -19.84 -28.60 9.51
CA LEU E 230 -21.20 -28.38 9.06
C LEU E 230 -21.19 -27.63 7.74
N ASN E 231 -22.25 -27.83 6.96
CA ASN E 231 -22.37 -27.25 5.61
C ASN E 231 -21.16 -27.63 4.75
N GLY E 232 -20.68 -28.87 4.92
CA GLY E 232 -19.58 -29.39 4.14
C GLY E 232 -20.05 -30.35 3.07
N SER E 233 -19.08 -31.03 2.46
CA SER E 233 -19.33 -32.00 1.41
C SER E 233 -19.19 -33.41 1.98
N LEU E 234 -20.24 -34.21 1.85
CA LEU E 234 -20.23 -35.56 2.40
C LEU E 234 -19.25 -36.45 1.64
N ALA E 235 -18.80 -37.50 2.30
CA ALA E 235 -18.02 -38.53 1.63
C ALA E 235 -18.93 -39.39 0.78
N GLU E 236 -18.33 -40.09 -0.18
CA GLU E 236 -19.06 -40.96 -1.10
C GLU E 236 -18.97 -42.43 -0.74
N LYS E 237 -17.93 -42.84 -0.01
CA LYS E 237 -17.90 -44.15 0.63
C LYS E 237 -18.72 -44.07 1.90
N GLU E 238 -18.60 -45.06 2.78
CA GLU E 238 -19.22 -44.97 4.10
C GLU E 238 -18.41 -43.95 4.92
N ILE E 239 -18.72 -43.81 6.20
CA ILE E 239 -18.07 -42.81 7.03
C ILE E 239 -16.57 -43.08 7.10
N VAL E 240 -15.78 -42.03 6.92
CA VAL E 240 -14.34 -42.13 6.69
C VAL E 240 -13.61 -41.66 7.95
N ILE E 241 -12.47 -42.27 8.22
CA ILE E 241 -11.60 -41.92 9.33
C ILE E 241 -10.23 -41.53 8.78
N ARG E 242 -9.66 -40.46 9.33
CA ARG E 242 -8.33 -40.00 8.94
C ARG E 242 -7.56 -39.55 10.17
N SER E 243 -6.28 -39.89 10.21
CA SER E 243 -5.46 -39.59 11.38
C SER E 243 -4.00 -39.58 10.98
N GLU E 244 -3.20 -38.85 11.75
CA GLU E 244 -1.75 -38.90 11.57
C GLU E 244 -1.22 -40.28 11.90
N ASN E 245 -1.55 -40.78 13.09
CA ASN E 245 -1.23 -42.16 13.47
C ASN E 245 -2.11 -42.49 14.67
N LEU E 246 -2.99 -43.48 14.51
CA LEU E 246 -4.00 -43.76 15.53
C LEU E 246 -3.35 -44.17 16.83
N THR E 247 -2.33 -45.02 16.77
CA THR E 247 -1.63 -45.46 17.97
C THR E 247 -0.96 -44.30 18.69
N ASN E 248 -0.58 -43.23 17.98
CA ASN E 248 -0.14 -42.00 18.62
C ASN E 248 -1.39 -41.29 19.14
N ASN E 249 -1.80 -41.71 20.35
CA ASN E 249 -3.17 -41.49 20.81
C ASN E 249 -3.50 -40.01 20.96
N ALA E 250 -2.53 -39.19 21.39
CA ALA E 250 -2.86 -37.84 21.81
C ALA E 250 -2.99 -36.86 20.64
N LYS E 251 -3.06 -37.36 19.40
CA LYS E 251 -3.24 -36.50 18.24
C LYS E 251 -4.70 -36.55 17.76
N ILE E 252 -5.03 -35.61 16.86
CA ILE E 252 -6.42 -35.44 16.46
C ILE E 252 -6.82 -36.53 15.46
N ILE E 253 -8.04 -37.05 15.62
CA ILE E 253 -8.70 -37.90 14.65
C ILE E 253 -9.87 -37.12 14.08
N ILE E 254 -10.07 -37.23 12.77
CA ILE E 254 -11.14 -36.53 12.06
C ILE E 254 -12.06 -37.59 11.46
N VAL E 255 -13.36 -37.32 11.53
CA VAL E 255 -14.38 -38.21 10.98
C VAL E 255 -15.18 -37.43 9.94
N HIS E 256 -15.31 -38.02 8.75
CA HIS E 256 -16.02 -37.41 7.63
C HIS E 256 -17.25 -38.26 7.33
N LEU E 257 -18.42 -37.65 7.42
CA LEU E 257 -19.67 -38.37 7.28
C LEU E 257 -20.02 -38.60 5.82
N ASN E 258 -20.69 -39.71 5.55
CA ASN E 258 -21.25 -40.01 4.25
C ASN E 258 -22.72 -39.60 4.13
N THR E 259 -23.38 -39.30 5.24
CA THR E 259 -24.76 -38.84 5.26
C THR E 259 -24.88 -37.67 6.22
N SER E 260 -25.59 -36.63 5.79
CA SER E 260 -25.71 -35.43 6.59
C SER E 260 -26.76 -35.59 7.68
N VAL E 261 -26.64 -34.76 8.71
CA VAL E 261 -27.60 -34.67 9.79
C VAL E 261 -27.98 -33.20 9.97
N GLU E 262 -29.26 -32.95 10.18
CA GLU E 262 -29.80 -31.61 10.19
C GLU E 262 -29.86 -31.05 11.60
N ILE E 263 -29.51 -29.77 11.73
CA ILE E 263 -29.62 -29.04 12.99
C ILE E 263 -30.20 -27.66 12.69
N VAL E 264 -31.12 -27.21 13.53
CA VAL E 264 -31.75 -25.90 13.42
C VAL E 264 -31.60 -25.19 14.76
N CYS E 265 -31.24 -23.91 14.70
CA CYS E 265 -31.04 -23.09 15.88
C CYS E 265 -31.86 -21.82 15.76
N THR E 266 -32.50 -21.45 16.86
CA THR E 266 -33.40 -20.30 16.90
C THR E 266 -33.39 -19.72 18.30
N ARG E 267 -33.78 -18.45 18.40
CA ARG E 267 -34.22 -17.87 19.66
C ARG E 267 -35.50 -17.10 19.41
N PRO E 268 -36.54 -17.25 20.23
CA PRO E 268 -37.76 -16.48 20.00
C PRO E 268 -37.55 -15.01 20.33
N GLY E 269 -38.60 -14.23 20.09
CA GLY E 269 -38.66 -12.85 20.52
C GLY E 269 -38.43 -11.85 19.42
N ASN E 270 -39.27 -10.81 19.36
CA ASN E 270 -39.11 -9.72 18.41
C ASN E 270 -38.13 -8.70 18.97
N ASN E 271 -36.88 -9.13 19.16
CA ASN E 271 -35.88 -8.29 19.80
C ASN E 271 -35.55 -7.09 18.92
N THR E 272 -35.27 -5.96 19.57
CA THR E 272 -35.04 -4.69 18.91
C THR E 272 -33.74 -4.08 19.41
N ARG E 273 -32.97 -3.52 18.48
CA ARG E 273 -31.76 -2.77 18.81
C ARG E 273 -32.02 -1.29 18.68
N LYS E 274 -31.13 -0.49 19.26
CA LYS E 274 -31.16 0.96 19.14
C LYS E 274 -29.76 1.48 18.90
N SER E 275 -29.63 2.38 17.94
CA SER E 275 -28.35 3.05 17.73
C SER E 275 -28.10 4.04 18.86
N VAL E 276 -26.84 4.18 19.23
CA VAL E 276 -26.41 5.05 20.31
C VAL E 276 -25.29 5.94 19.77
N ARG E 277 -25.57 7.23 19.61
CA ARG E 277 -24.57 8.16 19.15
C ARG E 277 -23.44 8.28 20.18
N ILE E 278 -22.22 8.00 19.74
CA ILE E 278 -21.03 8.12 20.58
C ILE E 278 -19.97 8.95 19.87
N GLY E 279 -19.99 10.26 20.13
CA GLY E 279 -19.09 11.17 19.48
C GLY E 279 -19.53 11.46 18.06
N PRO E 280 -18.80 12.34 17.38
CA PRO E 280 -19.22 12.77 16.03
C PRO E 280 -18.90 11.74 14.98
N GLY E 281 -19.93 11.23 14.30
CA GLY E 281 -19.75 10.42 13.12
C GLY E 281 -19.76 8.93 13.31
N GLN E 282 -20.17 8.43 14.48
CA GLN E 282 -20.26 6.99 14.68
C GLN E 282 -21.35 6.71 15.71
N THR E 283 -21.89 5.49 15.65
CA THR E 283 -22.97 5.05 16.52
C THR E 283 -22.72 3.63 17.00
N PHE E 284 -22.93 3.41 18.30
CA PHE E 284 -22.94 2.07 18.84
C PHE E 284 -24.33 1.46 18.67
N TYR E 285 -24.37 0.13 18.53
CA TYR E 285 -25.60 -0.63 18.35
C TYR E 285 -25.79 -1.50 19.59
N ALA E 286 -26.50 -0.97 20.57
CA ALA E 286 -26.86 -1.73 21.77
C ALA E 286 -28.22 -2.37 21.60
N THR E 287 -28.41 -3.50 22.27
CA THR E 287 -29.72 -4.15 22.29
C THR E 287 -30.68 -3.30 23.12
N GLY E 288 -31.81 -2.93 22.53
CA GLY E 288 -32.73 -2.01 23.17
C GLY E 288 -33.76 -2.70 24.05
N ASP E 289 -34.33 -3.80 23.55
CA ASP E 289 -35.35 -4.52 24.30
C ASP E 289 -35.51 -5.91 23.71
N ILE E 290 -36.08 -6.80 24.51
CA ILE E 290 -36.44 -8.16 24.10
C ILE E 290 -37.95 -8.30 24.26
N ILE E 291 -38.60 -8.80 23.20
CA ILE E 291 -40.06 -8.84 23.14
C ILE E 291 -40.51 -10.25 22.76
N GLY E 292 -40.84 -11.06 23.77
CA GLY E 292 -41.36 -12.38 23.51
C GLY E 292 -41.07 -13.31 24.67
N ASP E 293 -41.52 -14.56 24.51
CA ASP E 293 -41.19 -15.59 25.50
C ASP E 293 -39.70 -15.78 25.58
N ILE E 294 -39.01 -15.71 24.43
CA ILE E 294 -37.56 -15.67 24.31
C ILE E 294 -36.88 -16.75 25.12
N ARG E 295 -37.40 -17.97 25.03
CA ARG E 295 -36.72 -19.13 25.58
C ARG E 295 -35.35 -19.26 24.94
N GLN E 296 -34.31 -19.40 25.77
CA GLN E 296 -32.96 -19.10 25.32
C GLN E 296 -32.44 -20.11 24.31
N ALA E 297 -32.27 -19.63 23.07
CA ALA E 297 -31.34 -20.17 22.08
C ALA E 297 -31.35 -21.68 21.89
N HIS E 298 -32.45 -22.36 22.16
CA HIS E 298 -32.46 -23.81 22.01
C HIS E 298 -32.34 -24.19 20.54
N CYS E 299 -31.62 -25.29 20.30
CA CYS E 299 -31.39 -25.82 18.96
C CYS E 299 -32.03 -27.19 18.86
N ASN E 300 -32.52 -27.52 17.66
CA ASN E 300 -33.24 -28.77 17.41
C ASN E 300 -32.38 -29.67 16.53
N ILE E 301 -32.21 -30.92 16.96
CA ILE E 301 -31.46 -31.93 16.24
C ILE E 301 -32.45 -32.89 15.59
N SER E 302 -32.06 -33.49 14.47
CA SER E 302 -32.99 -34.31 13.70
C SER E 302 -33.29 -35.64 14.37
N GLU E 303 -33.94 -35.60 15.52
CA GLU E 303 -34.47 -36.77 16.21
C GLU E 303 -33.34 -37.77 16.47
N GLY E 304 -33.64 -39.07 16.50
CA GLY E 304 -32.66 -40.09 16.81
C GLY E 304 -31.80 -40.52 15.64
N GLN E 305 -31.78 -39.72 14.56
CA GLN E 305 -30.83 -40.01 13.49
C GLN E 305 -29.40 -39.89 14.00
N TRP E 306 -29.18 -39.04 15.00
CA TRP E 306 -27.92 -39.06 15.74
C TRP E 306 -27.72 -40.40 16.43
N ASN E 307 -28.80 -40.91 17.04
CA ASN E 307 -28.73 -42.21 17.71
C ASN E 307 -28.33 -43.31 16.75
N LYS E 308 -28.76 -43.20 15.50
CA LYS E 308 -28.34 -44.17 14.48
C LYS E 308 -26.91 -43.90 14.04
N THR E 309 -26.55 -42.64 13.85
CA THR E 309 -25.27 -42.30 13.25
C THR E 309 -24.11 -42.69 14.15
N LEU E 310 -24.29 -42.54 15.46
CA LEU E 310 -23.23 -42.93 16.37
C LEU E 310 -22.94 -44.42 16.29
N HIS E 311 -23.93 -45.25 15.95
CA HIS E 311 -23.67 -46.66 15.75
C HIS E 311 -22.68 -46.87 14.60
N GLU E 312 -22.90 -46.19 13.48
CA GLU E 312 -22.03 -46.35 12.33
C GLU E 312 -20.63 -45.84 12.65
N VAL E 313 -20.54 -44.71 13.36
CA VAL E 313 -19.23 -44.17 13.72
C VAL E 313 -18.50 -45.13 14.65
N SER E 314 -19.23 -45.72 15.60
CA SER E 314 -18.63 -46.67 16.52
C SER E 314 -18.11 -47.90 15.78
N LYS E 315 -18.89 -48.40 14.83
CA LYS E 315 -18.44 -49.55 14.05
C LYS E 315 -17.19 -49.21 13.25
N GLU E 316 -17.17 -48.03 12.63
CA GLU E 316 -16.00 -47.60 11.86
C GLU E 316 -14.76 -47.54 12.74
N LEU E 317 -14.90 -46.96 13.94
CA LEU E 317 -13.77 -46.90 14.84
C LEU E 317 -13.34 -48.29 15.29
N GLN E 318 -14.32 -49.14 15.62
CA GLN E 318 -14.02 -50.48 16.10
C GLN E 318 -13.32 -51.32 15.04
N LYS E 319 -13.55 -51.00 13.76
CA LYS E 319 -12.89 -51.74 12.69
C LYS E 319 -11.37 -51.64 12.80
N HIS E 320 -10.85 -50.48 13.18
CA HIS E 320 -9.42 -50.24 13.18
C HIS E 320 -8.70 -50.77 14.41
N PHE E 321 -9.42 -51.08 15.50
CA PHE E 321 -8.82 -51.33 16.80
C PHE E 321 -9.34 -52.63 17.40
N PRO E 322 -8.61 -53.23 18.34
CA PRO E 322 -9.16 -54.38 19.06
C PRO E 322 -10.31 -53.96 19.95
N ASN E 323 -10.87 -54.94 20.65
CA ASN E 323 -12.14 -54.77 21.36
C ASN E 323 -12.00 -53.97 22.65
N LYS E 324 -11.63 -52.69 22.52
CA LYS E 324 -11.88 -51.70 23.56
C LYS E 324 -13.21 -51.03 23.26
N THR E 325 -14.21 -51.29 24.09
CA THR E 325 -15.58 -50.91 23.77
C THR E 325 -15.70 -49.40 23.59
N ILE E 326 -16.35 -48.99 22.50
CA ILE E 326 -16.44 -47.59 22.16
C ILE E 326 -17.60 -46.95 22.92
N LYS E 327 -17.39 -45.71 23.35
CA LYS E 327 -18.38 -44.94 24.09
C LYS E 327 -18.06 -43.47 23.84
N TYR E 328 -18.75 -42.59 24.57
CA TYR E 328 -18.63 -41.15 24.31
C TYR E 328 -18.79 -40.39 25.61
N GLU E 329 -18.31 -39.15 25.60
CA GLU E 329 -18.16 -38.36 26.81
C GLU E 329 -18.31 -36.89 26.45
N ARG E 330 -18.60 -36.08 27.46
CA ARG E 330 -18.71 -34.63 27.31
C ARG E 330 -17.41 -34.03 26.80
N SER E 331 -17.42 -32.73 26.46
CA SER E 331 -16.19 -32.05 26.11
C SER E 331 -15.22 -32.08 27.29
N ALA E 332 -13.93 -32.13 26.97
CA ALA E 332 -12.92 -32.24 28.02
C ALA E 332 -12.93 -31.05 28.96
N GLY E 333 -13.10 -29.84 28.44
CA GLY E 333 -13.15 -28.64 29.26
C GLY E 333 -12.38 -27.50 28.64
N GLY E 334 -11.45 -26.93 29.41
CA GLY E 334 -10.67 -25.84 28.88
C GLY E 334 -11.52 -24.60 28.69
N ASP E 335 -11.16 -23.84 27.65
CA ASP E 335 -11.83 -22.58 27.39
C ASP E 335 -13.26 -22.82 26.91
N MET E 336 -14.06 -21.75 26.99
CA MET E 336 -15.48 -21.86 26.68
C MET E 336 -15.71 -22.25 25.23
N GLU E 337 -14.93 -21.67 24.31
CA GLU E 337 -15.09 -22.01 22.90
C GLU E 337 -14.72 -23.46 22.62
N ILE E 338 -13.75 -24.02 23.34
CA ILE E 338 -13.44 -25.44 23.22
C ILE E 338 -14.44 -26.28 24.01
N ALA E 339 -14.96 -25.74 25.11
CA ALA E 339 -15.95 -26.49 25.87
C ALA E 339 -17.22 -26.72 25.07
N THR E 340 -17.62 -25.73 24.27
CA THR E 340 -18.89 -25.74 23.57
C THR E 340 -18.69 -25.73 22.06
N HIS E 341 -19.63 -26.36 21.36
CA HIS E 341 -19.74 -26.17 19.92
C HIS E 341 -20.06 -24.71 19.62
N SER E 342 -19.37 -24.14 18.63
CA SER E 342 -19.53 -22.74 18.26
C SER E 342 -19.84 -22.64 16.78
N PHE E 343 -20.50 -21.55 16.42
CA PHE E 343 -20.82 -21.25 15.03
C PHE E 343 -21.37 -19.83 14.96
N ASN E 344 -21.35 -19.27 13.75
CA ASN E 344 -21.77 -17.89 13.50
C ASN E 344 -22.86 -17.81 12.43
N CYS E 345 -23.84 -18.71 12.50
CA CYS E 345 -24.85 -18.79 11.45
C CYS E 345 -25.64 -17.49 11.31
N GLY E 346 -26.15 -16.96 12.42
CA GLY E 346 -27.01 -15.80 12.40
C GLY E 346 -26.29 -14.46 12.46
N GLY E 347 -24.99 -14.43 12.16
CA GLY E 347 -24.21 -13.23 12.34
C GLY E 347 -23.73 -13.13 13.77
N GLU E 348 -24.68 -13.09 14.71
CA GLU E 348 -24.34 -13.25 16.11
C GLU E 348 -23.78 -14.65 16.35
N PHE E 349 -22.89 -14.76 17.32
CA PHE E 349 -22.17 -15.99 17.60
C PHE E 349 -22.92 -16.82 18.62
N PHE E 350 -22.96 -18.13 18.40
CA PHE E 350 -23.69 -19.08 19.22
C PHE E 350 -22.72 -20.06 19.86
N TYR E 351 -23.06 -20.49 21.07
CA TYR E 351 -22.28 -21.51 21.77
C TYR E 351 -23.25 -22.45 22.48
N CYS E 352 -22.96 -23.75 22.42
CA CYS E 352 -23.85 -24.78 22.93
C CYS E 352 -23.09 -25.84 23.71
N ASN E 353 -23.57 -26.13 24.92
CA ASN E 353 -23.04 -27.22 25.73
C ASN E 353 -23.46 -28.53 25.08
N THR E 354 -22.48 -29.28 24.59
CA THR E 354 -22.73 -30.47 23.80
C THR E 354 -22.80 -31.75 24.63
N SER E 355 -23.19 -31.64 25.90
CA SER E 355 -23.23 -32.82 26.76
C SER E 355 -24.24 -33.85 26.26
N ASN E 356 -25.40 -33.39 25.80
CA ASN E 356 -26.44 -34.31 25.35
C ASN E 356 -26.02 -35.08 24.11
N LEU E 357 -25.12 -34.55 23.29
CA LEU E 357 -24.71 -35.24 22.08
C LEU E 357 -23.95 -36.54 22.40
N PHE E 358 -23.02 -36.47 23.35
CA PHE E 358 -22.08 -37.56 23.61
C PHE E 358 -22.42 -38.39 24.84
N ASN E 359 -23.55 -38.14 25.48
CA ASN E 359 -23.98 -38.98 26.59
C ASN E 359 -24.40 -40.35 26.05
N GLY E 360 -24.42 -41.34 26.95
CA GLY E 360 -24.85 -42.67 26.58
C GLY E 360 -23.74 -43.51 25.99
N THR E 361 -23.76 -44.82 26.26
CA THR E 361 -22.69 -45.71 25.84
C THR E 361 -23.18 -47.03 25.26
N TYR E 362 -24.40 -47.44 25.59
CA TYR E 362 -24.83 -48.82 25.45
C TYR E 362 -25.58 -49.06 24.14
N ASN E 363 -25.64 -50.33 23.74
CA ASN E 363 -26.22 -50.70 22.45
C ASN E 363 -27.69 -50.32 22.35
N GLY E 364 -28.38 -50.18 23.48
CA GLY E 364 -29.76 -49.75 23.47
C GLY E 364 -29.98 -48.40 22.85
N THR E 365 -28.95 -47.54 22.86
CA THR E 365 -28.96 -46.29 22.10
C THR E 365 -27.70 -46.13 21.26
N TYR E 366 -26.98 -47.23 20.97
CA TYR E 366 -25.87 -47.22 20.04
C TYR E 366 -25.89 -48.38 19.06
N ILE E 367 -26.84 -49.30 19.17
CA ILE E 367 -27.16 -50.24 18.10
C ILE E 367 -28.68 -50.21 17.91
N ASN E 368 -29.29 -49.04 18.15
CA ASN E 368 -30.74 -48.88 18.09
C ASN E 368 -31.05 -47.63 17.30
N THR E 369 -32.18 -47.66 16.59
CA THR E 369 -32.59 -46.56 15.71
C THR E 369 -34.09 -46.33 15.85
N SER E 370 -34.50 -45.07 15.78
CA SER E 370 -35.91 -44.71 15.85
C SER E 370 -36.04 -43.22 15.63
N SER E 371 -37.28 -42.77 15.45
CA SER E 371 -37.61 -41.36 15.27
C SER E 371 -38.67 -40.94 16.29
N THR E 372 -38.23 -40.20 17.31
CA THR E 372 -39.09 -39.83 18.43
C THR E 372 -39.36 -38.33 18.51
N SER E 373 -38.30 -37.54 18.64
CA SER E 373 -38.44 -36.11 18.84
C SER E 373 -37.07 -35.46 18.84
N TYR E 374 -37.03 -34.18 18.46
CA TYR E 374 -35.75 -33.50 18.28
C TYR E 374 -35.03 -33.36 19.61
N ILE E 375 -33.73 -33.66 19.60
CA ILE E 375 -32.91 -33.48 20.79
C ILE E 375 -32.54 -32.01 20.92
N THR E 376 -32.51 -31.53 22.16
CA THR E 376 -32.33 -30.11 22.46
C THR E 376 -30.96 -29.88 23.08
N LEU E 377 -30.33 -28.77 22.70
CA LEU E 377 -29.06 -28.33 23.26
C LEU E 377 -29.23 -26.99 23.94
N GLN E 378 -28.86 -26.91 25.21
CA GLN E 378 -28.76 -25.63 25.88
C GLN E 378 -27.65 -24.82 25.22
N CYS E 379 -27.91 -23.54 24.95
CA CYS E 379 -26.97 -22.70 24.24
C CYS E 379 -26.90 -21.31 24.87
N ARG E 380 -25.94 -20.52 24.39
CA ARG E 380 -25.64 -19.21 24.94
C ARG E 380 -25.19 -18.29 23.82
N ILE E 381 -25.43 -16.99 24.01
CA ILE E 381 -25.15 -15.97 23.00
C ILE E 381 -24.03 -15.07 23.51
N LYS E 382 -23.23 -14.56 22.57
CA LYS E 382 -22.11 -13.68 22.90
C LYS E 382 -21.97 -12.66 21.78
N GLN E 383 -21.40 -11.50 22.13
CA GLN E 383 -21.08 -10.46 21.16
C GLN E 383 -19.59 -10.26 20.97
N ILE E 384 -18.89 -9.88 22.02
CA ILE E 384 -17.46 -9.64 21.95
C ILE E 384 -16.79 -10.99 21.77
N ILE E 385 -15.75 -11.03 20.94
CA ILE E 385 -15.09 -12.29 20.63
C ILE E 385 -13.72 -11.98 20.05
N ASN E 386 -12.74 -12.76 20.51
CA ASN E 386 -11.45 -12.88 19.82
C ASN E 386 -11.65 -13.96 18.76
N MET E 387 -11.76 -13.51 17.51
CA MET E 387 -12.40 -14.30 16.46
C MET E 387 -11.71 -15.64 16.24
N TRP E 388 -10.46 -15.62 15.77
CA TRP E 388 -9.81 -16.86 15.33
C TRP E 388 -9.13 -17.51 16.52
N GLN E 389 -9.94 -18.17 17.35
CA GLN E 389 -9.45 -19.11 18.36
C GLN E 389 -8.51 -18.44 19.36
N GLY E 390 -8.89 -17.26 19.87
CA GLY E 390 -8.16 -16.62 20.93
C GLY E 390 -7.08 -15.64 20.50
N VAL E 391 -6.77 -15.57 19.20
CA VAL E 391 -5.84 -14.55 18.74
C VAL E 391 -6.47 -13.18 18.95
N GLY E 392 -5.64 -12.21 19.33
CA GLY E 392 -6.14 -10.97 19.90
C GLY E 392 -6.75 -9.97 18.94
N ARG E 393 -7.62 -10.42 18.03
CA ARG E 393 -8.43 -9.52 17.21
C ARG E 393 -9.75 -9.25 17.96
N CYS E 394 -9.61 -8.60 19.11
CA CYS E 394 -10.75 -8.33 19.99
C CYS E 394 -11.67 -7.34 19.30
N MET E 395 -12.86 -7.81 18.94
CA MET E 395 -13.82 -7.02 18.18
C MET E 395 -15.22 -7.32 18.70
N TYR E 396 -16.17 -6.48 18.28
CA TYR E 396 -17.56 -6.55 18.74
C TYR E 396 -18.47 -6.64 17.53
N ALA E 397 -19.49 -7.49 17.65
CA ALA E 397 -20.53 -7.65 16.64
C ALA E 397 -21.82 -7.02 17.15
N PRO E 398 -22.58 -6.28 16.32
CA PRO E 398 -23.79 -5.65 16.83
C PRO E 398 -24.94 -6.64 16.87
N PRO E 399 -26.03 -6.32 17.56
CA PRO E 399 -27.18 -7.22 17.57
C PRO E 399 -27.98 -7.12 16.27
N ILE E 400 -28.89 -8.07 16.10
CA ILE E 400 -29.76 -8.16 14.93
C ILE E 400 -31.18 -8.30 15.44
N ALA E 401 -32.13 -7.85 14.61
CA ALA E 401 -33.54 -7.88 14.97
C ALA E 401 -34.00 -9.31 15.27
N GLY E 402 -35.21 -9.41 15.84
CA GLY E 402 -35.69 -10.66 16.40
C GLY E 402 -36.00 -11.76 15.41
N ASN E 403 -36.42 -12.91 15.94
CA ASN E 403 -36.80 -14.07 15.13
C ASN E 403 -35.66 -14.55 14.25
N ILE E 404 -34.44 -14.46 14.76
CA ILE E 404 -33.29 -14.99 14.02
C ILE E 404 -33.38 -16.51 13.97
N THR E 405 -33.01 -17.08 12.82
CA THR E 405 -33.10 -18.52 12.63
C THR E 405 -31.97 -18.96 11.71
N CYS E 406 -31.65 -20.26 11.79
CA CYS E 406 -30.55 -20.83 11.03
C CYS E 406 -30.88 -22.27 10.65
N LYS E 407 -30.19 -22.76 9.63
CA LYS E 407 -30.31 -24.14 9.19
C LYS E 407 -28.97 -24.59 8.62
N SER E 408 -28.62 -25.84 8.86
CA SER E 408 -27.31 -26.34 8.46
C SER E 408 -27.35 -27.86 8.36
N ASN E 409 -26.35 -28.41 7.68
CA ASN E 409 -26.16 -29.85 7.56
C ASN E 409 -24.82 -30.24 8.16
N ILE E 410 -24.84 -31.13 9.14
CA ILE E 410 -23.61 -31.59 9.78
C ILE E 410 -22.96 -32.65 8.90
N THR E 411 -21.63 -32.61 8.81
CA THR E 411 -20.88 -33.46 7.88
C THR E 411 -19.65 -34.11 8.47
N GLY E 412 -19.16 -33.70 9.64
CA GLY E 412 -17.95 -34.31 10.18
C GLY E 412 -17.76 -33.97 11.64
N LEU E 413 -16.89 -34.74 12.28
CA LEU E 413 -16.64 -34.66 13.72
C LEU E 413 -15.15 -34.67 13.97
N LEU E 414 -14.77 -34.24 15.17
CA LEU E 414 -13.38 -34.20 15.62
C LEU E 414 -13.26 -35.01 16.91
N LEU E 415 -12.21 -35.81 17.00
CA LEU E 415 -12.01 -36.69 18.14
C LEU E 415 -10.52 -36.91 18.40
N THR E 416 -10.22 -37.23 19.66
CA THR E 416 -8.91 -37.65 20.14
C THR E 416 -8.88 -39.19 20.24
N ARG E 417 -7.88 -39.75 20.93
CA ARG E 417 -7.78 -41.19 21.06
C ARG E 417 -7.06 -41.56 22.35
N ASP E 418 -7.29 -42.80 22.80
CA ASP E 418 -6.69 -43.40 23.99
C ASP E 418 -5.51 -44.31 23.63
N ARG E 431 -14.23 -38.47 23.55
CA ARG E 431 -14.27 -37.06 23.90
C ARG E 431 -14.22 -36.22 22.64
N PRO E 432 -15.04 -35.17 22.49
CA PRO E 432 -14.88 -34.30 21.32
C PRO E 432 -13.68 -33.38 21.49
N ALA E 433 -12.97 -33.15 20.39
CA ALA E 433 -11.79 -32.30 20.40
C ALA E 433 -12.19 -30.84 20.19
N GLY E 434 -11.25 -29.95 20.48
CA GLY E 434 -11.43 -28.54 20.20
C GLY E 434 -11.20 -28.25 18.73
N GLY E 435 -10.00 -28.56 18.25
CA GLY E 435 -9.66 -28.46 16.85
C GLY E 435 -9.08 -27.10 16.49
N ASP E 436 -8.65 -27.03 15.24
CA ASP E 436 -8.11 -25.81 14.64
C ASP E 436 -8.82 -25.58 13.32
N MET E 437 -9.14 -24.31 13.04
CA MET E 437 -9.96 -24.01 11.88
C MET E 437 -9.17 -24.28 10.61
N ARG E 438 -7.87 -24.01 10.65
CA ARG E 438 -6.96 -24.43 9.58
C ARG E 438 -7.03 -25.93 9.38
N ASP E 439 -7.02 -26.70 10.47
CA ASP E 439 -7.15 -28.15 10.35
C ASP E 439 -8.52 -28.53 9.78
N ASN E 440 -9.57 -27.85 10.23
CA ASN E 440 -10.92 -28.13 9.75
C ASN E 440 -11.05 -27.92 8.25
N TRP E 441 -10.40 -26.90 7.70
CA TRP E 441 -10.33 -26.75 6.25
C TRP E 441 -9.39 -27.75 5.60
N ARG E 442 -8.32 -28.13 6.29
CA ARG E 442 -7.42 -29.14 5.76
C ARG E 442 -8.12 -30.49 5.62
N SER E 443 -9.14 -30.72 6.44
CA SER E 443 -9.97 -31.90 6.30
C SER E 443 -10.70 -31.93 4.95
N GLU E 444 -10.89 -30.77 4.32
CA GLU E 444 -11.52 -30.67 3.02
C GLU E 444 -10.50 -30.71 1.88
N LEU E 445 -9.32 -30.13 2.10
CA LEU E 445 -8.33 -30.00 1.04
C LEU E 445 -7.49 -31.25 0.85
N TYR E 446 -7.83 -32.36 1.51
CA TYR E 446 -7.08 -33.60 1.33
C TYR E 446 -7.12 -34.09 -0.11
N LYS E 447 -8.17 -33.72 -0.85
CA LYS E 447 -8.35 -34.24 -2.20
C LYS E 447 -7.25 -33.78 -3.13
N TYR E 448 -6.64 -32.63 -2.87
CA TYR E 448 -5.91 -31.86 -3.88
C TYR E 448 -4.43 -31.74 -3.51
N LYS E 449 -3.64 -31.42 -4.54
CA LYS E 449 -2.20 -31.27 -4.41
C LYS E 449 -1.72 -30.32 -5.51
N VAL E 450 -0.59 -29.67 -5.27
CA VAL E 450 -0.02 -28.67 -6.18
C VAL E 450 1.26 -29.23 -6.79
N VAL E 451 1.51 -28.88 -8.05
CA VAL E 451 2.67 -29.36 -8.78
C VAL E 451 2.99 -28.37 -9.89
N LYS E 452 4.22 -28.43 -10.41
CA LYS E 452 4.68 -27.59 -11.50
C LYS E 452 5.23 -28.43 -12.64
N ILE E 453 5.42 -27.78 -13.79
CA ILE E 453 5.81 -28.47 -15.02
C ILE E 453 7.30 -28.27 -15.28
N GLU E 454 7.92 -29.24 -15.96
CA GLU E 454 9.33 -29.19 -16.36
C GLU E 454 9.44 -29.65 -17.81
N PRO E 455 9.49 -28.73 -18.79
CA PRO E 455 9.13 -29.11 -20.17
C PRO E 455 10.24 -29.67 -21.06
N LEU E 456 11.38 -30.12 -20.55
CA LEU E 456 12.50 -30.51 -21.41
C LEU E 456 13.14 -31.82 -20.94
N GLY E 457 13.73 -32.54 -21.89
CA GLY E 457 14.24 -33.88 -21.65
C GLY E 457 15.00 -34.43 -22.84
N VAL E 458 15.29 -35.74 -22.81
CA VAL E 458 16.13 -36.41 -23.80
C VAL E 458 15.67 -37.84 -24.04
N ALA E 459 16.20 -38.46 -25.14
CA ALA E 459 15.78 -39.80 -25.62
C ALA E 459 16.79 -40.37 -26.61
N PRO E 460 16.55 -41.58 -27.23
CA PRO E 460 17.39 -42.06 -28.37
C PRO E 460 16.82 -42.00 -29.81
N GLY F 10 -4.80 -31.69 -21.73
CA GLY F 10 -4.51 -32.92 -22.46
C GLY F 10 -3.06 -33.34 -22.32
N PHE F 11 -2.15 -32.37 -22.20
CA PHE F 11 -0.73 -32.66 -22.03
C PHE F 11 -0.47 -33.55 -20.83
N LEU F 12 -1.30 -33.46 -19.79
CA LEU F 12 -1.18 -34.39 -18.68
C LEU F 12 -1.61 -35.80 -19.10
N GLY F 13 -2.44 -35.92 -20.14
CA GLY F 13 -2.70 -37.24 -20.71
C GLY F 13 -1.43 -37.86 -21.26
N ALA F 14 -0.56 -37.05 -21.84
CA ALA F 14 0.73 -37.55 -22.30
C ALA F 14 1.59 -38.02 -21.14
N ALA F 15 1.45 -37.38 -19.98
CA ALA F 15 2.19 -37.83 -18.80
C ALA F 15 1.80 -39.26 -18.42
N GLY F 16 0.53 -39.61 -18.64
CA GLY F 16 0.05 -40.94 -18.33
C GLY F 16 0.20 -41.92 -19.47
N SER F 17 1.24 -41.75 -20.28
CA SER F 17 1.49 -42.62 -21.41
C SER F 17 2.99 -42.66 -21.67
N THR F 18 3.40 -43.63 -22.48
CA THR F 18 4.81 -43.78 -22.80
C THR F 18 5.24 -42.69 -23.78
N MET F 19 6.50 -42.78 -24.22
CA MET F 19 7.09 -41.69 -24.98
C MET F 19 6.46 -41.54 -26.36
N GLY F 20 6.21 -42.65 -27.05
CA GLY F 20 5.76 -42.61 -28.42
C GLY F 20 4.43 -41.92 -28.61
N ALA F 21 3.44 -42.27 -27.81
CA ALA F 21 2.13 -41.61 -27.90
C ALA F 21 2.25 -40.14 -27.52
N ALA F 22 3.06 -39.84 -26.51
CA ALA F 22 3.21 -38.46 -26.05
C ALA F 22 3.88 -37.58 -27.12
N SER F 23 4.68 -38.19 -27.99
CA SER F 23 5.43 -37.42 -28.97
C SER F 23 4.54 -36.60 -29.89
N MET F 24 3.27 -36.98 -30.07
CA MET F 24 2.36 -36.26 -30.95
C MET F 24 1.60 -35.12 -30.25
N THR F 25 1.83 -34.90 -28.95
CA THR F 25 1.08 -33.91 -28.19
C THR F 25 1.96 -32.96 -27.40
N LEU F 26 3.15 -32.62 -27.89
CA LEU F 26 4.04 -31.75 -27.14
C LEU F 26 3.59 -30.29 -27.22
N THR F 27 2.97 -29.90 -28.33
CA THR F 27 2.70 -28.48 -28.58
C THR F 27 1.69 -27.91 -27.59
N VAL F 28 0.66 -28.68 -27.25
CA VAL F 28 -0.42 -28.17 -26.41
C VAL F 28 0.09 -27.79 -25.02
N GLN F 29 1.06 -28.55 -24.50
CA GLN F 29 1.66 -28.19 -23.22
C GLN F 29 2.32 -26.83 -23.29
N ALA F 30 3.07 -26.58 -24.38
CA ALA F 30 3.70 -25.28 -24.56
C ALA F 30 2.64 -24.19 -24.69
N ARG F 31 1.53 -24.49 -25.36
CA ARG F 31 0.47 -23.51 -25.54
C ARG F 31 -0.09 -23.08 -24.18
N ASN F 32 -0.41 -24.04 -23.32
CA ASN F 32 -1.01 -23.68 -22.04
C ASN F 32 0.04 -23.16 -21.06
N LEU F 33 1.33 -23.42 -21.32
CA LEU F 33 2.37 -23.03 -20.38
C LEU F 33 2.47 -21.52 -20.20
N LEU F 34 1.98 -20.75 -21.17
CA LEU F 34 2.21 -19.30 -21.13
C LEU F 34 1.31 -18.60 -20.12
N SER F 35 0.00 -18.75 -20.27
CA SER F 35 -0.93 -17.92 -19.52
C SER F 35 -2.24 -18.67 -19.29
N THR F 58 -8.87 -4.30 -1.01
CA THR F 58 -8.23 -5.56 -1.39
C THR F 58 -6.93 -5.31 -2.16
N VAL F 59 -5.93 -4.83 -1.42
CA VAL F 59 -4.53 -4.97 -1.84
C VAL F 59 -4.18 -6.45 -1.79
N TRP F 60 -4.90 -7.20 -0.94
CA TRP F 60 -4.93 -8.65 -0.92
C TRP F 60 -4.93 -9.29 -2.31
N GLY F 61 -5.65 -8.68 -3.25
CA GLY F 61 -5.68 -9.22 -4.61
C GLY F 61 -4.48 -8.87 -5.46
N ILE F 62 -3.55 -8.04 -4.95
CA ILE F 62 -2.40 -7.64 -5.75
C ILE F 62 -1.43 -8.80 -5.94
N LYS F 63 -1.57 -9.87 -5.15
CA LYS F 63 -0.61 -10.97 -5.19
C LYS F 63 -0.56 -11.69 -6.54
N GLN F 64 -1.56 -11.48 -7.40
CA GLN F 64 -1.53 -12.05 -8.75
C GLN F 64 -0.30 -11.62 -9.52
N LEU F 65 0.20 -10.41 -9.24
CA LEU F 65 1.31 -9.87 -10.01
C LEU F 65 2.56 -10.71 -9.85
N GLN F 66 2.83 -11.21 -8.63
CA GLN F 66 3.99 -12.05 -8.42
C GLN F 66 3.90 -13.32 -9.25
N ALA F 67 2.73 -13.96 -9.25
CA ALA F 67 2.55 -15.19 -10.02
C ALA F 67 2.72 -14.92 -11.51
N ARG F 68 2.14 -13.82 -12.00
CA ARG F 68 2.27 -13.48 -13.41
C ARG F 68 3.71 -13.24 -13.78
N VAL F 69 4.44 -12.48 -12.94
CA VAL F 69 5.82 -12.15 -13.24
C VAL F 69 6.68 -13.42 -13.23
N LEU F 70 6.45 -14.30 -12.26
CA LEU F 70 7.27 -15.50 -12.16
C LEU F 70 6.98 -16.46 -13.32
N ALA F 71 5.71 -16.60 -13.72
CA ALA F 71 5.40 -17.44 -14.86
C ALA F 71 6.01 -16.88 -16.14
N VAL F 72 5.92 -15.57 -16.31
CA VAL F 72 6.52 -14.93 -17.48
C VAL F 72 8.03 -15.12 -17.47
N GLU F 73 8.64 -15.05 -16.29
CA GLU F 73 10.08 -15.24 -16.19
C GLU F 73 10.48 -16.67 -16.52
N ARG F 74 9.68 -17.65 -16.07
CA ARG F 74 9.97 -19.03 -16.42
C ARG F 74 9.89 -19.24 -17.93
N TYR F 75 8.85 -18.68 -18.55
CA TYR F 75 8.73 -18.78 -20.00
C TYR F 75 9.90 -18.10 -20.69
N LEU F 76 10.31 -16.93 -20.19
CA LEU F 76 11.42 -16.22 -20.80
C LEU F 76 12.72 -16.99 -20.62
N ARG F 77 12.89 -17.66 -19.48
CA ARG F 77 14.05 -18.52 -19.30
C ARG F 77 14.04 -19.65 -20.33
N ASP F 78 12.87 -20.23 -20.58
CA ASP F 78 12.77 -21.28 -21.58
C ASP F 78 13.18 -20.78 -22.95
N GLN F 79 12.60 -19.65 -23.39
CA GLN F 79 12.93 -19.13 -24.71
C GLN F 79 14.39 -18.70 -24.79
N GLN F 80 14.90 -18.06 -23.75
CA GLN F 80 16.30 -17.66 -23.71
C GLN F 80 17.21 -18.87 -23.88
N LEU F 81 16.97 -19.91 -23.08
CA LEU F 81 17.87 -21.05 -23.11
C LEU F 81 17.75 -21.80 -24.42
N LEU F 82 16.55 -21.83 -25.00
CA LEU F 82 16.39 -22.31 -26.38
C LEU F 82 17.25 -21.50 -27.34
N GLY F 83 17.34 -20.20 -27.10
CA GLY F 83 18.27 -19.40 -27.88
C GLY F 83 19.71 -19.82 -27.69
N ILE F 84 20.09 -20.11 -26.43
CA ILE F 84 21.49 -20.36 -26.14
C ILE F 84 21.93 -21.73 -26.67
N TRP F 85 21.02 -22.70 -26.83
CA TRP F 85 21.38 -23.87 -27.61
C TRP F 85 21.47 -23.57 -29.10
N GLY F 86 21.06 -22.38 -29.54
CA GLY F 86 20.89 -22.12 -30.96
C GLY F 86 19.73 -22.88 -31.55
N CYS F 87 18.65 -23.03 -30.80
CA CYS F 87 17.59 -23.97 -31.12
C CYS F 87 16.21 -23.38 -30.83
N SER F 88 16.06 -22.07 -31.00
CA SER F 88 14.75 -21.46 -30.92
C SER F 88 13.95 -21.73 -32.19
N GLY F 89 12.65 -21.51 -32.10
CA GLY F 89 11.77 -21.82 -33.22
C GLY F 89 11.54 -23.30 -33.35
N LYS F 90 12.58 -24.05 -33.68
CA LYS F 90 12.50 -25.50 -33.65
C LYS F 90 12.21 -25.96 -32.22
N LEU F 91 11.35 -26.96 -32.10
CA LEU F 91 11.16 -27.65 -30.83
C LEU F 91 12.24 -28.69 -30.57
N ILE F 92 12.90 -29.20 -31.62
CA ILE F 92 13.97 -30.20 -31.49
C ILE F 92 15.04 -29.82 -32.51
N CYS F 93 16.32 -30.06 -32.16
CA CYS F 93 17.45 -29.37 -32.79
C CYS F 93 18.67 -30.28 -32.79
N CYS F 94 19.59 -30.11 -33.77
CA CYS F 94 20.64 -31.12 -34.00
C CYS F 94 21.94 -30.39 -33.59
N THR F 95 22.32 -30.61 -32.31
CA THR F 95 22.89 -29.54 -31.46
C THR F 95 24.37 -29.74 -31.12
N ASN F 96 24.93 -30.90 -31.46
CA ASN F 96 26.36 -31.18 -31.42
C ASN F 96 26.99 -31.44 -30.04
N VAL F 97 26.40 -32.32 -29.22
CA VAL F 97 27.15 -32.96 -28.14
C VAL F 97 26.82 -34.46 -28.18
N PRO F 98 27.73 -35.37 -27.82
CA PRO F 98 27.37 -36.79 -27.81
C PRO F 98 26.92 -37.25 -26.44
N TRP F 99 26.51 -38.52 -26.38
CA TRP F 99 26.12 -39.18 -25.14
C TRP F 99 27.22 -40.13 -24.69
N ASN F 100 27.15 -40.52 -23.42
CA ASN F 100 28.10 -41.43 -22.79
C ASN F 100 27.32 -42.49 -22.02
N SER F 101 27.84 -43.71 -21.98
CA SER F 101 27.16 -44.79 -21.26
C SER F 101 27.05 -44.51 -19.78
N SER F 102 27.95 -43.68 -19.22
CA SER F 102 27.87 -43.36 -17.81
C SER F 102 26.57 -42.64 -17.46
N TRP F 103 26.17 -41.68 -18.32
CA TRP F 103 24.93 -40.97 -18.07
C TRP F 103 23.71 -41.88 -18.30
N SER F 104 23.80 -42.79 -19.26
CA SER F 104 22.79 -43.83 -19.41
C SER F 104 23.28 -44.90 -20.37
N ASN F 105 23.16 -46.17 -19.96
CA ASN F 105 23.53 -47.30 -20.79
C ASN F 105 22.32 -48.00 -21.41
N ARG F 106 21.13 -47.73 -20.91
CA ARG F 106 19.93 -48.43 -21.37
C ARG F 106 19.61 -48.06 -22.81
N ASN F 107 19.05 -49.02 -23.53
CA ASN F 107 19.10 -49.01 -24.99
C ASN F 107 17.92 -48.25 -25.61
N LEU F 108 17.90 -48.29 -26.94
CA LEU F 108 16.86 -47.62 -27.73
C LEU F 108 15.46 -48.09 -27.35
N SER F 109 15.26 -49.41 -27.34
CA SER F 109 13.92 -49.97 -27.24
C SER F 109 13.26 -49.64 -25.91
N GLU F 110 14.01 -49.76 -24.81
CA GLU F 110 13.43 -49.53 -23.50
C GLU F 110 12.93 -48.09 -23.37
N ILE F 111 13.75 -47.13 -23.80
CA ILE F 111 13.36 -45.74 -23.67
C ILE F 111 12.22 -45.40 -24.63
N TRP F 112 12.23 -45.96 -25.84
CA TRP F 112 11.15 -45.69 -26.79
C TRP F 112 9.81 -46.17 -26.24
N ASP F 113 9.67 -47.47 -26.04
CA ASP F 113 8.35 -48.08 -25.90
C ASP F 113 7.88 -48.14 -24.44
N ASN F 114 8.62 -48.83 -23.59
CA ASN F 114 8.09 -49.17 -22.26
C ASN F 114 8.08 -47.97 -21.33
N MET F 115 8.82 -46.92 -21.66
CA MET F 115 9.29 -45.99 -20.64
C MET F 115 8.30 -44.86 -20.43
N THR F 116 7.77 -44.75 -19.22
CA THR F 116 6.93 -43.60 -18.87
C THR F 116 7.82 -42.42 -18.48
N TRP F 117 7.31 -41.21 -18.68
CA TRP F 117 8.16 -40.02 -18.70
C TRP F 117 8.81 -39.77 -17.33
N LEU F 118 8.04 -39.89 -16.25
CA LEU F 118 8.55 -39.47 -14.94
C LEU F 118 9.72 -40.33 -14.51
N GLN F 119 9.70 -41.63 -14.85
CA GLN F 119 10.79 -42.51 -14.46
C GLN F 119 12.08 -42.14 -15.18
N TRP F 120 12.02 -41.90 -16.48
CA TRP F 120 13.22 -41.48 -17.21
C TRP F 120 13.71 -40.13 -16.73
N ASP F 121 12.78 -39.22 -16.44
CA ASP F 121 13.15 -37.91 -15.92
C ASP F 121 13.86 -38.05 -14.59
N LYS F 122 13.39 -38.93 -13.72
CA LYS F 122 14.07 -39.17 -12.45
C LYS F 122 15.44 -39.78 -12.66
N GLU F 123 15.55 -40.73 -13.59
CA GLU F 123 16.83 -41.39 -13.81
C GLU F 123 17.88 -40.40 -14.31
N ILE F 124 17.53 -39.60 -15.31
CA ILE F 124 18.49 -38.60 -15.79
C ILE F 124 18.68 -37.51 -14.73
N SER F 125 17.68 -37.30 -13.87
CA SER F 125 17.82 -36.29 -12.83
C SER F 125 18.87 -36.68 -11.79
N ASN F 126 19.20 -37.96 -11.69
CA ASN F 126 20.32 -38.36 -10.84
C ASN F 126 21.62 -37.71 -11.28
N TYR F 127 21.76 -37.41 -12.57
CA TYR F 127 22.90 -36.70 -13.12
C TYR F 127 22.68 -35.20 -13.17
N THR F 128 21.56 -34.76 -13.74
CA THR F 128 21.13 -33.36 -13.77
C THR F 128 22.21 -32.39 -14.24
N GLN F 129 23.04 -31.91 -13.32
CA GLN F 129 23.91 -30.79 -13.68
C GLN F 129 25.08 -31.24 -14.55
N ILE F 130 25.58 -32.46 -14.36
CA ILE F 130 26.62 -32.96 -15.24
C ILE F 130 26.08 -33.17 -16.65
N ILE F 131 24.83 -33.62 -16.78
CA ILE F 131 24.22 -33.73 -18.10
C ILE F 131 23.70 -32.37 -18.55
N TYR F 132 23.91 -31.33 -17.74
CA TYR F 132 23.91 -29.96 -18.21
C TYR F 132 25.35 -29.55 -18.54
N GLY F 133 25.56 -28.29 -18.93
CA GLY F 133 26.89 -27.82 -19.27
C GLY F 133 27.28 -27.69 -20.74
N LEU F 134 27.89 -28.72 -21.31
CA LEU F 134 28.77 -28.59 -22.47
C LEU F 134 28.15 -28.00 -23.75
N LEU F 135 26.84 -28.13 -23.98
CA LEU F 135 26.26 -27.65 -25.23
C LEU F 135 26.50 -26.17 -25.52
N GLU F 136 26.93 -25.38 -24.53
CA GLU F 136 27.29 -24.00 -24.83
C GLU F 136 28.46 -23.96 -25.82
N GLU F 137 29.53 -24.71 -25.54
CA GLU F 137 30.67 -24.66 -26.44
C GLU F 137 30.38 -25.37 -27.75
N SER F 138 29.36 -26.23 -27.80
CA SER F 138 28.94 -26.82 -29.07
C SER F 138 28.13 -25.87 -29.93
N GLN F 139 27.23 -25.10 -29.29
CA GLN F 139 26.65 -23.96 -29.98
C GLN F 139 27.76 -23.07 -30.53
N ASN F 140 28.77 -22.79 -29.71
CA ASN F 140 29.88 -21.97 -30.18
C ASN F 140 30.74 -22.70 -31.22
N GLN F 141 30.78 -24.03 -31.20
CA GLN F 141 31.49 -24.77 -32.24
C GLN F 141 30.85 -24.53 -33.58
N GLN F 142 29.52 -24.71 -33.66
CA GLN F 142 28.85 -24.37 -34.91
C GLN F 142 28.92 -22.86 -35.17
N GLU F 143 29.09 -22.06 -34.12
CA GLU F 143 29.19 -20.62 -34.29
C GLU F 143 30.58 -20.16 -34.69
N LYS F 144 31.58 -21.04 -34.68
CA LYS F 144 32.86 -20.66 -35.26
C LYS F 144 32.76 -20.37 -36.75
N GLN G 1 16.79 -17.36 26.10
CA GLN G 1 16.87 -18.85 26.17
C GLN G 1 15.54 -19.43 26.64
N VAL G 2 15.06 -20.45 25.93
CA VAL G 2 13.86 -21.15 26.37
C VAL G 2 14.15 -21.85 27.69
N GLN G 3 13.28 -21.64 28.66
CA GLN G 3 13.46 -22.23 29.98
C GLN G 3 12.12 -22.32 30.67
N LEU G 4 11.97 -23.35 31.50
CA LEU G 4 10.76 -23.61 32.27
C LEU G 4 11.07 -23.37 33.74
N VAL G 5 10.37 -22.42 34.34
CA VAL G 5 10.59 -22.02 35.73
C VAL G 5 9.40 -22.48 36.55
N GLN G 6 9.67 -23.16 37.65
CA GLN G 6 8.65 -23.73 38.52
C GLN G 6 8.57 -22.96 39.82
N SER G 7 7.36 -22.81 40.34
CA SER G 7 7.16 -22.18 41.64
C SER G 7 7.49 -23.17 42.75
N GLY G 8 7.45 -22.69 43.99
CA GLY G 8 7.79 -23.51 45.13
C GLY G 8 6.77 -24.62 45.35
N GLY G 9 7.24 -25.66 46.04
CA GLY G 9 6.42 -26.81 46.32
C GLY G 9 5.41 -26.54 47.43
N GLN G 10 4.65 -27.59 47.75
CA GLN G 10 3.62 -27.53 48.78
C GLN G 10 3.78 -28.72 49.72
N MET G 11 3.66 -28.45 51.02
CA MET G 11 3.83 -29.44 52.07
C MET G 11 2.56 -29.61 52.89
N LYS G 12 1.41 -29.68 52.25
CA LYS G 12 0.15 -29.49 52.96
C LYS G 12 -0.47 -30.82 53.36
N LYS G 13 -1.56 -30.72 54.14
CA LYS G 13 -2.23 -31.87 54.70
C LYS G 13 -2.87 -32.70 53.57
N PRO G 14 -3.05 -34.01 53.75
CA PRO G 14 -3.84 -34.76 52.77
C PRO G 14 -5.28 -34.30 52.74
N GLY G 15 -5.97 -34.62 51.65
CA GLY G 15 -7.33 -34.20 51.46
C GLY G 15 -7.46 -32.69 51.35
N GLU G 16 -6.64 -32.10 50.47
CA GLU G 16 -6.58 -30.65 50.32
C GLU G 16 -6.38 -30.31 48.86
N SER G 17 -6.67 -29.06 48.52
CA SER G 17 -6.39 -28.54 47.19
C SER G 17 -4.90 -28.21 47.08
N MET G 18 -4.34 -28.52 45.92
CA MET G 18 -2.92 -28.35 45.65
C MET G 18 -2.79 -27.61 44.33
N ARG G 19 -1.81 -26.71 44.24
CA ARG G 19 -1.66 -25.82 43.09
C ARG G 19 -0.19 -25.61 42.77
N ILE G 20 0.14 -25.66 41.49
CA ILE G 20 1.49 -25.40 40.98
C ILE G 20 1.38 -24.53 39.74
N SER G 21 2.34 -23.62 39.58
CA SER G 21 2.46 -22.78 38.40
C SER G 21 3.84 -22.98 37.76
N CYS G 22 3.86 -23.00 36.43
CA CYS G 22 5.09 -23.08 35.65
C CYS G 22 5.03 -22.10 34.51
N ARG G 23 6.12 -21.34 34.34
CA ARG G 23 6.23 -20.33 33.29
C ARG G 23 7.23 -20.78 32.25
N ALA G 24 6.89 -20.59 30.97
CA ALA G 24 7.79 -20.89 29.86
C ALA G 24 8.63 -19.64 29.59
N SER G 25 9.74 -19.54 30.32
CA SER G 25 10.59 -18.35 30.20
C SER G 25 11.24 -18.29 28.82
N GLY G 26 11.27 -17.08 28.25
CA GLY G 26 11.99 -16.86 27.01
C GLY G 26 11.48 -17.64 25.83
N TYR G 27 10.18 -17.66 25.61
CA TYR G 27 9.61 -18.40 24.49
C TYR G 27 8.18 -17.93 24.24
N GLU G 28 7.72 -18.14 23.01
CA GLU G 28 6.34 -17.87 22.63
C GLU G 28 5.43 -18.97 23.20
N PHE G 29 4.91 -18.68 24.39
CA PHE G 29 4.17 -19.66 25.17
C PHE G 29 2.94 -20.21 24.43
N ILE G 30 2.30 -19.37 23.64
CA ILE G 30 1.01 -19.73 23.04
C ILE G 30 1.15 -20.87 22.05
N ASP G 31 2.33 -21.04 21.45
CA ASP G 31 2.45 -21.89 20.27
C ASP G 31 2.73 -23.36 20.58
N CYS G 32 3.50 -23.64 21.63
CA CYS G 32 4.00 -24.99 21.88
C CYS G 32 3.23 -25.63 23.02
N THR G 33 3.02 -26.94 22.93
CA THR G 33 2.22 -27.66 23.92
C THR G 33 3.10 -28.10 25.08
N LEU G 34 2.68 -27.76 26.30
CA LEU G 34 3.37 -28.20 27.50
C LEU G 34 2.72 -29.47 28.03
N ASN G 35 3.40 -30.10 29.00
CA ASN G 35 2.91 -31.33 29.60
C ASN G 35 3.43 -31.42 31.03
N TRP G 36 2.77 -32.26 31.83
CA TRP G 36 3.11 -32.48 33.22
C TRP G 36 3.28 -33.97 33.48
N ILE G 37 4.33 -34.32 34.23
CA ILE G 37 4.62 -35.70 34.59
C ILE G 37 5.03 -35.74 36.06
N ARG G 38 5.06 -36.96 36.60
CA ARG G 38 5.45 -37.21 37.98
C ARG G 38 6.74 -38.00 38.02
N LEU G 39 7.55 -37.74 39.04
CA LEU G 39 8.75 -38.52 39.30
C LEU G 39 8.91 -38.65 40.81
N ALA G 40 9.03 -39.87 41.29
CA ALA G 40 9.15 -40.15 42.72
C ALA G 40 10.12 -41.30 42.91
N PRO G 41 10.67 -41.48 44.13
CA PRO G 41 11.62 -42.57 44.34
C PRO G 41 11.02 -43.95 44.10
N GLY G 42 11.57 -44.67 43.11
CA GLY G 42 11.16 -46.03 42.87
C GLY G 42 9.82 -46.20 42.21
N LYS G 43 9.19 -45.11 41.77
CA LYS G 43 7.85 -45.18 41.20
C LYS G 43 7.91 -45.26 39.69
N ARG G 44 7.06 -46.12 39.13
CA ARG G 44 6.77 -46.08 37.71
C ARG G 44 6.26 -44.67 37.39
N PRO G 45 7.05 -43.81 36.76
CA PRO G 45 6.61 -42.40 36.62
C PRO G 45 5.43 -42.32 35.67
N GLU G 46 4.64 -41.25 35.83
CA GLU G 46 3.33 -41.14 35.20
C GLU G 46 3.18 -39.82 34.47
N TRP G 47 2.38 -39.85 33.41
CA TRP G 47 2.02 -38.65 32.66
C TRP G 47 0.76 -38.04 33.26
N MET G 48 0.84 -36.77 33.67
CA MET G 48 -0.29 -36.08 34.29
C MET G 48 -1.12 -35.29 33.30
N GLY G 49 -0.54 -34.28 32.65
CA GLY G 49 -1.31 -33.18 32.10
C GLY G 49 -0.96 -32.84 30.68
N TRP G 50 -1.97 -32.33 29.99
CA TRP G 50 -1.87 -31.82 28.63
C TRP G 50 -2.28 -30.36 28.65
N LEU G 51 -1.66 -29.55 27.80
CA LEU G 51 -2.08 -28.16 27.66
C LEU G 51 -1.61 -27.64 26.31
N LYS G 52 -2.54 -27.52 25.37
CA LYS G 52 -2.28 -26.77 24.14
C LYS G 52 -2.70 -25.34 24.43
N PRO G 53 -1.77 -24.44 24.77
CA PRO G 53 -2.19 -23.17 25.41
C PRO G 53 -2.92 -22.22 24.48
N ARG G 54 -2.88 -22.44 23.16
CA ARG G 54 -3.59 -21.55 22.25
C ARG G 54 -5.08 -21.59 22.51
N GLY G 55 -5.70 -22.75 22.28
CA GLY G 55 -7.12 -22.92 22.59
C GLY G 55 -7.40 -23.48 23.97
N GLY G 56 -6.38 -23.83 24.72
CA GLY G 56 -6.59 -24.45 26.02
C GLY G 56 -7.19 -25.84 25.95
N ALA G 57 -6.80 -26.62 24.95
CA ALA G 57 -7.22 -28.01 24.90
C ALA G 57 -6.58 -28.79 26.05
N VAL G 58 -7.32 -29.75 26.59
CA VAL G 58 -6.92 -30.47 27.79
C VAL G 58 -7.41 -31.91 27.70
N ASN G 59 -6.62 -32.82 28.27
CA ASN G 59 -7.11 -34.17 28.52
C ASN G 59 -6.34 -34.77 29.70
N TYR G 60 -6.88 -35.86 30.23
CA TYR G 60 -6.47 -36.40 31.52
C TYR G 60 -6.19 -37.88 31.41
N ALA G 61 -5.34 -38.37 32.30
CA ALA G 61 -5.06 -39.79 32.38
C ALA G 61 -6.18 -40.52 33.11
N ARG G 62 -6.11 -41.86 33.08
CA ARG G 62 -7.12 -42.70 33.75
C ARG G 62 -7.23 -42.43 35.25
N PRO G 63 -6.16 -42.39 36.04
CA PRO G 63 -6.34 -42.20 37.49
C PRO G 63 -6.74 -40.79 37.88
N LEU G 64 -6.72 -39.84 36.95
CA LEU G 64 -6.80 -38.42 37.27
C LEU G 64 -8.11 -37.77 36.86
N GLN G 65 -9.12 -38.54 36.47
CA GLN G 65 -10.35 -37.94 35.96
C GLN G 65 -11.08 -37.22 37.08
N GLY G 66 -11.42 -35.95 36.83
CA GLY G 66 -12.13 -35.14 37.80
C GLY G 66 -11.22 -34.46 38.80
N ARG G 67 -10.32 -35.24 39.42
CA ARG G 67 -9.45 -34.68 40.45
C ARG G 67 -8.53 -33.60 39.89
N VAL G 68 -7.93 -33.85 38.73
CA VAL G 68 -6.81 -33.04 38.24
C VAL G 68 -7.34 -32.05 37.22
N THR G 69 -6.91 -30.79 37.36
CA THR G 69 -7.26 -29.73 36.42
C THR G 69 -6.05 -28.84 36.21
N MET G 70 -6.01 -28.18 35.06
CA MET G 70 -5.05 -27.11 34.83
C MET G 70 -5.65 -26.12 33.85
N THR G 71 -5.09 -24.91 33.86
CA THR G 71 -5.48 -23.88 32.92
C THR G 71 -4.25 -23.05 32.57
N ARG G 72 -4.44 -22.07 31.71
CA ARG G 72 -3.36 -21.25 31.18
C ARG G 72 -3.78 -19.79 31.14
N ASP G 73 -2.79 -18.91 31.25
CA ASP G 73 -2.94 -17.48 31.01
C ASP G 73 -1.86 -17.06 30.03
N VAL G 74 -2.28 -16.73 28.80
CA VAL G 74 -1.31 -16.42 27.75
C VAL G 74 -0.53 -15.17 28.09
N TYR G 75 -1.16 -14.19 28.73
CA TYR G 75 -0.47 -12.95 29.07
C TYR G 75 0.65 -13.20 30.07
N SER G 76 0.40 -14.04 31.08
CA SER G 76 1.43 -14.41 32.04
C SER G 76 2.39 -15.46 31.51
N ASP G 77 2.06 -16.13 30.41
CA ASP G 77 2.88 -17.21 29.88
C ASP G 77 3.12 -18.30 30.91
N THR G 78 2.08 -18.59 31.69
CA THR G 78 2.19 -19.49 32.84
C THR G 78 1.09 -20.53 32.79
N ALA G 79 1.48 -21.80 32.94
CA ALA G 79 0.53 -22.89 33.06
C ALA G 79 0.34 -23.22 34.54
N PHE G 80 -0.92 -23.27 34.96
CA PHE G 80 -1.29 -23.44 36.36
C PHE G 80 -1.90 -24.82 36.54
N LEU G 81 -1.12 -25.72 37.14
CA LEU G 81 -1.59 -27.05 37.48
C LEU G 81 -2.25 -26.98 38.85
N GLU G 82 -3.39 -27.64 39.01
CA GLU G 82 -4.12 -27.63 40.27
C GLU G 82 -4.78 -28.98 40.48
N LEU G 83 -4.50 -29.62 41.60
CA LEU G 83 -5.02 -30.94 41.93
C LEU G 83 -6.01 -30.82 43.07
N ARG G 84 -7.13 -31.53 42.95
CA ARG G 84 -8.15 -31.57 43.99
C ARG G 84 -8.07 -32.88 44.75
N SER G 85 -8.43 -32.82 46.03
CA SER G 85 -8.52 -34.00 46.89
C SER G 85 -7.17 -34.71 46.98
N LEU G 86 -6.20 -34.01 47.58
CA LEU G 86 -4.86 -34.54 47.72
C LEU G 86 -4.88 -35.81 48.56
N THR G 87 -3.99 -36.74 48.22
CA THR G 87 -3.87 -38.01 48.91
C THR G 87 -2.40 -38.35 49.07
N VAL G 88 -2.13 -39.37 49.88
CA VAL G 88 -0.75 -39.71 50.22
C VAL G 88 0.02 -40.17 48.99
N ASP G 89 -0.66 -40.87 48.06
CA ASP G 89 0.01 -41.36 46.87
C ASP G 89 0.48 -40.23 45.95
N ASP G 90 -0.08 -39.03 46.11
CA ASP G 90 0.30 -37.93 45.22
C ASP G 90 1.72 -37.43 45.46
N THR G 91 2.38 -37.88 46.52
CA THR G 91 3.74 -37.43 46.81
C THR G 91 4.68 -37.80 45.66
N ALA G 92 5.18 -36.78 44.97
CA ALA G 92 6.09 -36.98 43.84
C ALA G 92 6.58 -35.61 43.41
N VAL G 93 7.71 -35.62 42.70
CA VAL G 93 8.20 -34.40 42.05
C VAL G 93 7.47 -34.23 40.73
N TYR G 94 7.07 -33.00 40.43
CA TYR G 94 6.29 -32.67 39.25
C TYR G 94 7.11 -31.76 38.34
N PHE G 95 7.15 -32.11 37.06
CA PHE G 95 7.91 -31.38 36.05
C PHE G 95 6.99 -30.87 34.95
N CYS G 96 7.04 -29.56 34.71
CA CYS G 96 6.51 -29.01 33.47
C CYS G 96 7.57 -29.12 32.38
N THR G 97 7.14 -29.60 31.21
CA THR G 97 8.06 -30.19 30.25
C THR G 97 7.66 -29.81 28.83
N ARG G 98 8.45 -30.29 27.87
CA ARG G 98 8.28 -30.02 26.44
C ARG G 98 8.98 -31.12 25.64
N GLY G 99 8.61 -31.22 24.36
CA GLY G 99 9.26 -32.12 23.44
C GLY G 99 10.41 -31.46 22.69
N LYS G 100 11.14 -32.30 21.94
CA LYS G 100 12.33 -31.84 21.22
C LYS G 100 11.99 -30.73 20.23
N ASN G 101 10.83 -30.82 19.59
CA ASN G 101 10.38 -29.81 18.66
C ASN G 101 8.87 -29.64 18.84
N CYS G 102 8.38 -28.45 18.53
CA CYS G 102 6.95 -28.16 18.62
C CYS G 102 6.27 -28.64 17.34
N ASP G 103 6.34 -29.96 17.12
CA ASP G 103 5.73 -30.62 15.98
C ASP G 103 4.85 -31.78 16.48
N TYR G 104 5.32 -32.46 17.52
CA TYR G 104 4.58 -33.52 18.20
C TYR G 104 4.50 -33.15 19.67
N ASN G 105 3.34 -33.39 20.28
CA ASN G 105 3.05 -32.91 21.62
C ASN G 105 3.35 -34.03 22.64
N TRP G 106 4.63 -34.14 22.95
CA TRP G 106 5.11 -35.06 23.98
C TRP G 106 6.29 -34.41 24.70
N ASP G 107 6.71 -35.05 25.80
CA ASP G 107 7.61 -34.40 26.75
C ASP G 107 8.89 -35.21 26.95
N PHE G 108 9.92 -34.86 26.18
CA PHE G 108 11.25 -35.42 26.43
C PHE G 108 12.38 -34.45 26.13
N GLU G 109 12.16 -33.13 26.29
CA GLU G 109 13.20 -32.14 26.03
C GLU G 109 13.54 -31.29 27.24
N HIS G 110 12.54 -30.61 27.80
CA HIS G 110 12.75 -29.61 28.84
C HIS G 110 12.18 -30.09 30.16
N TRP G 111 12.74 -29.58 31.24
CA TRP G 111 12.32 -29.92 32.59
C TRP G 111 12.58 -28.74 33.50
N GLY G 112 11.64 -28.46 34.39
CA GLY G 112 11.80 -27.39 35.36
C GLY G 112 12.73 -27.78 36.49
N ARG G 113 12.59 -27.11 37.63
CA ARG G 113 13.40 -27.43 38.79
C ARG G 113 12.83 -28.59 39.60
N GLY G 114 11.72 -29.19 39.18
CA GLY G 114 11.15 -30.29 39.90
C GLY G 114 10.61 -29.87 41.25
N THR G 115 9.61 -29.00 41.25
CA THR G 115 9.00 -28.58 42.50
C THR G 115 8.33 -29.78 43.16
N PRO G 116 8.61 -30.08 44.45
CA PRO G 116 8.11 -31.32 45.03
C PRO G 116 6.75 -31.17 45.68
N VAL G 117 6.00 -32.27 45.73
CA VAL G 117 4.73 -32.35 46.45
C VAL G 117 4.91 -33.34 47.59
N ILE G 118 4.64 -32.89 48.81
CA ILE G 118 4.84 -33.70 50.01
C ILE G 118 3.55 -33.68 50.80
N VAL G 119 3.09 -34.85 51.22
CA VAL G 119 1.81 -35.02 51.88
C VAL G 119 2.07 -35.23 53.36
N SER G 120 1.62 -34.29 54.19
CA SER G 120 1.83 -34.34 55.63
C SER G 120 0.73 -35.19 56.24
N SER G 121 0.89 -36.51 56.12
CA SER G 121 -0.08 -37.46 56.64
C SER G 121 -0.19 -37.38 58.15
N GLU H 1 -0.65 -51.66 32.74
CA GLU H 1 -0.13 -52.40 31.55
C GLU H 1 1.22 -51.83 31.12
N ILE H 2 2.29 -52.49 31.53
CA ILE H 2 3.64 -52.09 31.14
C ILE H 2 3.93 -52.69 29.78
N VAL H 3 3.89 -51.87 28.74
CA VAL H 3 4.26 -52.26 27.40
C VAL H 3 5.68 -51.76 27.07
N LEU H 4 6.49 -51.51 28.10
CA LEU H 4 7.92 -51.23 27.93
C LEU H 4 8.63 -51.78 29.16
N THR H 5 9.16 -52.99 29.03
CA THR H 5 9.85 -53.66 30.12
C THR H 5 11.35 -53.47 29.98
N GLN H 6 11.90 -52.49 30.69
CA GLN H 6 13.34 -52.33 30.75
C GLN H 6 13.96 -53.51 31.50
N SER H 7 15.08 -54.00 30.98
CA SER H 7 15.78 -55.11 31.60
C SER H 7 17.26 -54.98 31.28
N PRO H 8 18.17 -55.27 32.24
CA PRO H 8 17.98 -55.68 33.63
C PRO H 8 17.54 -54.52 34.52
N GLY H 9 17.10 -54.82 35.73
CA GLY H 9 16.59 -53.77 36.60
C GLY H 9 17.62 -52.71 36.93
N THR H 10 18.84 -53.14 37.26
CA THR H 10 19.92 -52.21 37.56
C THR H 10 21.25 -52.90 37.29
N LEU H 11 22.29 -52.08 37.13
CA LEU H 11 23.63 -52.56 36.84
C LEU H 11 24.62 -51.88 37.77
N SER H 12 25.57 -52.66 38.28
CA SER H 12 26.64 -52.15 39.14
C SER H 12 27.96 -52.32 38.40
N LEU H 13 28.50 -51.20 37.89
CA LEU H 13 29.65 -51.21 37.00
C LEU H 13 30.66 -50.17 37.44
N SER H 14 31.95 -50.52 37.31
CA SER H 14 33.01 -49.57 37.58
C SER H 14 33.12 -48.57 36.43
N PRO H 15 33.81 -47.45 36.64
CA PRO H 15 33.93 -46.45 35.57
C PRO H 15 34.64 -47.01 34.35
N GLY H 16 34.24 -46.53 33.18
CA GLY H 16 34.86 -46.91 31.93
C GLY H 16 34.32 -48.17 31.29
N GLU H 17 33.43 -48.89 31.96
CA GLU H 17 32.85 -50.09 31.39
C GLU H 17 31.82 -49.71 30.32
N THR H 18 31.27 -50.74 29.66
CA THR H 18 30.25 -50.58 28.64
C THR H 18 28.94 -51.12 29.17
N ALA H 19 28.01 -50.22 29.51
CA ALA H 19 26.71 -50.62 30.02
C ALA H 19 25.74 -50.87 28.88
N ILE H 20 24.92 -51.92 29.03
CA ILE H 20 23.90 -52.29 28.05
C ILE H 20 22.60 -52.47 28.79
N ILE H 21 21.53 -51.84 28.29
CA ILE H 21 20.19 -51.95 28.87
C ILE H 21 19.23 -52.25 27.73
N SER H 22 18.44 -53.31 27.90
CA SER H 22 17.46 -53.70 26.89
C SER H 22 16.08 -53.18 27.25
N CYS H 23 15.32 -52.79 26.24
CA CYS H 23 13.93 -52.37 26.40
C CYS H 23 13.10 -53.02 25.31
N ARG H 24 12.00 -53.67 25.74
CA ARG H 24 11.14 -54.45 24.87
C ARG H 24 9.80 -53.76 24.73
N THR H 25 9.41 -53.46 23.49
CA THR H 25 8.10 -52.90 23.18
C THR H 25 7.20 -53.96 22.55
N SER H 26 5.93 -53.59 22.40
CA SER H 26 4.95 -54.42 21.70
C SER H 26 4.00 -53.61 20.83
N GLN H 27 4.30 -52.33 20.59
CA GLN H 27 3.47 -51.46 19.77
C GLN H 27 4.37 -50.58 18.93
N TYR H 28 3.96 -50.35 17.69
CA TYR H 28 4.76 -49.53 16.77
C TYR H 28 4.84 -48.10 17.29
N GLY H 29 6.04 -47.53 17.19
CA GLY H 29 6.25 -46.18 17.69
C GLY H 29 7.69 -45.77 17.49
N SER H 30 8.02 -44.62 18.10
CA SER H 30 9.36 -44.07 17.99
C SER H 30 10.33 -44.76 18.95
N LEU H 33 12.93 -46.26 20.11
CA LEU H 33 12.74 -46.09 21.55
C LEU H 33 13.73 -45.08 22.10
N ALA H 34 13.26 -43.88 22.39
CA ALA H 34 14.11 -42.88 23.02
C ALA H 34 14.44 -43.31 24.45
N TRP H 35 15.36 -42.58 25.07
CA TRP H 35 15.81 -42.90 26.42
C TRP H 35 16.05 -41.62 27.19
N TYR H 36 15.68 -41.63 28.47
CA TYR H 36 15.99 -40.53 29.37
C TYR H 36 17.17 -40.89 30.26
N GLN H 37 17.67 -39.87 30.96
CA GLN H 37 18.56 -40.06 32.08
C GLN H 37 18.44 -38.84 32.97
N GLN H 38 18.40 -39.08 34.28
CA GLN H 38 18.51 -38.02 35.27
C GLN H 38 19.52 -38.44 36.32
N ARG H 39 20.42 -37.51 36.65
CA ARG H 39 21.31 -37.73 37.77
C ARG H 39 20.48 -37.67 39.05
N PRO H 40 20.99 -38.21 40.17
CA PRO H 40 20.22 -38.19 41.41
C PRO H 40 19.89 -36.76 41.85
N GLY H 41 18.59 -36.45 41.86
CA GLY H 41 18.13 -35.13 42.27
C GLY H 41 18.24 -34.05 41.21
N GLN H 42 18.46 -34.43 39.95
CA GLN H 42 18.62 -33.48 38.85
C GLN H 42 17.55 -33.70 37.79
N ALA H 43 17.35 -32.70 36.95
CA ALA H 43 16.34 -32.79 35.91
C ALA H 43 16.75 -33.86 34.89
N PRO H 44 15.80 -34.58 34.29
CA PRO H 44 16.17 -35.54 33.24
C PRO H 44 16.73 -34.86 32.00
N ARG H 45 17.37 -35.68 31.18
CA ARG H 45 17.92 -35.27 29.90
C ARG H 45 17.64 -36.36 28.88
N LEU H 46 17.31 -35.95 27.66
CA LEU H 46 17.21 -36.91 26.57
C LEU H 46 18.60 -37.39 26.19
N VAL H 47 18.72 -38.70 25.97
CA VAL H 47 20.02 -39.32 25.68
C VAL H 47 19.99 -39.94 24.29
N ILE H 48 19.12 -40.92 24.10
CA ILE H 48 18.93 -41.58 22.81
C ILE H 48 17.53 -41.22 22.32
N TYR H 49 17.41 -41.04 21.01
CA TYR H 49 16.16 -40.70 20.37
C TYR H 49 15.98 -41.57 19.13
N SER H 50 14.74 -41.98 18.89
CA SER H 50 14.40 -42.77 17.70
C SER H 50 15.15 -44.10 17.68
N GLY H 51 15.41 -44.64 18.87
CA GLY H 51 16.00 -45.96 18.98
C GLY H 51 17.50 -46.02 18.92
N SER H 52 18.15 -45.21 18.07
CA SER H 52 19.59 -45.29 17.88
C SER H 52 20.29 -43.93 17.86
N THR H 53 19.55 -42.86 17.54
CA THR H 53 20.18 -41.56 17.33
C THR H 53 20.45 -40.87 18.67
N ARG H 54 21.67 -40.36 18.83
CA ARG H 54 22.00 -39.57 20.00
C ARG H 54 21.26 -38.23 19.95
N ALA H 55 20.84 -37.75 21.11
CA ALA H 55 20.23 -36.44 21.19
C ALA H 55 21.31 -35.36 21.19
N ALA H 56 20.87 -34.11 21.22
CA ALA H 56 21.79 -32.98 21.20
C ALA H 56 22.64 -32.98 22.46
N GLY H 57 23.92 -32.64 22.31
CA GLY H 57 24.83 -32.59 23.43
C GLY H 57 25.12 -33.92 24.07
N ILE H 58 24.90 -35.02 23.36
CA ILE H 58 25.12 -36.38 23.88
C ILE H 58 26.31 -36.96 23.12
N PRO H 59 27.35 -37.45 23.81
CA PRO H 59 28.53 -37.93 23.08
C PRO H 59 28.26 -39.26 22.40
N ASP H 60 29.29 -39.76 21.71
CA ASP H 60 29.19 -41.06 21.03
C ASP H 60 29.16 -42.25 21.98
N ARG H 61 29.36 -42.04 23.28
CA ARG H 61 29.30 -43.12 24.25
C ARG H 61 27.98 -43.88 24.19
N PHE H 62 26.89 -43.14 24.03
CA PHE H 62 25.56 -43.75 24.02
C PHE H 62 25.17 -44.13 22.59
N SER H 63 24.54 -45.30 22.46
CA SER H 63 24.08 -45.78 21.16
C SER H 63 22.93 -46.74 21.39
N GLY H 64 22.21 -47.04 20.32
CA GLY H 64 21.02 -47.85 20.44
C GLY H 64 20.62 -48.51 19.15
N SER H 65 19.60 -49.37 19.28
CA SER H 65 19.08 -50.22 18.21
C SER H 65 17.84 -50.87 18.82
N ARG H 66 17.10 -51.71 18.07
CA ARG H 66 17.26 -52.10 16.67
C ARG H 66 15.86 -52.13 16.06
N TRP H 67 15.75 -52.51 14.79
CA TRP H 67 14.45 -52.85 14.23
C TRP H 67 13.92 -54.10 14.94
N GLY H 68 12.61 -54.10 15.19
CA GLY H 68 11.96 -55.18 15.89
C GLY H 68 11.34 -54.72 17.19
N PRO H 69 10.93 -55.66 18.06
CA PRO H 69 10.30 -55.27 19.32
C PRO H 69 11.29 -54.99 20.44
N ASP H 70 12.51 -55.54 20.34
CA ASP H 70 13.53 -55.39 21.36
C ASP H 70 14.52 -54.32 20.94
N TYR H 71 14.84 -53.42 21.87
CA TYR H 71 15.78 -52.33 21.64
C TYR H 71 16.86 -52.38 22.72
N ASN H 72 18.12 -52.30 22.28
CA ASN H 72 19.28 -52.46 23.17
C ASN H 72 20.01 -51.13 23.26
N LEU H 73 19.84 -50.44 24.39
CA LEU H 73 20.68 -49.29 24.69
C LEU H 73 22.08 -49.75 25.05
N THR H 74 23.08 -48.96 24.66
CA THR H 74 24.48 -49.24 24.99
C THR H 74 25.17 -47.94 25.38
N ILE H 75 25.99 -48.01 26.42
CA ILE H 75 26.75 -46.86 26.90
C ILE H 75 28.20 -47.27 27.11
N SER H 76 29.03 -47.01 26.10
CA SER H 76 30.45 -47.35 26.19
C SER H 76 31.20 -46.31 27.02
N ASN H 77 32.26 -46.78 27.69
CA ASN H 77 33.12 -45.92 28.50
C ASN H 77 32.32 -45.21 29.59
N LEU H 78 31.79 -46.00 30.53
CA LEU H 78 30.88 -45.47 31.53
C LEU H 78 31.53 -44.40 32.39
N GLU H 79 31.10 -43.16 32.20
CA GLU H 79 31.53 -42.04 33.04
C GLU H 79 30.66 -42.00 34.28
N SER H 80 31.29 -41.73 35.43
CA SER H 80 30.56 -41.75 36.70
C SER H 80 29.43 -40.74 36.72
N GLY H 81 29.57 -39.63 36.00
CA GLY H 81 28.47 -38.70 35.85
C GLY H 81 27.25 -39.26 35.16
N ASP H 82 27.40 -40.36 34.42
CA ASP H 82 26.28 -41.02 33.76
C ASP H 82 25.59 -42.03 34.66
N PHE H 83 26.04 -42.20 35.90
CA PHE H 83 25.28 -43.00 36.85
C PHE H 83 23.91 -42.36 37.08
N GLY H 84 23.01 -43.15 37.67
CA GLY H 84 21.66 -42.73 37.93
C GLY H 84 20.66 -43.49 37.08
N VAL H 85 19.42 -43.02 37.13
CA VAL H 85 18.28 -43.72 36.55
C VAL H 85 18.16 -43.35 35.08
N TYR H 86 17.63 -44.29 34.31
CA TYR H 86 17.33 -44.13 32.89
C TYR H 86 15.88 -44.54 32.67
N TYR H 87 15.26 -44.05 31.60
CA TYR H 87 13.88 -44.41 31.26
C TYR H 87 13.77 -44.62 29.76
N CYS H 88 13.59 -45.87 29.35
CA CYS H 88 13.20 -46.18 27.99
C CYS H 88 11.90 -45.46 27.64
N GLN H 89 11.87 -44.83 26.47
CA GLN H 89 10.74 -43.98 26.12
C GLN H 89 10.56 -43.89 24.62
N GLN H 90 9.30 -43.78 24.21
CA GLN H 90 8.88 -43.37 22.87
C GLN H 90 7.53 -42.72 23.04
N TYR H 91 7.11 -41.96 22.00
CA TYR H 91 6.19 -40.83 22.14
C TYR H 91 5.07 -41.06 23.15
N GLU H 92 4.34 -42.17 23.01
CA GLU H 92 3.22 -42.48 23.90
C GLU H 92 3.58 -43.52 24.96
N PHE H 93 4.85 -43.87 25.15
CA PHE H 93 5.25 -45.02 25.97
C PHE H 93 6.52 -44.67 26.75
N PHE H 94 6.54 -44.95 28.06
CA PHE H 94 7.82 -45.16 28.73
C PHE H 94 7.61 -46.20 29.84
N GLY H 95 8.72 -46.80 30.27
CA GLY H 95 8.67 -47.97 31.14
C GLY H 95 8.91 -47.66 32.60
N GLN H 96 9.36 -48.69 33.33
CA GLN H 96 9.56 -48.57 34.77
C GLN H 96 10.82 -47.79 35.14
N GLY H 97 11.86 -47.86 34.32
CA GLY H 97 13.12 -47.21 34.63
C GLY H 97 14.16 -48.15 35.19
N THR H 98 15.44 -47.86 34.91
CA THR H 98 16.55 -48.67 35.39
C THR H 98 17.68 -47.72 35.75
N LYS H 99 18.58 -48.19 36.64
CA LYS H 99 19.63 -47.36 37.19
C LYS H 99 20.98 -48.06 37.10
N VAL H 100 22.03 -47.25 37.03
CA VAL H 100 23.41 -47.72 36.93
C VAL H 100 24.20 -47.12 38.09
N GLN H 101 25.05 -47.94 38.72
CA GLN H 101 25.77 -47.52 39.91
C GLN H 101 27.17 -48.13 39.91
N VAL H 102 27.97 -47.73 40.91
CA VAL H 102 29.33 -48.23 41.03
C VAL H 102 29.30 -49.70 41.39
N ASP H 103 30.27 -50.45 40.85
CA ASP H 103 30.46 -51.85 41.23
C ASP H 103 31.28 -51.93 42.52
N ASN I 3 35.08 -3.27 -49.03
CA ASN I 3 33.90 -2.82 -48.30
C ASN I 3 33.34 -3.96 -47.45
N LEU I 4 32.81 -3.60 -46.28
CA LEU I 4 32.72 -4.50 -45.12
C LEU I 4 31.34 -4.37 -44.46
N TRP I 5 30.30 -4.53 -45.28
CA TRP I 5 28.97 -4.04 -44.98
C TRP I 5 28.38 -4.59 -43.68
N VAL I 6 27.24 -4.03 -43.28
CA VAL I 6 26.87 -3.91 -41.87
C VAL I 6 26.46 -5.26 -41.27
N THR I 7 26.72 -5.44 -39.97
CA THR I 7 26.09 -6.48 -39.15
C THR I 7 26.58 -6.35 -37.71
N VAL I 8 25.74 -6.80 -36.78
CA VAL I 8 25.87 -6.57 -35.35
C VAL I 8 25.94 -7.92 -34.63
N TYR I 9 26.88 -8.07 -33.68
CA TYR I 9 26.73 -9.11 -32.67
C TYR I 9 25.72 -8.74 -31.59
N TYR I 10 25.19 -9.78 -30.95
CA TYR I 10 24.55 -9.70 -29.65
C TYR I 10 25.50 -10.26 -28.60
N GLY I 11 25.54 -9.60 -27.44
CA GLY I 11 26.40 -10.01 -26.36
C GLY I 11 27.74 -9.30 -26.28
N VAL I 12 27.91 -8.19 -26.97
CA VAL I 12 29.15 -7.41 -26.91
C VAL I 12 29.38 -6.93 -25.49
N PRO I 13 30.60 -7.10 -24.90
CA PRO I 13 30.86 -6.58 -23.54
C PRO I 13 31.28 -5.11 -23.47
N VAL I 14 30.29 -4.21 -23.44
CA VAL I 14 30.54 -2.79 -23.22
C VAL I 14 29.61 -2.28 -22.14
N TRP I 15 29.84 -1.03 -21.72
CA TRP I 15 29.25 -0.45 -20.53
C TRP I 15 28.56 0.86 -20.83
N LYS I 16 27.60 1.20 -19.98
CA LYS I 16 27.04 2.55 -19.91
C LYS I 16 26.81 2.90 -18.45
N GLU I 17 27.16 4.15 -18.11
CA GLU I 17 27.13 4.60 -16.72
C GLU I 17 25.71 4.92 -16.28
N ALA I 18 24.83 3.91 -16.27
CA ALA I 18 23.44 4.12 -15.93
C ALA I 18 23.25 4.16 -14.41
N LYS I 19 22.07 4.62 -14.01
CA LYS I 19 21.67 4.70 -12.61
C LYS I 19 20.35 3.96 -12.43
N THR I 20 20.25 3.19 -11.35
CA THR I 20 19.05 2.43 -11.07
C THR I 20 18.99 2.14 -9.58
N THR I 21 18.01 1.34 -9.19
CA THR I 21 17.81 0.98 -7.79
C THR I 21 18.51 -0.35 -7.48
N LEU I 22 19.42 -0.32 -6.52
CA LEU I 22 20.04 -1.55 -6.03
C LEU I 22 19.18 -2.16 -4.92
N PHE I 23 19.41 -3.45 -4.67
CA PHE I 23 18.62 -4.22 -3.71
C PHE I 23 19.55 -4.98 -2.80
N CYS I 24 19.31 -4.89 -1.50
CA CYS I 24 20.21 -5.49 -0.53
C CYS I 24 19.98 -6.98 -0.40
N ALA I 25 20.96 -7.66 0.18
CA ALA I 25 20.87 -9.08 0.51
C ALA I 25 21.39 -9.26 1.93
N SER I 26 20.54 -9.81 2.79
CA SER I 26 20.86 -9.96 4.21
C SER I 26 20.41 -11.32 4.68
N ASP I 27 21.32 -12.05 5.33
CA ASP I 27 20.96 -13.30 5.97
C ASP I 27 19.92 -13.03 7.06
N ALA I 28 18.88 -13.85 7.10
CA ALA I 28 17.80 -13.68 8.05
C ALA I 28 17.29 -15.04 8.51
N LYS I 29 16.63 -15.06 9.67
CA LYS I 29 16.21 -16.32 10.29
C LYS I 29 14.82 -16.29 10.92
N ALA I 30 14.08 -15.18 10.91
CA ALA I 30 12.78 -15.16 11.57
C ALA I 30 11.98 -13.95 11.11
N TYR I 31 10.75 -13.85 11.64
CA TYR I 31 9.88 -12.72 11.32
C TYR I 31 10.52 -11.40 11.72
N GLU I 32 11.23 -11.39 12.85
CA GLU I 32 12.03 -10.24 13.26
C GLU I 32 13.47 -10.37 12.77
N LYS I 33 13.64 -11.06 11.64
CA LYS I 33 14.83 -11.12 10.81
C LYS I 33 15.98 -11.92 11.41
N GLU I 34 16.07 -12.05 12.74
CA GLU I 34 16.55 -13.29 13.34
C GLU I 34 15.83 -13.56 14.67
N VAL I 35 15.85 -12.54 15.53
CA VAL I 35 15.17 -12.55 16.83
C VAL I 35 14.45 -11.22 16.99
N HIS I 36 15.18 -10.13 16.76
CA HIS I 36 14.68 -8.76 16.81
C HIS I 36 15.20 -8.03 15.57
N ASN I 37 14.48 -6.98 15.17
CA ASN I 37 14.81 -6.27 13.94
C ASN I 37 14.61 -4.76 14.08
N VAL I 38 15.61 -4.03 13.58
CA VAL I 38 15.48 -2.60 13.30
C VAL I 38 15.98 -2.38 11.87
N TRP I 39 17.20 -2.81 11.60
CA TRP I 39 17.89 -2.48 10.35
C TRP I 39 17.71 -3.55 9.29
N ALA I 40 17.82 -4.82 9.66
CA ALA I 40 17.77 -5.89 8.69
C ALA I 40 16.39 -5.96 8.04
N THR I 41 16.29 -6.77 6.98
CA THR I 41 15.02 -6.97 6.31
C THR I 41 15.08 -8.28 5.54
N HIS I 42 14.21 -9.21 5.92
CA HIS I 42 14.10 -10.49 5.20
C HIS I 42 13.78 -10.26 3.72
N ALA I 43 13.05 -9.19 3.39
CA ALA I 43 12.68 -8.95 2.00
C ALA I 43 13.91 -8.84 1.12
N CYS I 44 15.00 -8.29 1.65
CA CYS I 44 16.33 -8.49 1.06
C CYS I 44 16.74 -9.92 1.35
N VAL I 45 16.68 -10.74 0.30
CA VAL I 45 16.70 -12.19 0.42
C VAL I 45 18.09 -12.67 0.87
N PRO I 46 18.19 -13.73 1.66
CA PRO I 46 19.46 -14.46 1.74
C PRO I 46 19.64 -15.31 0.49
N THR I 47 20.83 -15.89 0.29
CA THR I 47 22.04 -15.80 1.15
C THR I 47 23.09 -15.03 0.39
N ASP I 48 24.21 -14.72 1.07
CA ASP I 48 25.27 -13.87 0.56
C ASP I 48 25.78 -14.31 -0.81
N PRO I 49 25.49 -13.56 -1.91
CA PRO I 49 26.04 -13.93 -3.22
C PRO I 49 27.37 -13.24 -3.55
N SER I 50 28.01 -12.64 -2.55
CA SER I 50 29.30 -11.97 -2.74
C SER I 50 30.46 -12.86 -3.21
N PRO I 51 30.47 -14.19 -2.97
CA PRO I 51 31.61 -14.98 -3.48
C PRO I 51 31.83 -14.89 -4.99
N GLN I 52 30.82 -14.52 -5.76
CA GLN I 52 31.02 -14.27 -7.19
C GLN I 52 31.90 -13.05 -7.34
N GLU I 53 33.17 -13.27 -7.70
CA GLU I 53 34.15 -12.22 -7.84
C GLU I 53 35.09 -12.57 -8.98
N LEU I 54 35.65 -11.54 -9.62
CA LEU I 54 36.57 -11.76 -10.73
C LEU I 54 37.46 -10.54 -10.91
N VAL I 55 38.76 -10.78 -11.08
CA VAL I 55 39.67 -9.73 -11.49
C VAL I 55 39.69 -9.64 -13.02
N LEU I 56 39.81 -8.43 -13.54
CA LEU I 56 39.70 -8.15 -14.96
C LEU I 56 40.97 -7.49 -15.47
N LYS I 57 41.38 -7.89 -16.67
CA LYS I 57 42.59 -7.35 -17.27
C LYS I 57 42.32 -5.96 -17.86
N ASN I 58 43.28 -5.05 -17.69
CA ASN I 58 43.34 -3.78 -18.40
C ASN I 58 42.11 -2.90 -18.17
N VAL I 59 41.33 -3.15 -17.12
CA VAL I 59 40.11 -2.39 -16.90
C VAL I 59 40.44 -1.09 -16.17
N THR I 60 40.71 -0.04 -16.95
CA THR I 60 40.90 1.29 -16.39
C THR I 60 39.57 2.02 -16.40
N GLU I 61 39.10 2.40 -15.21
CA GLU I 61 37.79 3.01 -15.06
C GLU I 61 37.84 4.08 -13.98
N ASN I 62 37.02 5.11 -14.16
CA ASN I 62 36.95 6.22 -13.21
C ASN I 62 35.95 5.91 -12.11
N PHE I 63 36.27 6.33 -10.89
CA PHE I 63 35.39 6.24 -9.74
C PHE I 63 35.23 7.62 -9.12
N ASN I 64 34.09 7.84 -8.48
CA ASN I 64 33.81 9.11 -7.82
C ASN I 64 32.87 8.82 -6.65
N MET I 65 33.43 8.73 -5.45
CA MET I 65 32.63 8.44 -4.27
C MET I 65 31.83 9.64 -3.81
N TRP I 66 32.33 10.85 -4.07
CA TRP I 66 31.57 12.06 -3.73
C TRP I 66 30.31 12.18 -4.58
N LYS I 67 30.41 11.85 -5.87
CA LYS I 67 29.26 11.92 -6.76
C LYS I 67 28.43 10.64 -6.79
N ASN I 68 28.78 9.64 -5.99
CA ASN I 68 28.03 8.40 -5.98
C ASN I 68 26.61 8.65 -5.49
N ASP I 69 25.65 7.95 -6.11
CA ASP I 69 24.23 8.18 -5.89
C ASP I 69 23.52 7.05 -5.17
N MET I 70 24.01 5.81 -5.30
CA MET I 70 23.33 4.68 -4.68
C MET I 70 23.31 4.79 -3.16
N VAL I 71 24.26 5.51 -2.57
CA VAL I 71 24.22 5.73 -1.12
C VAL I 71 22.98 6.54 -0.74
N ASP I 72 22.56 7.45 -1.62
CA ASP I 72 21.34 8.22 -1.34
C ASP I 72 20.12 7.31 -1.32
N GLN I 73 20.03 6.40 -2.29
CA GLN I 73 18.94 5.43 -2.31
C GLN I 73 18.99 4.54 -1.08
N MET I 74 20.20 4.16 -0.66
CA MET I 74 20.35 3.32 0.53
C MET I 74 19.89 4.07 1.77
N HIS I 75 20.22 5.35 1.88
CA HIS I 75 19.75 6.16 3.00
C HIS I 75 18.22 6.28 2.99
N GLU I 76 17.64 6.46 1.80
CA GLU I 76 16.19 6.50 1.69
C GLU I 76 15.59 5.19 2.17
N ASP I 77 16.21 4.07 1.82
CA ASP I 77 15.74 2.78 2.28
C ASP I 77 15.82 2.69 3.80
N ILE I 78 16.92 3.17 4.39
CA ILE I 78 17.08 3.12 5.84
C ILE I 78 15.98 3.91 6.52
N ILE I 79 15.78 5.15 6.10
CA ILE I 79 14.82 6.01 6.79
C ILE I 79 13.40 5.49 6.60
N SER I 80 13.07 5.00 5.41
CA SER I 80 11.75 4.44 5.18
C SER I 80 11.51 3.21 6.04
N LEU I 81 12.50 2.32 6.10
CA LEU I 81 12.36 1.10 6.90
C LEU I 81 12.20 1.44 8.37
N TRP I 82 13.00 2.39 8.87
CA TRP I 82 12.94 2.75 10.28
C TRP I 82 11.60 3.38 10.63
N ASP I 83 11.11 4.28 9.77
CA ASP I 83 9.81 4.89 10.00
C ASP I 83 8.71 3.84 9.98
N GLN I 84 8.76 2.92 9.02
CA GLN I 84 7.75 1.87 8.95
C GLN I 84 7.80 0.98 10.18
N SER I 85 9.01 0.71 10.68
CA SER I 85 9.15 -0.08 11.90
C SER I 85 8.50 0.64 13.08
N LEU I 86 8.66 1.96 13.17
CA LEU I 86 8.06 2.71 14.26
C LEU I 86 6.58 3.02 14.06
N LYS I 87 6.02 2.75 12.88
CA LYS I 87 4.62 3.06 12.64
C LYS I 87 3.65 2.36 13.59
N PRO I 88 3.71 1.03 13.81
CA PRO I 88 2.67 0.39 14.62
C PRO I 88 2.75 0.69 16.10
N CYS I 89 3.87 1.21 16.60
CA CYS I 89 4.10 1.29 18.03
C CYS I 89 3.17 2.32 18.69
N VAL I 90 3.25 2.37 20.01
CA VAL I 90 2.31 3.17 20.80
C VAL I 90 2.63 4.65 20.64
N LYS I 91 1.58 5.47 20.75
CA LYS I 91 1.71 6.92 20.77
C LYS I 91 1.67 7.40 22.21
N LEU I 92 2.67 8.20 22.60
CA LEU I 92 2.78 8.69 23.97
C LEU I 92 2.17 10.07 24.14
N THR I 93 1.19 10.43 23.32
CA THR I 93 0.48 11.70 23.49
C THR I 93 -0.17 11.89 24.86
N PRO I 94 -0.81 10.88 25.47
CA PRO I 94 -1.47 11.14 26.77
C PRO I 94 -0.56 11.62 27.87
N LEU I 95 0.74 11.30 27.80
CA LEU I 95 1.65 11.62 28.90
C LEU I 95 1.81 13.11 29.14
N CYS I 96 1.59 13.95 28.13
CA CYS I 96 1.89 15.37 28.28
C CYS I 96 0.87 16.06 29.18
N VAL I 97 1.04 15.88 30.49
CA VAL I 97 0.28 16.59 31.51
C VAL I 97 1.27 17.16 32.51
N THR I 98 0.80 18.11 33.31
CA THR I 98 1.68 18.78 34.26
C THR I 98 2.27 17.78 35.24
N LEU I 99 3.57 17.92 35.49
CA LEU I 99 4.34 17.01 36.34
C LEU I 99 4.90 17.78 37.52
N ASN I 100 4.55 17.35 38.73
CA ASN I 100 5.17 17.85 39.95
C ASN I 100 6.39 16.98 40.22
N CYS I 101 7.57 17.60 40.22
CA CYS I 101 8.82 16.86 40.12
C CYS I 101 9.85 17.39 41.10
N SER I 102 10.85 16.56 41.36
CA SER I 102 12.01 16.94 42.17
C SER I 102 13.19 16.08 41.72
N ASN I 103 14.29 16.20 42.44
CA ASN I 103 15.51 15.46 42.11
C ASN I 103 15.45 14.06 42.70
N ALA I 104 16.58 13.36 42.70
CA ALA I 104 16.63 12.00 43.25
C ALA I 104 16.33 12.03 44.74
N ARG I 105 15.91 10.87 45.26
CA ARG I 105 15.49 10.80 46.65
C ARG I 105 16.67 11.00 47.60
N SER I 106 17.81 10.41 47.27
CA SER I 106 18.99 10.50 48.12
C SER I 106 20.26 10.23 47.31
N THR I 116 28.91 12.64 38.72
CA THR I 116 29.12 12.34 40.13
C THR I 116 28.01 11.48 40.68
N ILE I 117 26.77 11.94 40.47
CA ILE I 117 25.61 11.30 41.08
C ILE I 117 24.43 11.54 40.14
N MET I 118 23.32 10.86 40.41
CA MET I 118 22.16 10.88 39.53
C MET I 118 21.22 12.05 39.85
N GLY I 119 21.76 13.15 40.34
CA GLY I 119 21.05 14.42 40.23
C GLY I 119 20.64 14.75 38.81
N GLU I 120 21.39 14.25 37.83
CA GLU I 120 20.91 14.16 36.45
C GLU I 120 19.47 13.66 36.37
N MET I 121 19.12 12.65 37.17
CA MET I 121 17.78 12.09 37.18
C MET I 121 16.86 13.01 37.97
N LYS I 122 15.65 13.23 37.44
CA LYS I 122 14.62 14.00 38.12
C LYS I 122 13.42 13.12 38.44
N ASN I 123 13.06 13.08 39.72
CA ASN I 123 11.86 12.36 40.15
C ASN I 123 10.63 13.17 39.75
N CYS I 124 9.64 12.50 39.17
CA CYS I 124 8.40 13.14 38.73
C CYS I 124 7.20 12.33 39.19
N SER I 125 6.18 13.03 39.66
CA SER I 125 4.89 12.46 40.01
C SER I 125 3.82 13.21 39.25
N PHE I 126 2.79 12.49 38.81
CA PHE I 126 1.81 13.06 37.91
C PHE I 126 0.55 12.23 37.91
N ASN I 127 -0.53 12.83 37.39
CA ASN I 127 -1.81 12.15 37.27
C ASN I 127 -1.88 11.39 35.95
N THR I 128 -2.58 10.26 35.96
CA THR I 128 -2.76 9.47 34.76
C THR I 128 -4.09 8.75 34.83
N THR I 129 -4.61 8.37 33.66
CA THR I 129 -5.88 7.67 33.58
C THR I 129 -5.68 6.17 33.70
N THR I 130 -6.69 5.50 34.25
CA THR I 130 -6.67 4.04 34.37
C THR I 130 -7.21 3.43 33.08
N GLU I 131 -7.49 2.14 33.10
CA GLU I 131 -8.15 1.51 31.97
C GLU I 131 -9.58 2.03 31.82
N ILE I 132 -10.26 2.30 32.93
CA ILE I 132 -11.53 2.99 32.89
C ILE I 132 -11.23 4.43 32.50
N ARG I 133 -11.88 4.90 31.42
CA ARG I 133 -11.45 6.13 30.78
C ARG I 133 -11.63 7.36 31.67
N ASP I 134 -12.53 7.31 32.65
CA ASP I 134 -12.85 8.49 33.46
C ASP I 134 -12.08 8.56 34.77
N LYS I 135 -11.54 7.44 35.26
CA LYS I 135 -10.85 7.42 36.54
C LYS I 135 -9.40 7.84 36.38
N GLU I 136 -8.82 8.33 37.47
CA GLU I 136 -7.48 8.90 37.49
C GLU I 136 -6.69 8.33 38.67
N LYS I 137 -5.38 8.26 38.50
CA LYS I 137 -4.48 7.83 39.56
C LYS I 137 -3.18 8.62 39.46
N LYS I 138 -2.48 8.70 40.59
CA LYS I 138 -1.18 9.37 40.64
C LYS I 138 -0.08 8.36 40.36
N GLU I 139 1.11 8.88 40.03
CA GLU I 139 2.23 8.06 39.62
C GLU I 139 3.51 8.56 40.27
N TYR I 140 4.57 7.76 40.13
CA TYR I 140 5.84 7.99 40.82
C TYR I 140 6.93 7.53 39.86
N ALA I 141 7.43 8.48 39.06
CA ALA I 141 8.25 8.16 37.90
C ALA I 141 9.55 8.96 37.93
N LEU I 142 10.51 8.51 37.12
CA LEU I 142 11.85 9.07 37.04
C LEU I 142 12.19 9.40 35.59
N PHE I 143 12.77 10.57 35.36
CA PHE I 143 13.17 11.00 34.03
C PHE I 143 14.46 11.81 34.11
N TYR I 144 15.30 11.68 33.08
CA TYR I 144 16.51 12.47 33.00
C TYR I 144 16.18 13.93 32.73
N LYS I 145 17.06 14.82 33.17
CA LYS I 145 16.86 16.26 32.99
C LYS I 145 16.69 16.71 31.54
N PRO I 146 17.55 16.33 30.58
CA PRO I 146 17.37 16.84 29.22
C PRO I 146 16.10 16.37 28.54
N ASP I 147 15.46 15.30 29.03
CA ASP I 147 14.22 14.81 28.45
C ASP I 147 12.99 15.56 28.96
N VAL I 148 13.16 16.50 29.90
CA VAL I 148 12.05 17.29 30.43
C VAL I 148 12.48 18.75 30.48
N VAL I 149 11.49 19.62 30.54
CA VAL I 149 11.71 21.08 30.58
C VAL I 149 10.79 21.65 31.65
N PRO I 150 11.21 22.68 32.41
CA PRO I 150 10.26 23.33 33.31
C PRO I 150 9.33 24.26 32.55
N LEU I 151 8.19 24.55 33.17
CA LEU I 151 7.27 25.51 32.60
C LEU I 151 7.83 26.93 32.76
N ASN I 152 7.00 27.91 32.40
CA ASN I 152 7.38 29.32 32.51
C ASN I 152 7.82 29.66 33.93
N GLU I 153 8.96 30.33 34.04
CA GLU I 153 9.55 30.64 35.34
C GLU I 153 8.73 31.62 36.16
N THR I 154 7.77 32.34 35.55
CA THR I 154 6.86 33.15 36.36
C THR I 154 6.06 32.29 37.32
N SER I 155 5.63 31.11 36.89
CA SER I 155 5.17 30.07 37.79
C SER I 155 6.38 29.40 38.43
N ASN I 156 6.14 28.70 39.54
CA ASN I 156 7.22 28.02 40.23
C ASN I 156 7.83 26.95 39.34
N THR I 157 9.15 26.83 39.38
CA THR I 157 9.90 25.95 38.50
C THR I 157 9.72 24.47 38.84
N SER I 158 9.05 24.11 39.93
CA SER I 158 8.85 22.70 40.27
C SER I 158 8.01 21.95 39.25
N GLU I 159 7.24 22.65 38.42
CA GLU I 159 6.37 22.03 37.43
C GLU I 159 7.07 21.89 36.10
N TYR I 160 6.92 20.73 35.47
CA TYR I 160 7.62 20.39 34.24
C TYR I 160 6.64 19.79 33.24
N ARG I 161 7.13 19.63 32.02
CA ARG I 161 6.38 18.98 30.96
C ARG I 161 7.36 18.31 30.01
N LEU I 162 6.86 17.39 29.20
CA LEU I 162 7.68 16.81 28.14
C LEU I 162 7.97 17.87 27.09
N ILE I 163 9.18 17.82 26.54
CA ILE I 163 9.63 18.88 25.64
C ILE I 163 8.89 18.81 24.31
N ASN I 164 8.49 17.61 23.87
CA ASN I 164 8.00 17.45 22.51
C ASN I 164 6.68 18.16 22.25
N CYS I 165 5.76 18.14 23.23
CA CYS I 165 4.37 18.48 22.94
C CYS I 165 4.15 19.95 22.60
N ASN I 166 5.13 20.83 22.80
CA ASN I 166 5.01 22.17 22.24
C ASN I 166 5.39 22.22 20.76
N THR I 167 5.95 21.13 20.22
CA THR I 167 6.41 21.09 18.82
C THR I 167 5.68 20.02 18.02
N SER I 168 5.60 18.80 18.55
CA SER I 168 5.08 17.68 17.78
C SER I 168 4.67 16.56 18.72
N ALA I 169 4.26 15.44 18.11
CA ALA I 169 3.78 14.31 18.87
C ALA I 169 4.94 13.41 19.31
N CYS I 170 4.59 12.27 19.91
CA CYS I 170 5.56 11.31 20.42
C CYS I 170 5.11 9.91 20.06
N THR I 171 6.08 8.99 20.03
CA THR I 171 5.80 7.59 19.76
C THR I 171 6.78 6.72 20.53
N GLN I 172 6.26 5.67 21.15
CA GLN I 172 7.09 4.69 21.82
C GLN I 172 7.75 3.79 20.79
N ALA I 173 8.90 3.24 21.17
CA ALA I 173 9.59 2.24 20.37
C ALA I 173 9.17 0.86 20.85
N CYS I 174 8.77 -0.01 19.93
CA CYS I 174 8.28 -1.32 20.31
C CYS I 174 9.42 -2.14 20.94
N PRO I 175 9.11 -3.05 21.87
CA PRO I 175 10.21 -3.76 22.55
C PRO I 175 10.97 -4.71 21.65
N LYS I 176 10.26 -5.54 20.87
CA LYS I 176 10.92 -6.50 20.01
C LYS I 176 11.64 -5.85 18.82
N VAL I 177 11.36 -4.58 18.54
CA VAL I 177 12.04 -3.86 17.46
C VAL I 177 13.28 -3.19 18.05
N THR I 178 14.35 -3.96 18.18
CA THR I 178 15.62 -3.47 18.72
C THR I 178 16.73 -4.36 18.18
N PHE I 179 17.72 -3.76 17.52
CA PHE I 179 18.65 -4.56 16.74
C PHE I 179 19.92 -3.78 16.45
N GLU I 180 21.05 -4.46 16.60
CA GLU I 180 22.33 -3.89 16.20
C GLU I 180 22.48 -4.00 14.68
N PRO I 181 23.38 -3.20 14.08
CA PRO I 181 23.50 -3.22 12.62
C PRO I 181 24.01 -4.56 12.10
N ILE I 182 23.30 -5.11 11.12
CA ILE I 182 23.73 -6.36 10.47
C ILE I 182 24.65 -6.03 9.31
N PRO I 183 25.66 -6.86 9.01
CA PRO I 183 26.36 -6.68 7.73
C PRO I 183 25.45 -7.04 6.57
N ILE I 184 25.03 -6.02 5.82
CA ILE I 184 24.00 -6.16 4.80
C ILE I 184 24.59 -5.77 3.45
N HIS I 185 24.43 -6.64 2.46
CA HIS I 185 25.02 -6.46 1.15
C HIS I 185 24.14 -5.62 0.25
N TYR I 186 24.60 -5.43 -0.98
CA TYR I 186 23.89 -4.63 -1.98
C TYR I 186 24.17 -5.23 -3.35
N CYS I 187 23.13 -5.84 -3.94
CA CYS I 187 23.27 -6.72 -5.09
C CYS I 187 22.65 -6.06 -6.31
N ALA I 188 23.37 -6.10 -7.42
CA ALA I 188 22.86 -5.52 -8.65
C ALA I 188 21.71 -6.38 -9.18
N PRO I 189 20.65 -5.80 -9.74
CA PRO I 189 19.66 -6.62 -10.44
C PRO I 189 20.17 -7.06 -11.80
N ALA I 190 19.34 -7.84 -12.49
CA ALA I 190 19.71 -8.35 -13.81
C ALA I 190 19.95 -7.20 -14.78
N GLY I 191 20.98 -7.35 -15.61
CA GLY I 191 21.36 -6.33 -16.57
C GLY I 191 22.31 -5.28 -16.04
N TYR I 192 22.56 -5.26 -14.73
CA TYR I 192 23.50 -4.33 -14.12
C TYR I 192 24.62 -5.11 -13.43
N ALA I 193 25.71 -4.39 -13.14
CA ALA I 193 26.86 -4.99 -12.48
C ALA I 193 27.50 -3.95 -11.58
N ILE I 194 28.23 -4.43 -10.58
CA ILE I 194 28.90 -3.60 -9.58
C ILE I 194 30.39 -3.67 -9.82
N LEU I 195 31.02 -2.52 -10.00
CA LEU I 195 32.46 -2.43 -10.22
C LEU I 195 33.15 -1.96 -8.95
N LYS I 196 34.10 -2.76 -8.47
CA LYS I 196 34.84 -2.49 -7.25
C LYS I 196 36.26 -2.08 -7.61
N CYS I 197 36.66 -0.88 -7.21
CA CYS I 197 38.06 -0.51 -7.33
C CYS I 197 38.87 -1.25 -6.27
N ASN I 198 40.09 -1.63 -6.64
CA ASN I 198 40.95 -2.45 -5.80
C ASN I 198 42.27 -1.79 -5.45
N ASN I 199 42.64 -0.68 -6.11
CA ASN I 199 43.88 0.02 -5.78
C ASN I 199 43.76 0.57 -4.36
N LYS I 200 44.71 0.20 -3.50
CA LYS I 200 44.62 0.57 -2.10
C LYS I 200 44.85 2.07 -1.89
N THR I 201 45.60 2.69 -2.80
CA THR I 201 45.91 4.11 -2.68
C THR I 201 44.86 5.01 -3.34
N PHE I 202 43.62 4.55 -3.42
CA PHE I 202 42.56 5.29 -4.11
C PHE I 202 42.36 6.67 -3.47
N ASN I 203 42.39 7.70 -4.31
CA ASN I 203 42.44 9.08 -3.83
C ASN I 203 41.04 9.69 -3.76
N GLY I 204 40.03 8.87 -3.53
CA GLY I 204 38.66 9.35 -3.45
C GLY I 204 37.98 9.36 -4.80
N THR I 205 38.68 9.81 -5.85
CA THR I 205 38.11 9.81 -7.18
C THR I 205 39.25 9.82 -8.19
N GLY I 206 38.99 9.16 -9.33
CA GLY I 206 39.95 9.07 -10.40
C GLY I 206 39.98 7.69 -11.02
N PRO I 207 40.90 7.48 -11.96
CA PRO I 207 41.02 6.15 -12.58
C PRO I 207 41.42 5.08 -11.56
N CYS I 208 40.98 3.86 -11.82
CA CYS I 208 41.37 2.69 -11.05
C CYS I 208 41.80 1.60 -12.02
N SER I 209 42.93 0.97 -11.73
CA SER I 209 43.57 0.03 -12.66
C SER I 209 43.39 -1.44 -12.29
N ASN I 210 43.30 -1.79 -11.01
CA ASN I 210 43.19 -3.19 -10.60
C ASN I 210 41.72 -3.52 -10.35
N VAL I 211 40.83 -2.93 -11.16
CA VAL I 211 39.40 -3.04 -10.91
C VAL I 211 38.95 -4.50 -11.00
N SER I 212 38.09 -4.88 -10.07
CA SER I 212 37.44 -6.18 -10.07
C SER I 212 35.94 -5.95 -10.14
N THR I 213 35.19 -7.04 -10.31
CA THR I 213 33.73 -6.99 -10.42
C THR I 213 33.12 -8.12 -9.62
N VAL I 214 31.95 -7.84 -9.07
CA VAL I 214 31.25 -8.76 -8.20
C VAL I 214 29.75 -8.73 -8.53
N GLN I 215 29.12 -9.91 -8.42
CA GLN I 215 27.67 -9.95 -8.55
C GLN I 215 27.00 -9.14 -7.45
N CYS I 216 27.59 -9.15 -6.25
CA CYS I 216 27.04 -8.42 -5.13
C CYS I 216 28.19 -8.00 -4.22
N THR I 217 27.97 -6.95 -3.44
CA THR I 217 29.07 -6.25 -2.79
C THR I 217 29.17 -6.64 -1.31
N HIS I 218 30.09 -5.95 -0.63
CA HIS I 218 30.42 -6.25 0.75
C HIS I 218 29.21 -6.00 1.66
N GLY I 219 29.11 -6.81 2.71
CA GLY I 219 28.06 -6.66 3.68
C GLY I 219 28.29 -5.51 4.64
N ILE I 220 28.16 -4.27 4.15
CA ILE I 220 28.39 -3.10 4.98
C ILE I 220 27.35 -3.06 6.09
N ARG I 221 27.79 -2.70 7.30
CA ARG I 221 26.89 -2.54 8.44
C ARG I 221 26.30 -1.15 8.45
N PRO I 222 24.96 -0.95 8.72
CA PRO I 222 24.42 0.40 8.87
C PRO I 222 24.64 0.98 10.27
N VAL I 223 25.91 1.18 10.63
CA VAL I 223 26.25 1.71 11.94
C VAL I 223 25.87 3.18 12.01
N VAL I 224 25.57 3.65 13.22
CA VAL I 224 25.21 5.04 13.48
C VAL I 224 26.11 5.55 14.60
N SER I 225 26.92 6.57 14.31
CA SER I 225 27.71 7.23 15.33
C SER I 225 28.14 8.59 14.80
N THR I 226 28.22 9.57 15.70
CA THR I 226 28.57 10.94 15.36
C THR I 226 30.02 11.23 15.73
N GLN I 227 30.72 11.93 14.82
CA GLN I 227 32.09 12.39 14.99
C GLN I 227 33.14 11.29 14.88
N LEU I 228 32.72 10.03 14.81
CA LEU I 228 33.64 8.91 14.75
C LEU I 228 32.97 7.76 14.00
N LEU I 229 33.78 7.01 13.26
CA LEU I 229 33.36 5.80 12.57
C LEU I 229 33.82 4.59 13.38
N LEU I 230 32.88 3.74 13.76
CA LEU I 230 33.17 2.62 14.64
C LEU I 230 32.50 1.36 14.10
N ASN I 231 33.08 0.22 14.45
CA ASN I 231 32.65 -1.08 13.93
C ASN I 231 32.64 -1.09 12.41
N GLY I 232 33.64 -0.44 11.80
CA GLY I 232 33.80 -0.41 10.37
C GLY I 232 34.92 -1.30 9.89
N SER I 233 35.24 -1.17 8.61
CA SER I 233 36.30 -1.95 7.96
C SER I 233 37.54 -1.08 7.83
N LEU I 234 38.65 -1.57 8.38
CA LEU I 234 39.90 -0.81 8.34
C LEU I 234 40.46 -0.75 6.92
N ALA I 235 41.29 0.25 6.69
CA ALA I 235 42.06 0.30 5.45
C ALA I 235 43.20 -0.71 5.52
N GLU I 236 43.84 -0.92 4.37
CA GLU I 236 44.95 -1.86 4.24
C GLU I 236 46.28 -1.19 3.98
N LYS I 237 46.29 0.03 3.46
CA LYS I 237 47.48 0.88 3.46
C LYS I 237 47.58 1.52 4.84
N GLU I 238 48.41 2.54 4.99
CA GLU I 238 48.40 3.34 6.21
C GLU I 238 47.12 4.19 6.22
N ILE I 239 47.01 5.09 7.20
CA ILE I 239 45.79 5.87 7.38
C ILE I 239 45.52 6.71 6.12
N VAL I 240 44.28 6.66 5.66
CA VAL I 240 43.88 7.19 4.36
C VAL I 240 43.12 8.50 4.58
N ILE I 241 43.33 9.46 3.67
CA ILE I 241 42.65 10.75 3.69
C ILE I 241 41.85 10.89 2.40
N ARG I 242 40.63 11.41 2.53
CA ARG I 242 39.75 11.65 1.39
C ARG I 242 39.04 12.98 1.59
N SER I 243 38.93 13.76 0.52
CA SER I 243 38.38 15.10 0.61
C SER I 243 37.89 15.55 -0.76
N GLU I 244 36.89 16.43 -0.74
CA GLU I 244 36.43 17.05 -1.98
C GLU I 244 37.53 17.91 -2.59
N ASN I 245 38.07 18.83 -1.79
CA ASN I 245 39.25 19.60 -2.19
C ASN I 245 39.84 20.21 -0.93
N LEU I 246 41.07 19.83 -0.59
CA LEU I 246 41.66 20.20 0.69
C LEU I 246 41.80 21.71 0.81
N THR I 247 42.24 22.38 -0.25
CA THR I 247 42.44 23.82 -0.20
C THR I 247 41.13 24.57 0.03
N ASN I 248 39.99 23.98 -0.32
CA ASN I 248 38.69 24.55 0.04
C ASN I 248 38.48 24.23 1.52
N ASN I 249 38.77 25.23 2.35
CA ASN I 249 38.94 25.00 3.78
C ASN I 249 37.66 24.50 4.45
N ALA I 250 36.53 25.08 4.11
CA ALA I 250 35.29 24.79 4.83
C ALA I 250 34.71 23.43 4.48
N LYS I 251 35.29 22.70 3.53
CA LYS I 251 34.75 21.40 3.15
C LYS I 251 35.18 20.33 4.16
N ILE I 252 34.50 19.18 4.09
CA ILE I 252 34.71 18.11 5.06
C ILE I 252 35.88 17.24 4.62
N ILE I 253 36.65 16.78 5.61
CA ILE I 253 37.72 15.80 5.42
C ILE I 253 37.37 14.57 6.23
N ILE I 254 37.60 13.39 5.66
CA ILE I 254 37.32 12.11 6.29
C ILE I 254 38.64 11.36 6.43
N VAL I 255 38.81 10.68 7.55
CA VAL I 255 40.01 9.90 7.85
C VAL I 255 39.61 8.46 8.11
N HIS I 256 40.29 7.54 7.44
CA HIS I 256 40.02 6.10 7.52
C HIS I 256 41.24 5.42 8.12
N LEU I 257 41.07 4.84 9.30
CA LEU I 257 42.17 4.23 10.02
C LEU I 257 42.57 2.90 9.40
N ASN I 258 43.86 2.57 9.49
CA ASN I 258 44.38 1.27 9.11
C ASN I 258 44.48 0.30 10.30
N THR I 259 44.31 0.79 11.52
CA THR I 259 44.34 -0.04 12.70
C THR I 259 43.25 0.43 13.66
N SER I 260 42.51 -0.52 14.23
CA SER I 260 41.39 -0.17 15.08
C SER I 260 41.86 0.22 16.47
N VAL I 261 41.00 0.98 17.16
CA VAL I 261 41.21 1.37 18.55
C VAL I 261 39.94 1.02 19.32
N GLU I 262 40.12 0.44 20.50
CA GLU I 262 39.02 -0.11 21.28
C GLU I 262 38.44 0.93 22.22
N ILE I 263 37.12 0.92 22.37
CA ILE I 263 36.41 1.75 23.33
C ILE I 263 35.34 0.90 24.00
N VAL I 264 35.21 1.05 25.31
CA VAL I 264 34.20 0.35 26.11
C VAL I 264 33.40 1.39 26.86
N CYS I 265 32.08 1.23 26.87
CA CYS I 265 31.16 2.13 27.54
C CYS I 265 30.25 1.34 28.45
N THR I 266 30.06 1.85 29.67
CA THR I 266 29.28 1.17 30.69
C THR I 266 28.65 2.20 31.60
N ARG I 267 27.57 1.80 32.27
CA ARG I 267 27.11 2.48 33.47
C ARG I 267 26.82 1.42 34.53
N PRO I 268 27.37 1.55 35.75
CA PRO I 268 27.05 0.55 36.77
C PRO I 268 25.61 0.69 37.24
N GLY I 269 25.21 -0.26 38.09
CA GLY I 269 23.94 -0.21 38.78
C GLY I 269 22.90 -1.17 38.22
N ASN I 270 22.23 -1.89 39.13
CA ASN I 270 21.16 -2.80 38.74
C ASN I 270 19.86 -2.01 38.55
N ASN I 271 19.85 -1.13 37.56
CA ASN I 271 18.69 -0.28 37.31
C ASN I 271 17.49 -1.13 36.89
N THR I 272 16.30 -0.68 37.31
CA THR I 272 15.07 -1.41 37.11
C THR I 272 14.03 -0.48 36.50
N ARG I 273 13.28 -1.01 35.53
CA ARG I 273 12.16 -0.31 34.92
C ARG I 273 10.85 -0.88 35.43
N LYS I 274 9.79 -0.08 35.30
CA LYS I 274 8.44 -0.50 35.63
C LYS I 274 7.50 -0.09 34.51
N SER I 275 6.64 -1.02 34.10
CA SER I 275 5.59 -0.69 33.15
C SER I 275 4.55 0.19 33.82
N VAL I 276 3.90 1.03 33.03
CA VAL I 276 2.87 1.96 33.51
C VAL I 276 1.69 1.84 32.57
N ARG I 277 0.60 1.26 33.05
CA ARG I 277 -0.62 1.16 32.26
C ARG I 277 -1.14 2.55 31.95
N ILE I 278 -1.14 2.91 30.66
CA ILE I 278 -1.55 4.23 30.20
C ILE I 278 -2.69 4.04 29.20
N GLY I 279 -3.92 4.10 29.70
CA GLY I 279 -5.08 3.85 28.88
C GLY I 279 -5.23 2.38 28.58
N PRO I 280 -6.30 2.01 27.86
CA PRO I 280 -6.58 0.60 27.61
C PRO I 280 -5.76 0.06 26.45
N GLY I 281 -4.95 -0.95 26.73
CA GLY I 281 -4.24 -1.69 25.70
C GLY I 281 -2.82 -1.27 25.41
N GLN I 282 -2.22 -0.42 26.25
CA GLN I 282 -0.82 -0.06 26.07
C GLN I 282 -0.23 0.29 27.42
N THR I 283 1.10 0.18 27.50
CA THR I 283 1.86 0.45 28.72
C THR I 283 3.07 1.30 28.40
N PHE I 284 3.27 2.33 29.22
CA PHE I 284 4.51 3.10 29.16
C PHE I 284 5.57 2.43 30.03
N TYR I 285 6.83 2.55 29.59
CA TYR I 285 7.97 1.97 30.29
C TYR I 285 8.81 3.09 30.87
N ALA I 286 8.63 3.36 32.16
CA ALA I 286 9.43 4.35 32.87
C ALA I 286 10.50 3.67 33.71
N THR I 287 11.60 4.38 33.93
CA THR I 287 12.62 3.88 34.84
C THR I 287 12.08 3.88 36.26
N GLY I 288 12.19 2.74 36.93
CA GLY I 288 11.57 2.57 38.23
C GLY I 288 12.48 2.92 39.38
N ASP I 289 13.72 2.45 39.32
CA ASP I 289 14.68 2.73 40.38
C ASP I 289 16.08 2.49 39.85
N ILE I 290 17.06 3.03 40.59
CA ILE I 290 18.48 2.83 40.33
C ILE I 290 19.10 2.18 41.55
N ILE I 291 19.87 1.11 41.32
CA ILE I 291 20.43 0.31 42.40
C ILE I 291 21.91 0.07 42.15
N GLY I 292 22.75 0.83 42.84
CA GLY I 292 24.19 0.63 42.74
C GLY I 292 24.92 1.95 42.86
N ASP I 293 26.25 1.87 42.73
CA ASP I 293 27.05 3.09 42.72
C ASP I 293 26.68 3.97 41.55
N ILE I 294 26.52 3.36 40.37
CA ILE I 294 26.10 3.97 39.10
C ILE I 294 26.79 5.32 38.89
N ARG I 295 28.12 5.32 38.99
CA ARG I 295 28.91 6.47 38.56
C ARG I 295 28.63 6.65 37.08
N GLN I 296 28.38 7.88 36.65
CA GLN I 296 27.64 8.11 35.42
C GLN I 296 28.45 7.74 34.18
N ALA I 297 27.98 6.70 33.48
CA ALA I 297 28.18 6.47 32.04
C ALA I 297 29.62 6.67 31.57
N HIS I 298 30.62 6.43 32.40
CA HIS I 298 31.99 6.62 31.95
C HIS I 298 32.37 5.56 30.91
N CYS I 299 33.20 5.98 29.96
CA CYS I 299 33.68 5.13 28.88
C CYS I 299 35.19 5.01 28.96
N ASN I 300 35.72 3.84 28.62
CA ASN I 300 37.14 3.53 28.72
C ASN I 300 37.73 3.45 27.33
N ILE I 301 38.87 4.14 27.13
CA ILE I 301 39.59 4.14 25.87
C ILE I 301 40.87 3.33 26.07
N SER I 302 41.35 2.71 25.00
CA SER I 302 42.47 1.78 25.11
C SER I 302 43.80 2.49 25.35
N GLU I 303 43.93 3.13 26.50
CA GLU I 303 45.19 3.70 26.99
C GLU I 303 45.72 4.71 25.97
N GLY I 304 47.05 4.86 25.87
CA GLY I 304 47.65 5.85 24.99
C GLY I 304 47.80 5.41 23.56
N GLN I 305 47.08 4.35 23.15
CA GLN I 305 47.07 4.01 21.73
C GLN I 305 46.48 5.13 20.90
N TRP I 306 45.57 5.90 21.49
CA TRP I 306 45.13 7.16 20.90
C TRP I 306 46.31 8.12 20.78
N ASN I 307 47.14 8.20 21.82
CA ASN I 307 48.32 9.05 21.80
C ASN I 307 49.25 8.67 20.66
N LYS I 308 49.33 7.38 20.34
CA LYS I 308 50.14 6.94 19.21
C LYS I 308 49.44 7.25 17.88
N THR I 309 48.12 7.03 17.82
CA THR I 309 47.41 7.11 16.56
C THR I 309 47.37 8.55 16.05
N LEU I 310 47.21 9.52 16.95
CA LEU I 310 47.21 10.90 16.51
C LEU I 310 48.53 11.30 15.89
N HIS I 311 49.64 10.69 16.31
CA HIS I 311 50.92 10.95 15.66
C HIS I 311 50.85 10.56 14.18
N GLU I 312 50.32 9.38 13.89
CA GLU I 312 50.24 8.92 12.51
C GLU I 312 49.32 9.82 11.69
N VAL I 313 48.19 10.19 12.27
CA VAL I 313 47.27 11.06 11.54
C VAL I 313 47.92 12.41 11.25
N SER I 314 48.62 12.96 12.24
CA SER I 314 49.31 14.23 12.04
C SER I 314 50.38 14.11 10.97
N LYS I 315 51.09 12.97 10.94
CA LYS I 315 52.11 12.78 9.92
C LYS I 315 51.49 12.72 8.53
N GLU I 316 50.36 12.04 8.38
CA GLU I 316 49.66 12.01 7.10
C GLU I 316 49.25 13.42 6.67
N LEU I 317 48.67 14.19 7.60
CA LEU I 317 48.24 15.53 7.27
C LEU I 317 49.43 16.41 6.88
N GLN I 318 50.53 16.30 7.63
CA GLN I 318 51.73 17.06 7.29
C GLN I 318 52.25 16.67 5.93
N LYS I 319 52.16 15.38 5.56
CA LYS I 319 52.54 14.98 4.22
C LYS I 319 51.67 15.66 3.18
N HIS I 320 50.36 15.73 3.43
CA HIS I 320 49.46 16.32 2.45
C HIS I 320 49.56 17.84 2.36
N PHE I 321 50.11 18.51 3.37
CA PHE I 321 50.00 19.95 3.50
C PHE I 321 51.37 20.59 3.75
N PRO I 322 51.50 21.92 3.54
CA PRO I 322 52.76 22.58 3.87
C PRO I 322 52.98 22.69 5.38
N ASN I 323 54.00 23.46 5.79
CA ASN I 323 54.57 23.35 7.13
C ASN I 323 53.73 23.98 8.23
N LYS I 324 52.47 24.32 7.96
CA LYS I 324 51.57 24.75 9.04
C LYS I 324 51.40 23.59 10.01
N THR I 325 51.81 23.80 11.26
CA THR I 325 51.87 22.71 12.23
C THR I 325 50.48 22.17 12.53
N ILE I 326 50.39 20.85 12.65
CA ILE I 326 49.11 20.20 12.93
C ILE I 326 48.94 20.04 14.43
N LYS I 327 47.71 20.22 14.89
CA LYS I 327 47.34 20.11 16.29
C LYS I 327 45.84 19.78 16.32
N TYR I 328 45.23 19.86 17.51
CA TYR I 328 43.85 19.42 17.68
C TYR I 328 43.15 20.28 18.72
N GLU I 329 41.82 20.28 18.65
CA GLU I 329 41.01 21.24 19.39
C GLU I 329 39.68 20.60 19.77
N ARG I 330 39.04 21.16 20.79
CA ARG I 330 37.74 20.71 21.29
C ARG I 330 36.67 20.72 20.20
N SER I 331 35.52 20.12 20.48
CA SER I 331 34.43 20.11 19.52
C SER I 331 33.92 21.53 19.27
N ALA I 332 33.30 21.72 18.10
CA ALA I 332 32.83 23.05 17.71
C ALA I 332 31.75 23.56 18.66
N GLY I 333 30.71 22.77 18.90
CA GLY I 333 29.58 23.16 19.72
C GLY I 333 28.26 22.94 18.99
N GLY I 334 27.48 24.01 18.89
CA GLY I 334 26.20 23.89 18.22
C GLY I 334 25.25 23.00 19.00
N ASP I 335 24.51 22.18 18.25
CA ASP I 335 23.56 21.26 18.86
C ASP I 335 24.29 20.22 19.70
N MET I 336 23.55 19.62 20.63
CA MET I 336 24.15 18.65 21.54
C MET I 336 24.63 17.42 20.78
N GLU I 337 23.86 16.97 19.78
CA GLU I 337 24.27 15.82 18.99
C GLU I 337 25.54 16.10 18.20
N ILE I 338 25.63 17.26 17.57
CA ILE I 338 26.85 17.62 16.86
C ILE I 338 27.98 17.92 17.82
N ALA I 339 27.67 18.51 18.97
CA ALA I 339 28.70 18.87 19.93
C ALA I 339 29.41 17.64 20.46
N THR I 340 28.66 16.58 20.74
CA THR I 340 29.17 15.37 21.38
C THR I 340 29.21 14.20 20.41
N HIS I 341 30.15 13.28 20.66
CA HIS I 341 30.08 11.97 20.03
C HIS I 341 28.84 11.25 20.52
N SER I 342 28.11 10.63 19.59
CA SER I 342 26.87 9.94 19.89
C SER I 342 26.91 8.54 19.30
N PHE I 343 26.12 7.65 19.91
CA PHE I 343 25.99 6.27 19.46
C PHE I 343 24.87 5.63 20.24
N ASN I 344 24.40 4.48 19.75
CA ASN I 344 23.28 3.76 20.33
C ASN I 344 23.63 2.29 20.60
N CYS I 345 24.79 2.04 21.19
CA CYS I 345 25.27 0.67 21.37
C CYS I 345 24.33 -0.16 22.24
N GLY I 346 23.92 0.39 23.38
CA GLY I 346 23.11 -0.33 24.34
C GLY I 346 21.62 -0.23 24.13
N GLY I 347 21.17 0.19 22.94
CA GLY I 347 19.78 0.47 22.72
C GLY I 347 19.46 1.88 23.15
N GLU I 348 19.70 2.17 24.42
CA GLU I 348 19.65 3.54 24.89
C GLU I 348 20.77 4.35 24.24
N PHE I 349 20.53 5.64 24.06
CA PHE I 349 21.42 6.51 23.32
C PHE I 349 22.41 7.18 24.26
N PHE I 350 23.65 7.31 23.80
CA PHE I 350 24.75 7.82 24.58
C PHE I 350 25.30 9.09 23.92
N TYR I 351 25.80 10.00 24.74
CA TYR I 351 26.46 11.21 24.26
C TYR I 351 27.64 11.50 25.18
N CYS I 352 28.76 11.92 24.59
CA CYS I 352 30.01 12.10 25.32
C CYS I 352 30.72 13.36 24.88
N ASN I 353 31.13 14.15 25.87
CA ASN I 353 31.93 15.35 25.66
C ASN I 353 33.34 14.90 25.29
N THR I 354 33.71 15.12 24.04
CA THR I 354 34.95 14.60 23.48
C THR I 354 36.13 15.55 23.66
N SER I 355 36.10 16.41 24.68
CA SER I 355 37.18 17.38 24.87
C SER I 355 38.51 16.69 25.13
N ASN I 356 38.49 15.63 25.93
CA ASN I 356 39.73 14.93 26.28
C ASN I 356 40.40 14.27 25.09
N LEU I 357 39.64 13.93 24.05
CA LEU I 357 40.23 13.26 22.90
C LEU I 357 41.18 14.17 22.13
N PHE I 358 40.75 15.40 21.84
CA PHE I 358 41.47 16.30 20.96
C PHE I 358 42.31 17.33 21.68
N ASN I 359 42.42 17.25 23.01
CA ASN I 359 43.30 18.15 23.74
C ASN I 359 44.75 17.83 23.43
N GLY I 360 45.62 18.81 23.64
CA GLY I 360 47.05 18.61 23.47
C GLY I 360 47.52 18.81 22.06
N THR I 361 48.74 19.31 21.88
CA THR I 361 49.29 19.60 20.56
C THR I 361 50.73 19.13 20.39
N TYR I 362 51.50 19.05 21.47
CA TYR I 362 52.95 19.00 21.42
C TYR I 362 53.44 17.57 21.21
N ASN I 363 54.68 17.46 20.71
CA ASN I 363 55.27 16.17 20.35
C ASN I 363 55.38 15.23 21.56
N GLY I 364 55.44 15.78 22.77
CA GLY I 364 55.51 14.96 23.96
C GLY I 364 54.33 14.03 24.13
N THR I 365 53.17 14.39 23.56
CA THR I 365 52.03 13.48 23.47
C THR I 365 51.50 13.38 22.04
N TYR I 366 52.31 13.72 21.03
CA TYR I 366 51.96 13.52 19.64
C TYR I 366 53.10 12.96 18.81
N ILE I 367 54.29 12.77 19.39
CA ILE I 367 55.33 11.94 18.80
C ILE I 367 55.82 10.99 19.89
N ASN I 368 54.92 10.62 20.80
CA ASN I 368 55.27 9.78 21.95
C ASN I 368 54.21 8.69 22.08
N THR I 369 54.65 7.54 22.61
CA THR I 369 53.78 6.37 22.74
C THR I 369 54.04 5.70 24.08
N SER I 370 53.01 5.11 24.66
CA SER I 370 53.13 4.39 25.93
C SER I 370 51.79 3.76 26.26
N SER I 371 51.79 2.94 27.30
CA SER I 371 50.59 2.28 27.81
C SER I 371 50.49 2.46 29.31
N THR I 372 49.61 3.38 29.75
CA THR I 372 49.51 3.76 31.14
C THR I 372 48.18 3.36 31.77
N SER I 373 47.07 3.85 31.22
CA SER I 373 45.76 3.63 31.81
C SER I 373 44.70 4.19 30.88
N TYR I 374 43.50 3.63 30.98
CA TYR I 374 42.44 3.96 30.04
C TYR I 374 41.99 5.41 30.24
N ILE I 375 41.84 6.13 29.12
CA ILE I 375 41.35 7.50 29.17
C ILE I 375 39.83 7.47 29.33
N THR I 376 39.31 8.44 30.06
CA THR I 376 37.91 8.47 30.46
C THR I 376 37.19 9.63 29.78
N LEU I 377 35.97 9.38 29.32
CA LEU I 377 35.11 10.40 28.73
C LEU I 377 33.86 10.58 29.59
N GLN I 378 33.60 11.82 30.00
CA GLN I 378 32.33 12.14 30.62
C GLN I 378 31.23 11.98 29.58
N CYS I 379 30.13 11.35 29.95
CA CYS I 379 29.04 11.07 29.02
C CYS I 379 27.69 11.32 29.69
N ARG I 380 26.65 11.23 28.88
CA ARG I 380 25.29 11.56 29.31
C ARG I 380 24.32 10.68 28.53
N ILE I 381 23.16 10.42 29.15
CA ILE I 381 22.13 9.56 28.57
C ILE I 381 20.90 10.40 28.28
N LYS I 382 20.19 10.04 27.22
CA LYS I 382 18.96 10.71 26.83
C LYS I 382 18.01 9.68 26.24
N GLN I 383 16.72 9.85 26.55
CA GLN I 383 15.69 8.93 26.09
C GLN I 383 14.98 9.41 24.83
N ILE I 384 14.38 10.60 24.86
CA ILE I 384 13.69 11.15 23.71
C ILE I 384 14.73 11.67 22.74
N ILE I 385 14.49 11.47 21.44
CA ILE I 385 15.46 11.85 20.43
C ILE I 385 14.77 11.99 19.08
N ASN I 386 15.12 13.05 18.36
CA ASN I 386 14.86 13.16 16.93
C ASN I 386 15.99 12.41 16.23
N MET I 387 15.67 11.20 15.74
CA MET I 387 16.67 10.20 15.43
C MET I 387 17.68 10.68 14.38
N TRP I 388 17.22 10.90 13.15
CA TRP I 388 18.14 11.15 12.04
C TRP I 388 18.42 12.65 11.98
N GLN I 389 19.27 13.11 12.90
CA GLN I 389 19.91 14.42 12.80
C GLN I 389 18.88 15.56 12.75
N GLY I 390 17.92 15.53 13.67
CA GLY I 390 16.99 16.63 13.83
C GLY I 390 15.72 16.55 13.01
N VAL I 391 15.60 15.58 12.11
CA VAL I 391 14.33 15.39 11.40
C VAL I 391 13.27 15.00 12.42
N GLY I 392 12.04 15.42 12.17
CA GLY I 392 11.00 15.43 13.20
C GLY I 392 10.37 14.10 13.55
N ARG I 393 11.12 13.00 13.47
CA ARG I 393 10.64 11.70 13.93
C ARG I 393 10.85 11.60 15.44
N CYS I 394 10.12 12.43 16.16
CA CYS I 394 10.25 12.48 17.62
C CYS I 394 9.70 11.20 18.21
N MET I 395 10.57 10.43 18.88
CA MET I 395 10.23 9.12 19.41
C MET I 395 10.91 8.93 20.76
N TYR I 396 10.39 7.99 21.53
CA TYR I 396 10.86 7.71 22.89
C TYR I 396 11.51 6.34 22.93
N ALA I 397 12.72 6.28 23.49
CA ALA I 397 13.42 5.02 23.69
C ALA I 397 13.12 4.48 25.08
N PRO I 398 12.61 3.25 25.23
CA PRO I 398 12.29 2.77 26.57
C PRO I 398 13.56 2.44 27.34
N PRO I 399 13.50 2.38 28.67
CA PRO I 399 14.68 2.01 29.45
C PRO I 399 14.95 0.51 29.38
N ILE I 400 16.16 0.15 29.79
CA ILE I 400 16.61 -1.24 29.80
C ILE I 400 17.20 -1.52 31.18
N ALA I 401 17.16 -2.79 31.58
CA ALA I 401 17.66 -3.20 32.90
C ALA I 401 19.15 -2.85 33.05
N GLY I 402 19.63 -2.99 34.28
CA GLY I 402 20.94 -2.48 34.64
C GLY I 402 22.13 -3.25 34.10
N ASN I 403 23.33 -2.77 34.45
CA ASN I 403 24.58 -3.42 34.05
C ASN I 403 24.72 -3.49 32.53
N ILE I 404 24.22 -2.46 31.84
CA ILE I 404 24.38 -2.41 30.39
C ILE I 404 25.85 -2.15 30.06
N THR I 405 26.33 -2.80 29.01
CA THR I 405 27.72 -2.69 28.61
C THR I 405 27.83 -2.79 27.09
N CYS I 406 28.91 -2.23 26.55
CA CYS I 406 29.13 -2.19 25.11
C CYS I 406 30.61 -2.36 24.82
N LYS I 407 30.91 -2.79 23.60
CA LYS I 407 32.28 -2.91 23.11
C LYS I 407 32.28 -2.64 21.62
N SER I 408 33.30 -1.93 21.15
CA SER I 408 33.33 -1.51 19.75
C SER I 408 34.76 -1.22 19.35
N ASN I 409 34.98 -1.15 18.04
CA ASN I 409 36.26 -0.83 17.44
C ASN I 409 36.12 0.45 16.62
N ILE I 410 36.95 1.43 16.92
CA ILE I 410 36.94 2.69 16.18
C ILE I 410 37.76 2.52 14.91
N THR I 411 37.28 3.12 13.81
CA THR I 411 37.89 2.92 12.50
C THR I 411 38.08 4.18 11.68
N GLY I 412 37.46 5.30 12.02
CA GLY I 412 37.59 6.50 11.21
C GLY I 412 37.12 7.72 11.97
N LEU I 413 37.46 8.88 11.40
CA LEU I 413 37.22 10.18 12.02
C LEU I 413 36.67 11.13 10.97
N LEU I 414 36.09 12.23 11.45
CA LEU I 414 35.56 13.30 10.62
C LEU I 414 36.27 14.60 10.98
N LEU I 415 36.62 15.39 9.98
CA LEU I 415 37.40 16.61 10.18
C LEU I 415 37.09 17.63 9.09
N THR I 416 37.54 18.86 9.34
CA THR I 416 37.45 20.03 8.49
C THR I 416 38.87 20.51 8.18
N ARG I 417 39.00 21.74 7.64
CA ARG I 417 40.31 22.23 7.24
C ARG I 417 40.38 23.76 7.30
N ASP I 418 41.60 24.27 7.41
CA ASP I 418 41.94 25.69 7.43
C ASP I 418 42.30 26.21 6.04
N GLY I 419 42.31 27.54 5.93
CA GLY I 419 42.65 28.25 4.71
C GLY I 419 42.75 29.75 4.93
N GLY I 420 43.22 30.50 3.93
CA GLY I 420 43.44 31.92 4.05
C GLY I 420 42.75 32.74 2.97
N THR I 421 42.69 34.05 3.19
CA THR I 421 42.11 35.07 2.32
C THR I 421 40.58 35.04 2.31
N LYS I 422 40.02 33.96 2.86
CA LYS I 422 38.94 34.02 3.84
C LYS I 422 39.55 33.19 4.95
N ASN I 423 39.87 33.82 6.08
CA ASN I 423 40.34 33.07 7.23
C ASN I 423 39.13 32.50 7.99
N ASN I 424 38.30 31.74 7.27
CA ASN I 424 37.18 31.05 7.87
C ASN I 424 37.67 30.09 8.93
N SER I 425 38.82 29.49 8.70
CA SER I 425 39.38 28.50 9.61
C SER I 425 40.87 28.69 9.66
N ASN I 426 41.39 29.03 10.84
CA ASN I 426 42.80 28.86 11.14
C ASN I 426 43.06 27.59 11.92
N GLU I 427 42.02 26.94 12.46
CA GLU I 427 42.19 25.75 13.27
C GLU I 427 41.15 24.66 13.03
N GLU I 428 40.27 24.79 12.04
CA GLU I 428 39.24 23.77 11.91
C GLU I 428 39.79 22.48 11.31
N THR I 429 41.04 22.48 10.83
CA THR I 429 41.78 21.23 10.71
C THR I 429 41.94 20.56 12.05
N PHE I 430 42.04 21.38 13.11
CA PHE I 430 42.36 20.89 14.44
C PHE I 430 41.10 20.54 15.22
N ARG I 431 39.93 20.42 14.53
CA ARG I 431 38.63 20.34 15.18
C ARG I 431 37.83 19.17 14.61
N PRO I 432 36.99 18.49 15.41
CA PRO I 432 36.08 17.51 14.82
C PRO I 432 34.78 18.16 14.36
N ALA I 433 33.94 17.35 13.73
CA ALA I 433 32.62 17.79 13.30
C ALA I 433 31.66 16.62 13.35
N GLY I 434 30.38 16.91 13.58
CA GLY I 434 29.38 15.86 13.64
C GLY I 434 29.18 15.19 12.29
N GLY I 435 29.13 15.97 11.22
CA GLY I 435 28.96 15.40 9.90
C GLY I 435 27.53 14.96 9.64
N ASP I 436 27.38 14.13 8.60
CA ASP I 436 26.09 13.60 8.17
C ASP I 436 26.19 12.09 8.07
N MET I 437 25.11 11.40 8.46
CA MET I 437 25.09 9.95 8.40
C MET I 437 25.26 9.45 6.96
N ARG I 438 24.67 10.18 6.01
CA ARG I 438 24.81 9.82 4.60
C ARG I 438 26.28 9.84 4.19
N ASP I 439 27.02 10.85 4.64
CA ASP I 439 28.45 10.92 4.32
C ASP I 439 29.20 9.77 4.98
N ASN I 440 28.88 9.47 6.24
CA ASN I 440 29.59 8.41 6.95
C ASN I 440 29.35 7.06 6.37
N TRP I 441 28.17 6.73 5.85
CA TRP I 441 28.02 5.52 5.06
C TRP I 441 28.66 5.62 3.69
N ARG I 442 28.56 6.78 3.06
CA ARG I 442 29.23 7.00 1.77
C ARG I 442 30.74 6.85 1.90
N SER I 443 31.30 7.12 3.08
CA SER I 443 32.71 6.89 3.31
C SER I 443 33.09 5.43 3.15
N GLU I 444 32.15 4.51 3.32
CA GLU I 444 32.37 3.08 3.13
C GLU I 444 32.10 2.63 1.71
N LEU I 445 31.15 3.28 1.03
CA LEU I 445 30.73 2.86 -0.30
C LEU I 445 31.62 3.41 -1.40
N TYR I 446 32.75 4.04 -1.06
CA TYR I 446 33.66 4.56 -2.08
C TYR I 446 34.20 3.46 -3.00
N LYS I 447 34.25 2.23 -2.49
CA LYS I 447 34.86 1.14 -3.24
C LYS I 447 34.11 0.82 -4.52
N TYR I 448 32.81 1.11 -4.57
CA TYR I 448 31.90 0.47 -5.50
C TYR I 448 31.27 1.50 -6.44
N LYS I 449 30.75 0.97 -7.56
CA LYS I 449 30.14 1.78 -8.61
C LYS I 449 29.13 0.90 -9.33
N VAL I 450 28.13 1.55 -9.95
CA VAL I 450 27.05 0.88 -10.65
C VAL I 450 27.22 1.11 -12.15
N VAL I 451 26.81 0.12 -12.95
CA VAL I 451 26.92 0.20 -14.41
C VAL I 451 25.92 -0.79 -15.02
N LYS I 452 25.60 -0.58 -16.29
CA LYS I 452 24.68 -1.44 -17.03
C LYS I 452 25.35 -1.93 -18.31
N ILE I 453 24.77 -2.97 -18.89
CA ILE I 453 25.34 -3.63 -20.06
C ILE I 453 24.66 -3.11 -21.32
N GLU I 454 25.42 -3.09 -22.43
CA GLU I 454 24.89 -2.79 -23.76
C GLU I 454 25.43 -3.87 -24.69
N PRO I 455 24.59 -4.81 -25.15
CA PRO I 455 25.13 -6.07 -25.66
C PRO I 455 25.48 -6.13 -27.14
N LEU I 456 25.72 -5.00 -27.83
CA LEU I 456 25.77 -5.05 -29.29
C LEU I 456 26.73 -4.03 -29.89
N GLY I 457 27.29 -4.38 -31.05
CA GLY I 457 28.29 -3.58 -31.75
C GLY I 457 28.67 -4.21 -33.08
N VAL I 458 29.55 -3.52 -33.83
CA VAL I 458 29.83 -3.85 -35.24
C VAL I 458 31.32 -3.67 -35.55
N LEU J 9 30.03 -13.58 -14.33
CA LEU J 9 31.03 -12.51 -14.32
C LEU J 9 32.16 -12.72 -15.32
N GLY J 10 32.24 -13.89 -15.97
CA GLY J 10 33.30 -14.11 -16.94
C GLY J 10 33.15 -13.23 -18.16
N PHE J 11 31.91 -12.90 -18.53
CA PHE J 11 31.66 -12.04 -19.69
C PHE J 11 32.37 -10.70 -19.57
N LEU J 12 32.53 -10.19 -18.36
CA LEU J 12 33.32 -8.98 -18.18
C LEU J 12 34.81 -9.23 -18.41
N GLY J 13 35.26 -10.48 -18.35
CA GLY J 13 36.63 -10.78 -18.73
C GLY J 13 36.93 -10.41 -20.16
N ALA J 14 35.94 -10.59 -21.04
CA ALA J 14 36.10 -10.18 -22.43
C ALA J 14 36.19 -8.67 -22.57
N ALA J 15 35.51 -7.93 -21.69
CA ALA J 15 35.63 -6.47 -21.71
C ALA J 15 37.07 -6.03 -21.50
N GLY J 16 37.83 -6.79 -20.72
CA GLY J 16 39.22 -6.52 -20.47
C GLY J 16 40.18 -7.11 -21.47
N SER J 17 39.68 -7.55 -22.63
CA SER J 17 40.51 -8.17 -23.65
C SER J 17 40.13 -7.61 -25.01
N THR J 18 40.89 -8.02 -26.02
CA THR J 18 40.67 -7.54 -27.37
C THR J 18 39.48 -8.29 -27.99
N MET J 19 39.31 -8.12 -29.31
CA MET J 19 38.08 -8.55 -29.96
C MET J 19 37.96 -10.06 -30.03
N GLY J 20 39.03 -10.74 -30.45
CA GLY J 20 39.02 -12.17 -30.69
C GLY J 20 38.61 -12.96 -29.47
N ALA J 21 39.15 -12.62 -28.30
CA ALA J 21 38.79 -13.32 -27.09
C ALA J 21 37.30 -13.17 -26.80
N ALA J 22 36.76 -11.96 -26.99
CA ALA J 22 35.33 -11.75 -26.80
C ALA J 22 34.50 -12.50 -27.83
N SER J 23 35.10 -12.89 -28.95
CA SER J 23 34.33 -13.55 -30.00
C SER J 23 33.66 -14.83 -29.52
N MET J 24 34.26 -15.56 -28.58
CA MET J 24 33.66 -16.78 -28.06
C MET J 24 32.82 -16.57 -26.80
N THR J 25 33.08 -15.50 -26.06
CA THR J 25 32.38 -15.26 -24.80
C THR J 25 31.04 -14.56 -24.97
N LEU J 26 30.44 -14.62 -26.16
CA LEU J 26 29.18 -13.91 -26.37
C LEU J 26 28.05 -14.55 -25.59
N THR J 27 28.02 -15.88 -25.54
CA THR J 27 26.89 -16.59 -24.94
C THR J 27 26.86 -16.45 -23.43
N VAL J 28 28.03 -16.48 -22.78
CA VAL J 28 28.07 -16.36 -21.32
C VAL J 28 27.52 -15.01 -20.89
N GLN J 29 27.77 -13.97 -21.68
CA GLN J 29 27.15 -12.67 -21.40
C GLN J 29 25.64 -12.73 -21.58
N ALA J 30 25.17 -13.47 -22.59
CA ALA J 30 23.74 -13.54 -22.86
C ALA J 30 22.99 -14.27 -21.75
N ARG J 31 23.62 -15.30 -21.16
CA ARG J 31 22.92 -16.13 -20.19
C ARG J 31 22.48 -15.33 -18.96
N ASN J 32 23.42 -14.61 -18.36
CA ASN J 32 23.11 -13.89 -17.12
C ASN J 32 22.21 -12.69 -17.34
N LEU J 33 22.08 -12.22 -18.59
CA LEU J 33 21.38 -10.97 -18.85
C LEU J 33 19.90 -11.06 -18.47
N LEU J 34 19.34 -12.26 -18.40
CA LEU J 34 17.90 -12.39 -18.22
C LEU J 34 17.51 -12.26 -16.75
N SER J 35 18.14 -13.04 -15.87
CA SER J 35 17.66 -13.14 -14.49
C SER J 35 18.83 -13.49 -13.58
N GLY J 36 18.60 -13.29 -12.28
CA GLY J 36 19.57 -13.60 -11.25
C GLY J 36 18.92 -14.01 -9.96
N ILE J 37 19.69 -13.98 -8.86
CA ILE J 37 19.14 -14.36 -7.56
C ILE J 37 18.08 -13.37 -7.10
N LEU J 57 4.32 -5.89 7.06
CA LEU J 57 5.16 -4.75 7.47
C LEU J 57 6.18 -4.32 6.43
N THR J 58 7.03 -5.23 5.98
CA THR J 58 8.04 -4.90 4.97
C THR J 58 7.47 -4.88 3.56
N VAL J 59 6.56 -3.95 3.26
CA VAL J 59 6.14 -3.66 1.90
C VAL J 59 7.23 -2.89 1.16
N TRP J 60 8.29 -2.48 1.87
CA TRP J 60 9.41 -1.75 1.30
C TRP J 60 10.12 -2.51 0.19
N GLY J 61 9.98 -3.84 0.14
CA GLY J 61 10.79 -4.64 -0.76
C GLY J 61 10.24 -4.86 -2.15
N ILE J 62 9.01 -4.42 -2.44
CA ILE J 62 8.38 -4.72 -3.73
C ILE J 62 9.02 -3.96 -4.89
N LYS J 63 9.91 -3.01 -4.62
CA LYS J 63 10.68 -2.39 -5.72
C LYS J 63 11.47 -3.42 -6.53
N GLN J 64 11.75 -4.59 -5.95
CA GLN J 64 12.28 -5.70 -6.74
C GLN J 64 11.39 -6.03 -7.93
N LEU J 65 10.07 -5.88 -7.78
CA LEU J 65 9.18 -6.12 -8.93
C LEU J 65 9.39 -5.08 -10.01
N GLN J 66 9.59 -3.81 -9.64
CA GLN J 66 9.94 -2.80 -10.64
C GLN J 66 11.19 -3.20 -11.39
N ALA J 67 12.23 -3.63 -10.65
CA ALA J 67 13.47 -4.00 -11.30
C ALA J 67 13.28 -5.21 -12.22
N ARG J 68 12.51 -6.20 -11.77
CA ARG J 68 12.24 -7.37 -12.59
C ARG J 68 11.52 -6.98 -13.88
N VAL J 69 10.52 -6.11 -13.76
CA VAL J 69 9.77 -5.68 -14.93
C VAL J 69 10.68 -4.94 -15.90
N LEU J 70 11.53 -4.05 -15.38
CA LEU J 70 12.40 -3.29 -16.26
C LEU J 70 13.43 -4.18 -16.95
N ALA J 71 14.01 -5.13 -16.22
CA ALA J 71 14.98 -6.04 -16.83
C ALA J 71 14.31 -6.91 -17.89
N VAL J 72 13.11 -7.41 -17.58
CA VAL J 72 12.38 -8.22 -18.54
C VAL J 72 12.06 -7.40 -19.78
N GLU J 73 11.70 -6.13 -19.59
CA GLU J 73 11.40 -5.27 -20.73
C GLU J 73 12.63 -5.03 -21.57
N ARG J 74 13.79 -4.85 -20.93
CA ARG J 74 15.03 -4.65 -21.70
C ARG J 74 15.34 -5.91 -22.53
N TYR J 75 15.21 -7.09 -21.91
CA TYR J 75 15.44 -8.32 -22.65
C TYR J 75 14.46 -8.46 -23.80
N LEU J 76 13.20 -8.12 -23.55
CA LEU J 76 12.18 -8.22 -24.59
C LEU J 76 12.45 -7.25 -25.72
N ARG J 77 12.97 -6.07 -25.38
CA ARG J 77 13.38 -5.12 -26.41
C ARG J 77 14.49 -5.69 -27.26
N ASP J 78 15.46 -6.37 -26.62
CA ASP J 78 16.54 -6.99 -27.38
C ASP J 78 16.00 -8.04 -28.34
N GLN J 79 15.16 -8.95 -27.84
CA GLN J 79 14.63 -10.00 -28.70
C GLN J 79 13.74 -9.42 -29.80
N GLN J 80 12.92 -8.42 -29.46
CA GLN J 80 12.06 -7.79 -30.44
C GLN J 80 12.90 -7.18 -31.55
N LEU J 81 13.92 -6.40 -31.17
CA LEU J 81 14.73 -5.72 -32.18
C LEU J 81 15.45 -6.72 -33.05
N LEU J 82 15.97 -7.80 -32.46
CA LEU J 82 16.51 -8.91 -33.25
C LEU J 82 15.46 -9.44 -34.21
N GLY J 83 14.21 -9.49 -33.78
CA GLY J 83 13.14 -9.90 -34.67
C GLY J 83 12.97 -8.95 -35.85
N ILE J 84 13.10 -7.64 -35.59
CA ILE J 84 12.82 -6.67 -36.65
C ILE J 84 13.95 -6.65 -37.68
N TRP J 85 15.18 -7.04 -37.30
CA TRP J 85 16.13 -7.37 -38.35
C TRP J 85 15.82 -8.68 -39.07
N GLY J 86 14.84 -9.45 -38.60
CA GLY J 86 14.64 -10.78 -39.11
C GLY J 86 15.81 -11.70 -38.81
N CYS J 87 16.39 -11.58 -37.63
CA CYS J 87 17.68 -12.19 -37.32
C CYS J 87 17.67 -12.75 -35.90
N SER J 88 16.57 -13.39 -35.52
CA SER J 88 16.50 -14.06 -34.23
C SER J 88 17.22 -15.41 -34.30
N GLY J 89 17.44 -16.00 -33.13
CA GLY J 89 18.15 -17.26 -33.05
C GLY J 89 19.65 -17.08 -33.21
N LYS J 90 20.07 -16.60 -34.38
CA LYS J 90 21.47 -16.27 -34.56
C LYS J 90 21.82 -15.06 -33.71
N LEU J 91 23.12 -14.88 -33.49
CA LEU J 91 23.66 -13.60 -33.06
C LEU J 91 24.27 -12.82 -34.23
N ILE J 92 24.26 -13.39 -35.43
CA ILE J 92 24.89 -12.79 -36.61
C ILE J 92 23.99 -13.14 -37.80
N CYS J 93 23.90 -12.22 -38.77
CA CYS J 93 22.86 -12.30 -39.79
C CYS J 93 23.24 -11.42 -40.97
N CYS J 94 22.95 -11.87 -42.21
CA CYS J 94 23.65 -11.29 -43.36
C CYS J 94 22.63 -10.31 -43.98
N THR J 95 22.65 -9.08 -43.43
CA THR J 95 21.54 -8.11 -43.33
C THR J 95 21.20 -7.22 -44.52
N ASN J 96 22.10 -7.08 -45.49
CA ASN J 96 21.80 -6.45 -46.78
C ASN J 96 21.66 -4.93 -46.74
N VAL J 97 22.75 -4.21 -46.51
CA VAL J 97 22.74 -2.74 -46.57
C VAL J 97 24.13 -2.19 -46.88
N PRO J 98 24.24 -0.98 -47.48
CA PRO J 98 25.55 -0.32 -47.59
C PRO J 98 26.23 -0.03 -46.25
N TRP J 99 27.51 0.34 -46.34
CA TRP J 99 28.30 0.86 -45.23
C TRP J 99 29.08 2.07 -45.74
N ASN J 100 29.25 3.06 -44.87
CA ASN J 100 29.89 4.32 -45.22
C ASN J 100 31.17 4.49 -44.40
N SER J 101 32.27 4.83 -45.07
CA SER J 101 33.52 5.08 -44.38
C SER J 101 33.47 6.33 -43.52
N SER J 102 32.49 7.22 -43.76
CA SER J 102 32.36 8.41 -42.93
C SER J 102 32.13 8.06 -41.46
N TRP J 103 31.46 6.94 -41.20
CA TRP J 103 31.24 6.52 -39.82
C TRP J 103 32.53 5.99 -39.21
N SER J 104 33.29 5.22 -39.98
CA SER J 104 34.61 4.77 -39.56
C SER J 104 35.37 4.31 -40.78
N ASN J 105 36.43 5.05 -41.11
CA ASN J 105 37.28 4.72 -42.26
C ASN J 105 38.46 3.83 -41.89
N ARG J 106 38.67 3.55 -40.61
CA ARG J 106 39.86 2.85 -40.18
C ARG J 106 39.82 1.38 -40.61
N ASN J 107 41.01 0.80 -40.78
CA ASN J 107 41.13 -0.47 -41.46
C ASN J 107 40.67 -1.63 -40.58
N LEU J 108 40.69 -2.82 -41.18
CA LEU J 108 40.23 -4.03 -40.50
C LEU J 108 41.11 -4.37 -39.29
N SER J 109 42.44 -4.33 -39.48
CA SER J 109 43.35 -4.84 -38.47
C SER J 109 43.27 -4.05 -37.17
N GLU J 110 43.22 -2.71 -37.27
CA GLU J 110 43.15 -1.89 -36.08
C GLU J 110 41.86 -2.16 -35.32
N ILE J 111 40.75 -2.24 -36.05
CA ILE J 111 39.45 -2.42 -35.41
C ILE J 111 39.31 -3.81 -34.81
N TRP J 112 39.99 -4.82 -35.37
CA TRP J 112 39.91 -6.18 -34.86
C TRP J 112 41.02 -6.53 -33.89
N ASP J 113 42.27 -6.27 -34.23
CA ASP J 113 43.38 -6.77 -33.41
C ASP J 113 43.62 -5.91 -32.18
N ASN J 114 44.00 -4.64 -32.39
CA ASN J 114 44.43 -3.77 -31.29
C ASN J 114 43.28 -3.29 -30.43
N MET J 115 42.06 -3.27 -30.97
CA MET J 115 40.98 -2.49 -30.38
C MET J 115 40.48 -3.14 -29.08
N THR J 116 39.91 -2.31 -28.21
CA THR J 116 39.15 -2.78 -27.05
C THR J 116 37.73 -2.22 -27.13
N TRP J 117 36.78 -3.00 -26.62
CA TRP J 117 35.37 -2.83 -27.00
C TRP J 117 34.82 -1.47 -26.61
N LEU J 118 35.17 -0.97 -25.42
CA LEU J 118 34.60 0.29 -24.95
C LEU J 118 35.00 1.44 -25.86
N GLN J 119 36.25 1.45 -26.33
CA GLN J 119 36.71 2.52 -27.21
C GLN J 119 35.99 2.48 -28.55
N TRP J 120 35.84 1.29 -29.13
CA TRP J 120 35.13 1.20 -30.40
C TRP J 120 33.68 1.59 -30.25
N ASP J 121 33.04 1.17 -29.15
CA ASP J 121 31.66 1.54 -28.90
C ASP J 121 31.52 3.05 -28.76
N LYS J 122 32.45 3.69 -28.07
CA LYS J 122 32.44 5.14 -27.95
C LYS J 122 32.61 5.78 -29.32
N GLU J 123 33.50 5.23 -30.14
CA GLU J 123 33.77 5.80 -31.46
C GLU J 123 32.52 5.76 -32.33
N ILE J 124 31.87 4.60 -32.42
CA ILE J 124 30.67 4.50 -33.25
C ILE J 124 29.48 5.17 -32.59
N SER J 125 29.54 5.43 -31.28
CA SER J 125 28.41 6.04 -30.60
C SER J 125 28.14 7.45 -31.11
N ASN J 126 29.17 8.13 -31.63
CA ASN J 126 28.95 9.44 -32.24
C ASN J 126 27.99 9.35 -33.41
N TYR J 127 28.02 8.22 -34.14
CA TYR J 127 27.14 7.99 -35.27
C TYR J 127 25.94 7.12 -34.91
N THR J 128 25.52 7.12 -33.64
CA THR J 128 24.54 6.16 -33.13
C THR J 128 23.26 6.10 -33.96
N GLN J 129 22.53 7.21 -34.03
CA GLN J 129 21.38 7.26 -34.91
C GLN J 129 21.78 7.43 -36.37
N ILE J 130 23.06 7.71 -36.64
CA ILE J 130 23.57 7.64 -38.01
C ILE J 130 23.94 6.20 -38.36
N ILE J 131 24.02 5.31 -37.37
CA ILE J 131 24.14 3.88 -37.62
C ILE J 131 22.93 3.15 -37.03
N TYR J 132 21.81 3.85 -36.91
CA TYR J 132 20.52 3.24 -36.62
C TYR J 132 19.48 3.87 -37.54
N GLY J 133 18.39 3.14 -37.82
CA GLY J 133 17.50 3.49 -38.90
C GLY J 133 17.10 2.37 -39.85
N LEU J 134 17.64 2.40 -41.07
CA LEU J 134 17.09 1.71 -42.25
C LEU J 134 16.55 0.30 -41.99
N LEU J 135 17.41 -0.62 -41.55
CA LEU J 135 17.34 -2.03 -41.94
C LEU J 135 15.99 -2.70 -41.71
N GLU J 136 15.06 -2.06 -41.02
CA GLU J 136 13.66 -2.44 -41.20
C GLU J 136 13.30 -2.44 -42.68
N GLU J 137 13.72 -1.40 -43.42
CA GLU J 137 13.42 -1.36 -44.84
C GLU J 137 14.21 -2.41 -45.59
N SER J 138 15.42 -2.75 -45.12
CA SER J 138 16.17 -3.82 -45.77
C SER J 138 15.46 -5.15 -45.63
N GLN J 139 14.97 -5.43 -44.42
CA GLN J 139 14.12 -6.61 -44.22
C GLN J 139 12.93 -6.56 -45.15
N ASN J 140 12.27 -5.40 -45.24
CA ASN J 140 11.15 -5.28 -46.17
C ASN J 140 11.60 -5.47 -47.62
N GLN J 141 12.85 -5.12 -47.93
CA GLN J 141 13.35 -5.25 -49.30
C GLN J 141 13.47 -6.72 -49.67
N GLN J 142 14.18 -7.51 -48.86
CA GLN J 142 14.23 -8.93 -49.18
C GLN J 142 12.90 -9.61 -48.89
N GLU J 143 12.00 -8.95 -48.16
CA GLU J 143 10.64 -9.46 -48.01
C GLU J 143 9.73 -9.01 -49.14
N LYS J 144 10.20 -8.21 -50.08
CA LYS J 144 9.43 -7.99 -51.31
C LYS J 144 9.20 -9.33 -52.02
N ASN J 145 10.10 -10.30 -51.81
CA ASN J 145 9.92 -11.66 -52.29
C ASN J 145 9.81 -12.68 -51.15
N GLU J 146 9.83 -12.22 -49.89
CA GLU J 146 9.39 -13.03 -48.75
C GLU J 146 8.21 -12.45 -47.99
N GLN K 1 9.37 33.68 -3.21
CA GLN K 1 10.72 34.15 -3.61
C GLN K 1 11.69 33.97 -2.46
N VAL K 2 12.85 33.39 -2.74
CA VAL K 2 13.90 33.29 -1.73
C VAL K 2 14.38 34.69 -1.40
N GLN K 3 14.44 35.00 -0.11
CA GLN K 3 14.85 36.33 0.33
C GLN K 3 15.36 36.24 1.75
N LEU K 4 16.34 37.09 2.06
CA LEU K 4 16.96 37.15 3.38
C LEU K 4 16.59 38.48 4.02
N VAL K 5 15.82 38.42 5.11
CA VAL K 5 15.31 39.60 5.80
C VAL K 5 16.10 39.76 7.09
N GLN K 6 16.65 40.95 7.30
CA GLN K 6 17.47 41.27 8.46
C GLN K 6 16.69 42.13 9.43
N SER K 7 16.91 41.90 10.72
CA SER K 7 16.32 42.73 11.76
C SER K 7 17.06 44.07 11.85
N GLY K 8 16.54 44.95 12.71
CA GLY K 8 17.15 46.25 12.86
C GLY K 8 18.54 46.18 13.46
N GLY K 9 19.31 47.22 13.20
CA GLY K 9 20.68 47.30 13.67
C GLY K 9 20.75 47.70 15.13
N GLN K 10 21.98 47.95 15.57
CA GLN K 10 22.27 48.34 16.94
C GLN K 10 23.31 49.44 16.95
N MET K 11 23.33 50.21 18.04
CA MET K 11 24.23 51.34 18.21
C MET K 11 24.79 51.42 19.63
N LYS K 12 24.97 50.28 20.29
CA LYS K 12 25.13 50.27 21.74
C LYS K 12 26.57 50.58 22.13
N LYS K 13 26.78 50.68 23.44
CA LYS K 13 28.07 51.03 24.01
C LYS K 13 29.09 49.93 23.70
N PRO K 14 30.39 50.26 23.62
CA PRO K 14 31.38 49.19 23.52
C PRO K 14 31.41 48.33 24.77
N GLY K 15 32.01 47.15 24.64
CA GLY K 15 32.04 46.20 25.74
C GLY K 15 30.66 45.69 26.12
N GLU K 16 29.86 45.29 25.14
CA GLU K 16 28.49 44.88 25.37
C GLU K 16 28.16 43.70 24.46
N SER K 17 27.08 43.01 24.80
CA SER K 17 26.57 41.95 23.94
C SER K 17 25.74 42.54 22.81
N MET K 18 25.97 42.01 21.61
CA MET K 18 25.36 42.52 20.38
C MET K 18 24.73 41.32 19.68
N ARG K 19 23.48 41.50 19.22
CA ARG K 19 22.68 40.41 18.69
C ARG K 19 22.01 40.83 17.38
N ILE K 20 21.99 39.91 16.42
CA ILE K 20 21.35 40.10 15.12
C ILE K 20 20.61 38.83 14.75
N SER K 21 19.46 39.00 14.09
CA SER K 21 18.68 37.90 13.55
C SER K 21 18.44 38.12 12.06
N CYS K 22 18.51 37.03 11.31
CA CYS K 22 18.20 37.04 9.88
C CYS K 22 17.33 35.83 9.56
N ARG K 23 16.29 36.05 8.78
CA ARG K 23 15.35 35.02 8.38
C ARG K 23 15.47 34.77 6.89
N ALA K 24 15.50 33.49 6.51
CA ALA K 24 15.52 33.09 5.10
C ALA K 24 14.08 32.99 4.62
N SER K 25 13.55 34.11 4.15
CA SER K 25 12.16 34.15 3.72
C SER K 25 11.94 33.32 2.47
N GLY K 26 10.84 32.58 2.45
CA GLY K 26 10.43 31.86 1.26
C GLY K 26 11.40 30.79 0.81
N TYR K 27 11.87 29.95 1.73
CA TYR K 27 12.82 28.90 1.38
C TYR K 27 12.86 27.87 2.49
N GLU K 28 13.25 26.64 2.12
CA GLU K 28 13.48 25.56 3.09
C GLU K 28 14.79 25.84 3.84
N PHE K 29 14.64 26.52 4.98
CA PHE K 29 15.78 27.02 5.73
C PHE K 29 16.74 25.92 6.17
N ILE K 30 16.20 24.74 6.47
CA ILE K 30 16.98 23.67 7.10
C ILE K 30 18.10 23.17 6.20
N ASP K 31 17.94 23.31 4.89
CA ASP K 31 18.76 22.56 3.94
C ASP K 31 20.02 23.27 3.48
N CYS K 32 20.04 24.60 3.47
CA CYS K 32 21.08 25.37 2.78
C CYS K 32 22.00 26.02 3.80
N THR K 33 23.27 26.16 3.43
CA THR K 33 24.29 26.67 4.34
C THR K 33 24.38 28.19 4.22
N LEU K 34 23.93 28.89 5.26
CA LEU K 34 24.04 30.34 5.29
C LEU K 34 25.42 30.77 5.79
N ASN K 35 25.72 32.05 5.62
CA ASN K 35 26.99 32.62 6.05
C ASN K 35 26.81 34.08 6.42
N TRP K 36 27.72 34.58 7.24
CA TRP K 36 27.75 35.96 7.68
C TRP K 36 29.08 36.60 7.31
N ILE K 37 29.04 37.84 6.83
CA ILE K 37 30.23 38.59 6.47
C ILE K 37 30.10 40.02 6.97
N ARG K 38 31.22 40.73 6.98
CA ARG K 38 31.27 42.13 7.36
C ARG K 38 31.68 42.99 6.18
N LEU K 39 31.07 44.18 6.09
CA LEU K 39 31.42 45.16 5.08
C LEU K 39 31.45 46.53 5.76
N ALA K 40 32.56 47.23 5.62
CA ALA K 40 32.75 48.52 6.27
C ALA K 40 33.45 49.46 5.30
N PRO K 41 33.35 50.79 5.51
CA PRO K 41 34.03 51.72 4.59
C PRO K 41 35.55 51.58 4.60
N GLY K 42 36.13 51.35 3.43
CA GLY K 42 37.57 51.34 3.30
C GLY K 42 38.27 50.14 3.89
N LYS K 43 37.53 49.17 4.41
CA LYS K 43 38.11 47.99 5.04
C LYS K 43 38.04 46.80 4.09
N ARG K 44 38.88 45.82 4.33
CA ARG K 44 38.62 44.50 3.78
C ARG K 44 37.30 43.99 4.36
N PRO K 45 36.47 43.30 3.59
CA PRO K 45 35.43 42.49 4.23
C PRO K 45 36.07 41.39 5.06
N GLU K 46 35.22 40.66 5.78
CA GLU K 46 35.69 39.51 6.57
C GLU K 46 34.58 38.48 6.69
N TRP K 47 34.95 37.22 6.52
CA TRP K 47 34.02 36.11 6.72
C TRP K 47 33.84 35.87 8.22
N MET K 48 32.60 35.92 8.69
CA MET K 48 32.30 35.77 10.12
C MET K 48 31.94 34.34 10.50
N GLY K 49 30.82 33.84 9.98
CA GLY K 49 30.15 32.71 10.59
C GLY K 49 29.59 31.72 9.60
N TRP K 50 29.63 30.45 10.00
CA TRP K 50 29.05 29.34 9.29
C TRP K 50 27.79 28.90 10.01
N LEU K 51 26.83 28.38 9.28
CA LEU K 51 25.66 27.77 9.90
C LEU K 51 25.05 26.79 8.91
N LYS K 52 25.29 25.49 9.13
CA LYS K 52 24.54 24.45 8.44
C LYS K 52 23.34 24.14 9.32
N PRO K 53 22.16 24.71 9.05
CA PRO K 53 21.10 24.71 10.06
C PRO K 53 20.47 23.35 10.30
N ARG K 54 20.78 22.34 9.51
CA ARG K 54 20.23 21.01 9.74
C ARG K 54 20.68 20.49 11.10
N GLY K 55 21.99 20.32 11.27
CA GLY K 55 22.57 19.93 12.54
C GLY K 55 23.14 21.08 13.35
N GLY K 56 23.16 22.28 12.78
CA GLY K 56 23.80 23.40 13.45
C GLY K 56 25.30 23.28 13.53
N ALA K 57 25.94 22.80 12.47
CA ALA K 57 27.39 22.81 12.40
C ALA K 57 27.88 24.25 12.38
N VAL K 58 29.08 24.48 12.91
CA VAL K 58 29.59 25.82 13.13
C VAL K 58 31.10 25.81 12.99
N ASN K 59 31.66 26.91 12.47
CA ASN K 59 33.08 27.17 12.58
C ASN K 59 33.32 28.67 12.55
N TYR K 60 34.49 29.09 13.02
CA TYR K 60 34.76 30.49 13.32
C TYR K 60 36.10 30.90 12.73
N ALA K 61 36.19 32.18 12.38
CA ALA K 61 37.43 32.72 11.85
C ALA K 61 38.45 32.93 12.96
N ARG K 62 39.71 33.13 12.55
CA ARG K 62 40.81 33.31 13.51
C ARG K 62 40.59 34.44 14.50
N PRO K 63 40.16 35.65 14.12
CA PRO K 63 40.00 36.72 15.10
C PRO K 63 38.77 36.57 15.98
N LEU K 64 37.92 35.58 15.72
CA LEU K 64 36.57 35.53 16.28
C LEU K 64 36.36 34.39 17.27
N GLN K 65 37.42 33.69 17.69
CA GLN K 65 37.24 32.60 18.64
C GLN K 65 36.70 33.11 19.96
N GLY K 66 35.67 32.43 20.46
CA GLY K 66 35.08 32.78 21.74
C GLY K 66 34.09 33.91 21.67
N ARG K 67 34.50 35.04 21.10
CA ARG K 67 33.65 36.22 21.08
C ARG K 67 32.38 35.99 20.28
N VAL K 68 32.50 35.35 19.12
CA VAL K 68 31.42 35.26 18.15
C VAL K 68 30.66 33.96 18.34
N THR K 69 29.33 34.05 18.39
CA THR K 69 28.46 32.89 18.51
C THR K 69 27.22 33.11 17.67
N MET K 70 26.65 32.00 17.19
CA MET K 70 25.34 32.06 16.56
C MET K 70 24.67 30.70 16.71
N THR K 71 23.35 30.70 16.55
CA THR K 71 22.55 29.48 16.59
C THR K 71 21.39 29.65 15.63
N ARG K 72 20.54 28.63 15.58
CA ARG K 72 19.42 28.60 14.64
C ARG K 72 18.20 27.98 15.30
N ASP K 73 17.03 28.41 14.85
CA ASP K 73 15.75 27.79 15.16
C ASP K 73 15.07 27.44 13.86
N VAL K 74 14.96 26.14 13.59
CA VAL K 74 14.41 25.69 12.32
C VAL K 74 12.95 26.11 12.18
N TYR K 75 12.20 26.09 13.28
CA TYR K 75 10.79 26.47 13.21
C TYR K 75 10.63 27.93 12.84
N SER K 76 11.47 28.81 13.38
CA SER K 76 11.43 30.22 13.03
C SER K 76 12.13 30.51 11.72
N ASP K 77 12.93 29.58 11.19
CA ASP K 77 13.69 29.80 9.96
C ASP K 77 14.59 31.02 10.08
N THR K 78 15.19 31.20 11.25
CA THR K 78 15.94 32.41 11.58
C THR K 78 17.29 32.02 12.17
N ALA K 79 18.35 32.63 11.65
CA ALA K 79 19.69 32.50 12.20
C ALA K 79 19.99 33.70 13.09
N PHE K 80 20.41 33.42 14.31
CA PHE K 80 20.60 34.44 15.33
C PHE K 80 22.10 34.63 15.58
N LEU K 81 22.67 35.65 14.97
CA LEU K 81 24.07 36.01 15.19
C LEU K 81 24.15 36.81 16.48
N GLU K 82 25.17 36.53 17.30
CA GLU K 82 25.36 37.24 18.56
C GLU K 82 26.84 37.33 18.86
N LEU K 83 27.31 38.54 19.11
CA LEU K 83 28.72 38.82 19.37
C LEU K 83 28.89 39.24 20.83
N ARG K 84 29.90 38.68 21.49
CA ARG K 84 30.23 39.03 22.86
C ARG K 84 31.40 40.01 22.88
N SER K 85 31.41 40.87 23.89
CA SER K 85 32.50 41.80 24.15
C SER K 85 32.72 42.73 22.94
N LEU K 86 31.70 43.56 22.69
CA LEU K 86 31.75 44.48 21.56
C LEU K 86 32.92 45.45 21.71
N THR K 87 33.51 45.82 20.58
CA THR K 87 34.64 46.73 20.53
C THR K 87 34.47 47.67 19.36
N VAL K 88 35.31 48.71 19.33
CA VAL K 88 35.17 49.77 18.32
C VAL K 88 35.40 49.22 16.92
N ASP K 89 36.31 48.25 16.78
CA ASP K 89 36.60 47.70 15.46
C ASP K 89 35.42 46.93 14.88
N ASP K 90 34.46 46.52 15.71
CA ASP K 90 33.34 45.74 15.22
C ASP K 90 32.38 46.54 14.35
N THR K 91 32.53 47.87 14.30
CA THR K 91 31.65 48.70 13.50
C THR K 91 31.74 48.31 12.03
N ALA K 92 30.65 47.76 11.50
CA ALA K 92 30.59 47.32 10.11
C ALA K 92 29.15 46.92 9.82
N VAL K 93 28.82 46.88 8.53
CA VAL K 93 27.55 46.33 8.11
C VAL K 93 27.68 44.81 8.01
N TYR K 94 26.64 44.11 8.44
CA TYR K 94 26.64 42.65 8.50
C TYR K 94 25.57 42.11 7.57
N PHE K 95 25.95 41.16 6.71
CA PHE K 95 25.06 40.55 5.74
C PHE K 95 24.94 39.06 6.00
N CYS K 96 23.70 38.60 6.18
CA CYS K 96 23.38 37.19 6.04
C CYS K 96 23.19 36.87 4.56
N THR K 97 23.83 35.79 4.12
CA THR K 97 24.13 35.60 2.70
C THR K 97 23.95 34.14 2.31
N ARG K 98 24.18 33.86 1.03
CA ARG K 98 24.03 32.53 0.45
C ARG K 98 24.82 32.47 -0.85
N GLY K 99 25.12 31.22 -1.30
CA GLY K 99 25.75 31.00 -2.57
C GLY K 99 24.76 30.79 -3.72
N LYS K 100 25.31 30.79 -4.94
CA LYS K 100 24.51 30.67 -6.15
C LYS K 100 23.66 29.41 -6.14
N ASN K 101 24.22 28.30 -5.68
CA ASN K 101 23.49 27.07 -5.45
C ASN K 101 23.86 26.59 -4.05
N CYS K 102 22.95 25.85 -3.42
CA CYS K 102 23.23 25.29 -2.11
C CYS K 102 24.01 23.98 -2.25
N ASP K 103 25.15 24.05 -2.93
CA ASP K 103 26.09 22.94 -3.07
C ASP K 103 27.48 23.40 -2.65
N TYR K 104 27.83 24.64 -2.99
CA TYR K 104 29.06 25.29 -2.56
C TYR K 104 28.72 26.26 -1.43
N ASN K 105 29.24 25.97 -0.25
CA ASN K 105 28.92 26.75 0.96
C ASN K 105 29.81 27.98 1.04
N TRP K 106 29.53 28.93 0.16
CA TRP K 106 30.20 30.21 0.14
C TRP K 106 29.20 31.29 -0.25
N ASP K 107 29.46 32.51 0.21
CA ASP K 107 28.50 33.59 0.09
C ASP K 107 28.75 34.43 -1.15
N PHE K 108 28.07 34.08 -2.24
CA PHE K 108 28.23 34.80 -3.50
C PHE K 108 26.93 34.94 -4.28
N GLU K 109 25.77 34.91 -3.61
CA GLU K 109 24.50 35.12 -4.31
C GLU K 109 23.55 36.10 -3.66
N HIS K 110 23.40 36.04 -2.34
CA HIS K 110 22.33 36.72 -1.62
C HIS K 110 22.91 37.63 -0.56
N TRP K 111 22.23 38.75 -0.33
CA TRP K 111 22.64 39.74 0.63
C TRP K 111 21.41 40.44 1.18
N GLY K 112 21.31 40.52 2.49
CA GLY K 112 20.16 41.13 3.13
C GLY K 112 20.13 42.62 2.95
N ARG K 113 19.46 43.29 3.89
CA ARG K 113 19.41 44.74 3.88
C ARG K 113 20.64 45.39 4.49
N GLY K 114 21.60 44.61 4.99
CA GLY K 114 22.80 45.17 5.56
C GLY K 114 22.52 45.92 6.85
N THR K 115 22.04 45.21 7.86
CA THR K 115 21.76 45.85 9.14
C THR K 115 23.08 46.35 9.75
N PRO K 116 23.17 47.63 10.15
CA PRO K 116 24.48 48.15 10.58
C PRO K 116 24.75 47.94 12.05
N VAL K 117 26.03 47.89 12.41
CA VAL K 117 26.50 47.83 13.79
C VAL K 117 27.37 49.06 14.04
N ILE K 118 27.00 49.84 15.04
CA ILE K 118 27.68 51.08 15.39
C ILE K 118 28.11 50.99 16.84
N VAL K 119 29.31 51.49 17.13
CA VAL K 119 29.89 51.43 18.47
C VAL K 119 29.92 52.85 19.01
N SER K 120 29.13 53.10 20.06
CA SER K 120 29.04 54.41 20.69
C SER K 120 30.14 54.53 21.74
N SER K 121 31.35 54.81 21.28
CA SER K 121 32.50 54.94 22.16
C SER K 121 32.34 56.13 23.10
N GLU L 1 47.52 37.99 5.68
CA GLU L 1 47.84 37.29 4.40
C GLU L 1 46.76 37.56 3.36
N ILE L 2 47.17 38.17 2.25
CA ILE L 2 46.29 38.45 1.12
C ILE L 2 46.76 37.59 -0.05
N VAL L 3 45.90 36.68 -0.50
CA VAL L 3 46.16 35.86 -1.68
C VAL L 3 45.11 36.22 -2.74
N LEU L 4 44.70 37.49 -2.76
CA LEU L 4 43.92 38.05 -3.87
C LEU L 4 44.19 39.55 -3.85
N THR L 5 45.06 40.00 -4.74
CA THR L 5 45.50 41.39 -4.79
C THR L 5 44.92 42.04 -6.03
N GLN L 6 43.85 42.82 -5.85
CA GLN L 6 43.29 43.60 -6.94
C GLN L 6 44.22 44.75 -7.28
N SER L 7 44.32 45.05 -8.58
CA SER L 7 45.11 46.17 -9.05
C SER L 7 44.50 46.64 -10.37
N PRO L 8 44.40 47.96 -10.61
CA PRO L 8 44.75 49.12 -9.77
C PRO L 8 43.74 49.34 -8.64
N GLY L 9 44.10 50.17 -7.67
CA GLY L 9 43.22 50.38 -6.53
C GLY L 9 41.87 50.96 -6.91
N THR L 10 41.87 51.94 -7.82
CA THR L 10 40.63 52.55 -8.27
C THR L 10 40.83 53.13 -9.66
N LEU L 11 39.72 53.35 -10.35
CA LEU L 11 39.72 53.89 -11.71
C LEU L 11 38.71 55.01 -11.79
N SER L 12 39.08 56.10 -12.47
CA SER L 12 38.21 57.25 -12.70
C SER L 12 37.94 57.32 -14.19
N LEU L 13 36.72 56.95 -14.59
CA LEU L 13 36.38 56.78 -15.99
C LEU L 13 35.02 57.42 -16.27
N SER L 14 34.92 58.07 -17.43
CA SER L 14 33.65 58.62 -17.88
C SER L 14 32.74 57.49 -18.37
N PRO L 15 31.44 57.74 -18.50
CA PRO L 15 30.54 56.68 -18.97
C PRO L 15 30.89 56.20 -20.37
N GLY L 16 30.66 54.91 -20.61
CA GLY L 16 30.90 54.32 -21.90
C GLY L 16 32.31 53.80 -22.11
N GLU L 17 33.24 54.07 -21.19
CA GLU L 17 34.58 53.56 -21.33
C GLU L 17 34.61 52.07 -20.99
N THR L 18 35.79 51.47 -21.13
CA THR L 18 36.03 50.06 -20.81
C THR L 18 36.94 49.99 -19.60
N ALA L 19 36.38 49.58 -18.47
CA ALA L 19 37.15 49.42 -17.24
C ALA L 19 37.80 48.04 -17.21
N ILE L 20 39.02 47.98 -16.70
CA ILE L 20 39.77 46.74 -16.55
C ILE L 20 40.35 46.70 -15.15
N ILE L 21 40.12 45.59 -14.44
CA ILE L 21 40.65 45.38 -13.09
C ILE L 21 41.35 44.03 -13.07
N SER L 22 42.62 44.03 -12.66
CA SER L 22 43.40 42.81 -12.56
C SER L 22 43.45 42.33 -11.11
N CYS L 23 43.28 41.02 -10.94
CA CYS L 23 43.38 40.38 -9.64
C CYS L 23 44.27 39.15 -9.75
N ARG L 24 45.18 39.01 -8.79
CA ARG L 24 46.22 37.98 -8.80
C ARG L 24 45.99 37.03 -7.64
N THR L 25 45.85 35.74 -7.94
CA THR L 25 45.78 34.68 -6.94
C THR L 25 47.10 33.92 -6.88
N SER L 26 47.19 33.00 -5.92
CA SER L 26 48.35 32.11 -5.83
C SER L 26 47.98 30.69 -5.41
N GLN L 27 46.70 30.32 -5.44
CA GLN L 27 46.28 28.96 -5.09
C GLN L 27 45.19 28.53 -6.07
N TYR L 28 44.97 27.22 -6.16
CA TYR L 28 44.17 26.65 -7.23
C TYR L 28 42.68 26.95 -7.12
N GLY L 29 42.22 27.54 -6.02
CA GLY L 29 40.80 27.82 -5.88
C GLY L 29 40.29 28.77 -6.95
N SER L 30 39.00 28.67 -7.21
CA SER L 30 38.35 29.50 -8.23
C SER L 30 36.90 29.78 -7.88
N LEU L 33 37.51 32.06 -10.56
CA LEU L 33 37.26 33.22 -9.72
C LEU L 33 35.80 33.64 -9.80
N ALA L 34 35.42 34.51 -8.88
CA ALA L 34 34.14 35.22 -8.91
C ALA L 34 34.39 36.66 -8.53
N TRP L 35 33.45 37.53 -8.91
CA TRP L 35 33.55 38.96 -8.63
C TRP L 35 32.22 39.47 -8.11
N TYR L 36 32.26 40.20 -7.00
CA TYR L 36 31.10 40.89 -6.48
C TYR L 36 31.10 42.35 -6.95
N GLN L 37 29.99 43.03 -6.66
CA GLN L 37 29.89 44.46 -6.83
C GLN L 37 28.70 44.93 -6.03
N GLN L 38 28.86 46.06 -5.35
CA GLN L 38 27.76 46.72 -4.67
C GLN L 38 27.76 48.20 -5.06
N ARG L 39 26.58 48.70 -5.39
CA ARG L 39 26.42 50.13 -5.55
C ARG L 39 26.57 50.78 -4.17
N PRO L 40 26.88 52.08 -4.10
CA PRO L 40 27.08 52.70 -2.78
C PRO L 40 25.85 52.61 -1.91
N GLY L 41 25.98 51.91 -0.78
CA GLY L 41 24.90 51.73 0.15
C GLY L 41 23.89 50.68 -0.23
N GLN L 42 24.21 49.79 -1.18
CA GLN L 42 23.29 48.78 -1.69
C GLN L 42 23.86 47.40 -1.42
N ALA L 43 23.00 46.40 -1.51
CA ALA L 43 23.43 45.03 -1.30
C ALA L 43 24.37 44.61 -2.45
N PRO L 44 25.42 43.83 -2.17
CA PRO L 44 26.27 43.35 -3.27
C PRO L 44 25.51 42.43 -4.22
N ARG L 45 26.11 42.27 -5.41
CA ARG L 45 25.60 41.41 -6.45
C ARG L 45 26.76 40.66 -7.09
N LEU L 46 26.57 39.38 -7.36
CA LEU L 46 27.55 38.64 -8.12
C LEU L 46 27.56 39.14 -9.56
N VAL L 47 28.76 39.25 -10.13
CA VAL L 47 28.93 39.82 -11.47
C VAL L 47 29.56 38.78 -12.39
N ILE L 48 30.80 38.37 -12.07
CA ILE L 48 31.51 37.35 -12.82
C ILE L 48 31.63 36.12 -11.93
N TYR L 49 31.56 34.95 -12.55
CA TYR L 49 31.63 33.68 -11.86
C TYR L 49 32.55 32.74 -12.62
N SER L 50 33.29 31.92 -11.88
CA SER L 50 34.17 30.91 -12.46
C SER L 50 35.23 31.54 -13.36
N GLY L 51 35.65 32.75 -13.04
CA GLY L 51 36.74 33.39 -13.75
C GLY L 51 36.34 34.19 -14.96
N SER L 52 35.39 33.70 -15.77
CA SER L 52 35.01 34.38 -17.01
C SER L 52 33.50 34.45 -17.22
N THR L 53 32.75 33.54 -16.62
CA THR L 53 31.32 33.45 -16.92
C THR L 53 30.55 34.57 -16.23
N ARG L 54 29.69 35.23 -17.00
CA ARG L 54 28.78 36.21 -16.43
C ARG L 54 27.74 35.52 -15.57
N ALA L 55 27.41 36.13 -14.43
CA ALA L 55 26.37 35.59 -13.57
C ALA L 55 25.00 35.94 -14.13
N ALA L 56 23.97 35.47 -13.43
CA ALA L 56 22.59 35.70 -13.86
C ALA L 56 22.26 37.18 -13.84
N GLY L 57 21.54 37.64 -14.86
CA GLY L 57 21.16 39.03 -14.96
C GLY L 57 22.30 39.99 -15.20
N ILE L 58 23.45 39.50 -15.63
CA ILE L 58 24.63 40.32 -15.87
C ILE L 58 24.83 40.43 -17.38
N PRO L 59 24.88 41.64 -17.96
CA PRO L 59 24.99 41.73 -19.41
C PRO L 59 26.37 41.32 -19.90
N ASP L 60 26.54 41.39 -21.23
CA ASP L 60 27.80 41.03 -21.85
C ASP L 60 28.91 42.06 -21.60
N ARG L 61 28.59 43.21 -21.01
CA ARG L 61 29.60 44.22 -20.70
C ARG L 61 30.74 43.64 -19.87
N PHE L 62 30.40 42.78 -18.91
CA PHE L 62 31.38 42.23 -17.99
C PHE L 62 31.96 40.95 -18.55
N SER L 63 33.28 40.80 -18.44
CA SER L 63 33.97 39.62 -18.93
C SER L 63 35.19 39.37 -18.06
N GLY L 64 35.71 38.14 -18.13
CA GLY L 64 36.78 37.73 -17.27
C GLY L 64 37.68 36.68 -17.91
N SER L 65 38.84 36.51 -17.29
CA SER L 65 39.91 35.62 -17.72
C SER L 65 40.96 35.72 -16.63
N ARG L 66 42.03 34.91 -16.68
CA ARG L 66 42.40 33.90 -17.68
C ARG L 66 42.98 32.71 -16.93
N TRP L 67 43.35 31.65 -17.64
CA TRP L 67 44.15 30.60 -17.01
C TRP L 67 45.48 31.18 -16.54
N GLY L 68 45.84 30.86 -15.30
CA GLY L 68 47.04 31.37 -14.68
C GLY L 68 46.76 31.97 -13.32
N PRO L 69 47.76 32.63 -12.73
CA PRO L 69 47.57 33.22 -11.40
C PRO L 69 46.94 34.60 -11.45
N ASP L 70 47.06 35.28 -12.59
CA ASP L 70 46.49 36.62 -12.77
C ASP L 70 45.20 36.52 -13.57
N TYR L 71 44.20 37.28 -13.13
CA TYR L 71 42.88 37.29 -13.75
C TYR L 71 42.49 38.73 -14.07
N ASN L 72 41.98 38.95 -15.29
CA ASN L 72 41.69 40.28 -15.80
C ASN L 72 40.18 40.45 -15.93
N LEU L 73 39.58 41.14 -14.96
CA LEU L 73 38.20 41.58 -15.10
C LEU L 73 38.15 42.73 -16.10
N THR L 74 37.08 42.76 -16.91
CA THR L 74 36.87 43.81 -17.88
C THR L 74 35.39 44.17 -17.92
N ILE L 75 35.11 45.47 -18.03
CA ILE L 75 33.74 45.99 -18.11
C ILE L 75 33.67 46.99 -19.25
N SER L 76 33.23 46.54 -20.42
CA SER L 76 33.10 47.40 -21.58
C SER L 76 31.83 48.24 -21.49
N ASN L 77 31.89 49.44 -22.06
CA ASN L 77 30.74 50.35 -22.12
C ASN L 77 30.25 50.68 -20.72
N LEU L 78 31.10 51.37 -19.96
CA LEU L 78 30.85 51.62 -18.54
C LEU L 78 29.56 52.42 -18.34
N GLU L 79 28.55 51.75 -17.81
CA GLU L 79 27.31 52.40 -17.40
C GLU L 79 27.49 53.01 -16.01
N SER L 80 26.96 54.22 -15.83
CA SER L 80 27.15 54.93 -14.56
C SER L 80 26.58 54.14 -13.39
N GLY L 81 25.53 53.35 -13.61
CA GLY L 81 25.02 52.47 -12.58
C GLY L 81 26.00 51.41 -12.13
N ASP L 82 27.03 51.12 -12.93
CA ASP L 82 28.07 50.17 -12.56
C ASP L 82 29.21 50.80 -11.77
N PHE L 83 29.13 52.10 -11.47
CA PHE L 83 30.09 52.68 -10.54
C PHE L 83 29.94 52.04 -9.17
N GLY L 84 30.92 52.32 -8.31
CA GLY L 84 30.98 51.76 -6.98
C GLY L 84 32.09 50.75 -6.84
N VAL L 85 32.03 49.99 -5.75
CA VAL L 85 33.11 49.11 -5.33
C VAL L 85 32.89 47.73 -5.92
N TYR L 86 33.98 47.11 -6.35
CA TYR L 86 34.02 45.74 -6.84
C TYR L 86 34.91 44.94 -5.91
N TYR L 87 34.76 43.62 -5.92
CA TYR L 87 35.57 42.74 -5.07
C TYR L 87 36.00 41.52 -5.86
N CYS L 88 37.30 41.23 -5.86
CA CYS L 88 37.80 39.98 -6.42
C CYS L 88 37.52 38.85 -5.44
N GLN L 89 37.27 37.65 -5.98
CA GLN L 89 36.78 36.57 -5.14
C GLN L 89 37.06 35.23 -5.79
N GLN L 90 37.28 34.21 -4.95
CA GLN L 90 37.24 32.82 -5.41
C GLN L 90 36.87 31.96 -4.20
N TYR L 91 35.58 31.61 -4.11
CA TYR L 91 35.01 30.75 -3.07
C TYR L 91 35.56 31.03 -1.68
N GLU L 92 36.78 30.54 -1.42
CA GLU L 92 37.38 30.67 -0.11
C GLU L 92 38.25 31.92 0.02
N PHE L 93 38.38 32.72 -1.04
CA PHE L 93 39.22 33.92 -1.00
C PHE L 93 38.38 35.13 -1.40
N PHE L 94 38.80 36.30 -0.92
CA PHE L 94 38.46 37.58 -1.54
C PHE L 94 39.59 38.57 -1.26
N GLY L 95 39.70 39.58 -2.10
CA GLY L 95 40.78 40.55 -2.02
C GLY L 95 40.43 41.77 -1.20
N GLN L 96 41.04 42.90 -1.57
CA GLN L 96 40.87 44.16 -0.84
C GLN L 96 39.74 45.02 -1.39
N GLY L 97 39.22 44.72 -2.58
CA GLY L 97 38.19 45.54 -3.17
C GLY L 97 38.76 46.74 -3.91
N THR L 98 38.07 47.16 -4.96
CA THR L 98 38.47 48.31 -5.75
C THR L 98 37.20 49.01 -6.22
N LYS L 99 37.32 50.29 -6.59
CA LYS L 99 36.16 51.11 -6.91
C LYS L 99 36.36 51.84 -8.24
N VAL L 100 35.25 52.08 -8.92
CA VAL L 100 35.22 52.78 -10.21
C VAL L 100 34.34 54.01 -10.05
N GLN L 101 34.81 55.15 -10.57
CA GLN L 101 34.12 56.42 -10.36
C GLN L 101 34.24 57.27 -11.63
N VAL L 102 33.56 58.42 -11.60
CA VAL L 102 33.55 59.32 -12.74
C VAL L 102 34.93 59.95 -12.91
N ASP L 103 35.33 60.16 -14.16
CA ASP L 103 36.56 60.87 -14.47
C ASP L 103 36.33 62.37 -14.44
#